data_2ICY
#
_entry.id   2ICY
#
_cell.length_a   188.008
_cell.length_b   59.712
_cell.length_c   89.762
_cell.angle_alpha   90.000
_cell.angle_beta   100.32
_cell.angle_gamma   90.000
#
_symmetry.space_group_name_H-M   'C 1 2 1'
#
loop_
_entity.id
_entity.type
_entity.pdbx_description
1 polymer 'Probable UTP-glucose-1-phosphate uridylyltransferase 2'
2 non-polymer 'DIMETHYL SULFOXIDE'
3 non-polymer "URIDINE-5'-DIPHOSPHATE-GLUCOSE"
4 non-polymer "URIDINE-5'-MONOPHOSPHATE"
5 water water
#
_entity_poly.entity_id   1
_entity_poly.type   'polypeptide(L)'
_entity_poly.pdbx_seq_one_letter_code
;SAATTENLPQLKSAVDGLTEMSESEKSGFISLVSRYLSGEAQHIEWSKIQTPTDEIVVPYEKMTPVSQDVAETKNLLDKL
VVLKLNGGLGTTMGCTGPKSVIEVRDGLTFLDLIVIQIENLNNKYGCKVPLVLMNSFNTHDDTHKIVEKYTNSNVDIHTF
NQSKYPRVVADEFVPWPSKGKTDKEGWYPPGHGDVFPALMNSGKLDTFLSQGKEYVFVANSDNLGAIVDLTILKHLIQNK
NEYCMEVTPKTLADVKGGTLISYEGKVQLLEIAQVPDEHVNEFKSIEKFKIFNTNNLWVNLKAIKKLVEADALKMEIIPN
PKEVDGVKVLQLETAAGAAIRFFDNAIGVNVPRSRFLPVKASSDLLLVQSDLYTLVDGFVTRNKARTNPSNPSIELGPEF
KKVATFLSRFKSIPSIVELDSLKVSGDVWFGSSIVLKGKVTVAAKSGVKLEIPDRAVVENKNINGPEDL
;
_entity_poly.pdbx_strand_id   A,B
#
loop_
_chem_comp.id
_chem_comp.type
_chem_comp.name
_chem_comp.formula
DMS non-polymer 'DIMETHYL SULFOXIDE' 'C2 H6 O S'
U5P non-polymer URIDINE-5'-MONOPHOSPHATE 'C9 H13 N2 O9 P'
UPG non-polymer URIDINE-5'-DIPHOSPHATE-GLUCOSE 'C15 H24 N2 O17 P2'
#
# COMPACT_ATOMS: atom_id res chain seq x y z
N THR A 5 9.50 11.86 -36.45
CA THR A 5 9.00 11.55 -37.82
C THR A 5 9.03 10.04 -38.07
N GLU A 6 8.59 9.58 -39.25
CA GLU A 6 8.54 8.15 -39.50
C GLU A 6 8.84 7.63 -40.90
N ASN A 7 9.67 8.30 -41.69
CA ASN A 7 9.97 7.75 -43.02
C ASN A 7 11.12 6.74 -42.92
N LEU A 8 10.77 5.46 -42.73
CA LEU A 8 11.76 4.39 -42.55
C LEU A 8 12.67 4.01 -43.71
N PRO A 9 12.11 3.78 -44.92
CA PRO A 9 13.01 3.42 -46.03
C PRO A 9 14.01 4.55 -46.29
N GLN A 10 13.56 5.77 -45.99
CA GLN A 10 14.34 7.01 -46.11
C GLN A 10 15.45 6.94 -45.06
N LEU A 11 15.12 6.42 -43.89
CA LEU A 11 16.11 6.32 -42.84
C LEU A 11 17.13 5.24 -43.17
N LYS A 12 16.66 4.12 -43.72
CA LYS A 12 17.60 3.06 -44.03
C LYS A 12 18.61 3.58 -45.03
N SER A 13 18.08 4.30 -46.02
CA SER A 13 18.91 4.85 -47.09
C SER A 13 20.05 5.68 -46.50
N ALA A 14 19.73 6.63 -45.62
CA ALA A 14 20.77 7.45 -45.01
C ALA A 14 21.76 6.59 -44.20
N VAL A 15 21.25 5.68 -43.37
CA VAL A 15 22.12 4.81 -42.59
C VAL A 15 23.19 4.12 -43.48
N ASP A 16 22.74 3.56 -44.59
CA ASP A 16 23.65 2.89 -45.52
C ASP A 16 24.54 3.99 -46.13
N GLY A 17 24.03 5.20 -46.15
CA GLY A 17 24.91 6.27 -46.60
C GLY A 17 26.09 6.47 -45.64
N LEU A 18 25.94 6.07 -44.37
CA LEU A 18 27.02 6.26 -43.40
C LEU A 18 28.03 5.11 -43.42
N THR A 19 29.02 5.28 -44.27
CA THR A 19 30.11 4.33 -44.55
C THR A 19 30.86 3.74 -43.35
N GLU A 20 31.00 4.52 -42.30
CA GLU A 20 31.74 4.00 -41.16
C GLU A 20 30.99 2.99 -40.33
N MET A 21 29.69 2.87 -40.51
CA MET A 21 28.97 1.85 -39.77
C MET A 21 29.18 0.49 -40.42
N SER A 22 29.69 -0.47 -39.64
CA SER A 22 29.88 -1.82 -40.19
C SER A 22 28.49 -2.35 -40.60
N GLU A 23 28.47 -3.41 -41.39
CA GLU A 23 27.22 -4.01 -41.82
C GLU A 23 26.36 -4.50 -40.67
N SER A 24 27.00 -5.11 -39.69
CA SER A 24 26.20 -5.62 -38.57
C SER A 24 25.60 -4.49 -37.77
N GLU A 25 26.29 -3.34 -37.71
CA GLU A 25 25.81 -2.19 -36.96
C GLU A 25 24.65 -1.58 -37.69
N LYS A 26 24.80 -1.40 -39.00
CA LYS A 26 23.69 -0.84 -39.79
C LYS A 26 22.40 -1.66 -39.59
N SER A 27 22.56 -2.98 -39.56
CA SER A 27 21.43 -3.90 -39.38
C SER A 27 20.76 -3.80 -38.04
N GLY A 28 21.58 -3.83 -36.99
CA GLY A 28 21.06 -3.77 -35.66
C GLY A 28 20.38 -2.44 -35.41
N PHE A 29 20.96 -1.40 -36.00
CA PHE A 29 20.37 -0.11 -35.80
C PHE A 29 19.01 -0.06 -36.49
N ILE A 30 18.94 -0.49 -37.73
CA ILE A 30 17.66 -0.45 -38.48
C ILE A 30 16.61 -1.29 -37.75
N SER A 31 17.02 -2.37 -37.11
CA SER A 31 16.04 -3.19 -36.40
C SER A 31 15.46 -2.45 -35.23
N LEU A 32 16.32 -1.70 -34.53
CA LEU A 32 15.87 -0.92 -33.39
C LEU A 32 14.91 0.16 -33.86
N VAL A 33 15.30 0.87 -34.92
CA VAL A 33 14.47 1.95 -35.43
C VAL A 33 13.11 1.38 -35.83
N SER A 34 13.15 0.30 -36.59
CA SER A 34 11.94 -0.39 -37.05
C SER A 34 10.99 -0.65 -35.90
N ARG A 35 11.48 -1.31 -34.87
CA ARG A 35 10.64 -1.63 -33.73
C ARG A 35 10.17 -0.39 -33.00
N TYR A 36 10.94 0.68 -33.07
CA TYR A 36 10.54 1.92 -32.39
C TYR A 36 9.35 2.50 -33.15
N LEU A 37 9.40 2.42 -34.48
CA LEU A 37 8.34 2.94 -35.33
C LEU A 37 7.35 1.84 -35.73
N ILE A 44 1.00 -0.95 -22.06
CA ILE A 44 1.31 -1.25 -20.67
C ILE A 44 0.05 -1.16 -19.82
N GLU A 45 -0.84 -2.13 -20.02
CA GLU A 45 -2.09 -2.17 -19.27
C GLU A 45 -1.80 -2.23 -17.77
N TRP A 46 -1.61 -1.05 -17.19
CA TRP A 46 -1.31 -0.91 -15.77
C TRP A 46 -2.35 -1.72 -14.97
N SER A 47 -3.52 -1.88 -15.57
CA SER A 47 -4.61 -2.65 -14.97
C SER A 47 -4.33 -4.15 -15.09
N LYS A 48 -3.05 -4.51 -15.18
CA LYS A 48 -2.64 -5.90 -15.31
C LYS A 48 -1.32 -6.20 -14.59
N ILE A 49 -0.56 -5.15 -14.27
CA ILE A 49 0.71 -5.33 -13.60
C ILE A 49 0.55 -6.20 -12.36
N GLN A 50 1.46 -7.16 -12.22
CA GLN A 50 1.44 -8.11 -11.11
C GLN A 50 2.79 -8.18 -10.43
N THR A 51 2.79 -8.78 -9.23
CA THR A 51 4.03 -8.99 -8.51
C THR A 51 4.47 -10.45 -8.79
N PRO A 52 5.75 -10.67 -9.07
CA PRO A 52 6.20 -12.06 -9.32
C PRO A 52 6.09 -12.94 -8.07
N THR A 53 5.79 -14.24 -8.25
CA THR A 53 5.76 -15.16 -7.12
C THR A 53 7.19 -15.46 -6.60
N ASP A 54 7.31 -16.08 -5.41
CA ASP A 54 8.63 -16.42 -4.85
C ASP A 54 9.28 -17.57 -5.63
N GLU A 55 8.50 -18.28 -6.46
CA GLU A 55 9.08 -19.37 -7.26
C GLU A 55 9.88 -18.79 -8.43
N ILE A 56 9.47 -17.62 -8.88
CA ILE A 56 10.16 -17.00 -10.01
C ILE A 56 11.27 -16.11 -9.49
N VAL A 57 11.06 -15.44 -8.36
CA VAL A 57 12.10 -14.62 -7.73
C VAL A 57 12.43 -15.33 -6.42
N VAL A 58 13.51 -16.12 -6.49
CA VAL A 58 13.99 -16.94 -5.39
C VAL A 58 14.76 -16.25 -4.29
N PRO A 59 14.42 -16.51 -3.01
CA PRO A 59 15.20 -15.85 -1.96
C PRO A 59 16.63 -16.46 -1.93
N TYR A 60 17.66 -15.62 -1.89
CA TYR A 60 19.01 -16.15 -1.87
C TYR A 60 19.29 -17.10 -0.70
N GLU A 61 18.69 -16.82 0.47
CA GLU A 61 18.91 -17.64 1.69
C GLU A 61 18.41 -19.07 1.54
N LYS A 62 17.51 -19.29 0.58
CA LYS A 62 16.97 -20.63 0.35
C LYS A 62 17.86 -21.46 -0.60
N MET A 63 18.89 -20.86 -1.18
CA MET A 63 19.72 -21.62 -2.11
C MET A 63 20.77 -22.46 -1.40
N THR A 64 21.06 -23.64 -1.94
CA THR A 64 22.09 -24.55 -1.34
C THR A 64 23.53 -24.17 -1.67
N PRO A 65 24.39 -23.96 -0.66
CA PRO A 65 25.79 -23.60 -0.92
C PRO A 65 26.57 -24.83 -1.44
N VAL A 66 27.73 -24.59 -2.10
CA VAL A 66 28.60 -25.67 -2.59
C VAL A 66 29.18 -26.56 -1.47
N SER A 67 29.63 -27.74 -1.86
CA SER A 67 30.18 -28.66 -0.87
C SER A 67 31.56 -28.20 -0.44
N GLN A 68 32.09 -28.93 0.54
CA GLN A 68 33.42 -28.67 1.07
C GLN A 68 34.50 -29.17 0.10
N ASP A 69 34.13 -30.02 -0.85
CA ASP A 69 35.10 -30.50 -1.82
C ASP A 69 35.41 -29.42 -2.88
N VAL A 70 36.66 -28.93 -2.93
CA VAL A 70 37.00 -27.89 -3.92
C VAL A 70 36.70 -28.30 -5.37
N ALA A 71 36.71 -29.59 -5.67
CA ALA A 71 36.38 -30.10 -6.98
C ALA A 71 35.07 -29.49 -7.54
N GLU A 72 34.03 -29.41 -6.72
CA GLU A 72 32.75 -28.80 -7.18
C GLU A 72 32.94 -27.33 -7.53
N THR A 73 33.72 -26.63 -6.71
CA THR A 73 33.99 -25.20 -6.97
C THR A 73 34.75 -25.07 -8.30
N LYS A 74 35.79 -25.86 -8.51
CA LYS A 74 36.55 -25.76 -9.74
C LYS A 74 35.68 -26.07 -10.92
N ASN A 75 34.84 -27.09 -10.81
CA ASN A 75 34.01 -27.41 -11.96
C ASN A 75 33.10 -26.31 -12.35
N LEU A 76 32.57 -25.58 -11.36
CA LEU A 76 31.65 -24.46 -11.64
C LEU A 76 32.45 -23.27 -12.22
N LEU A 77 33.56 -22.92 -11.58
CA LEU A 77 34.39 -21.80 -12.06
C LEU A 77 34.97 -22.00 -13.46
N ASP A 78 35.19 -23.25 -13.83
CA ASP A 78 35.74 -23.57 -15.14
C ASP A 78 34.76 -23.23 -16.24
N LYS A 79 33.49 -22.99 -15.89
CA LYS A 79 32.47 -22.71 -16.89
C LYS A 79 32.10 -21.23 -16.91
N LEU A 80 32.74 -20.45 -16.11
CA LEU A 80 32.37 -19.06 -15.98
C LEU A 80 33.22 -18.02 -16.71
N VAL A 81 32.58 -16.96 -17.18
CA VAL A 81 33.26 -15.80 -17.78
C VAL A 81 32.64 -14.64 -16.99
N VAL A 82 33.45 -13.71 -16.57
CA VAL A 82 32.93 -12.54 -15.84
C VAL A 82 32.99 -11.35 -16.83
N LEU A 83 31.94 -10.54 -16.88
CA LEU A 83 31.93 -9.40 -17.81
C LEU A 83 31.43 -8.17 -17.07
N LYS A 84 32.03 -7.01 -17.34
CA LYS A 84 31.63 -5.71 -16.72
C LYS A 84 31.15 -4.63 -17.76
N LEU A 85 30.28 -3.63 -17.34
CA LEU A 85 29.73 -2.51 -18.22
C LEU A 85 30.64 -1.28 -18.08
N ASN A 86 31.35 -0.93 -19.15
CA ASN A 86 32.39 0.12 -19.05
C ASN A 86 32.30 1.19 -20.12
N GLY A 87 31.07 1.45 -20.53
CA GLY A 87 30.90 2.37 -21.65
C GLY A 87 30.86 3.82 -21.27
N GLY A 88 30.85 4.09 -19.97
CA GLY A 88 30.73 5.44 -19.46
C GLY A 88 31.96 6.18 -18.97
N LEU A 89 31.83 7.51 -19.02
CA LEU A 89 32.93 8.36 -18.64
C LEU A 89 32.83 8.90 -17.23
N GLY A 90 33.94 9.48 -16.78
CA GLY A 90 33.96 10.07 -15.43
C GLY A 90 33.51 11.52 -15.36
N THR A 91 32.95 12.02 -16.46
CA THR A 91 32.50 13.40 -16.57
C THR A 91 31.59 13.92 -15.43
N THR A 92 30.61 13.11 -15.02
CA THR A 92 29.71 13.53 -13.94
C THR A 92 30.51 13.94 -12.70
N MET A 93 31.58 13.19 -12.42
CA MET A 93 32.42 13.44 -11.27
C MET A 93 33.68 14.23 -11.57
N GLY A 94 33.60 15.07 -12.61
CA GLY A 94 34.71 15.92 -12.99
C GLY A 94 36.01 15.20 -13.31
N CYS A 95 35.92 14.01 -13.88
CA CYS A 95 37.14 13.25 -14.20
C CYS A 95 37.13 12.89 -15.66
N THR A 96 38.31 12.91 -16.25
CA THR A 96 38.49 12.54 -17.66
C THR A 96 38.72 11.02 -17.67
N GLY A 97 38.47 10.39 -18.81
CA GLY A 97 38.68 8.96 -18.87
C GLY A 97 37.44 8.19 -18.44
N PRO A 98 37.51 6.88 -18.57
CA PRO A 98 36.45 5.95 -18.21
C PRO A 98 36.11 6.12 -16.71
N LYS A 99 34.85 6.01 -16.34
CA LYS A 99 34.47 6.13 -14.93
C LYS A 99 35.18 5.02 -14.08
N SER A 100 35.44 3.85 -14.68
CA SER A 100 36.06 2.75 -13.95
C SER A 100 37.48 3.05 -13.56
N VAL A 101 38.07 4.11 -14.08
CA VAL A 101 39.45 4.35 -13.72
C VAL A 101 39.60 5.45 -12.69
N ILE A 102 38.47 5.82 -12.07
CA ILE A 102 38.52 6.80 -10.97
C ILE A 102 39.00 5.99 -9.72
N GLU A 103 39.84 6.59 -8.88
CA GLU A 103 40.27 5.89 -7.68
C GLU A 103 39.17 5.95 -6.65
N VAL A 104 38.76 4.78 -6.14
CA VAL A 104 37.66 4.78 -5.18
C VAL A 104 38.19 4.59 -3.78
N ARG A 105 38.96 3.52 -3.55
CA ARG A 105 39.46 3.31 -2.20
C ARG A 105 40.94 2.99 -2.19
N ASP A 106 41.67 3.73 -1.34
CA ASP A 106 43.11 3.59 -1.15
C ASP A 106 43.94 3.74 -2.42
N GLY A 107 43.54 4.67 -3.27
CA GLY A 107 44.25 4.91 -4.52
C GLY A 107 44.04 3.82 -5.56
N LEU A 108 43.14 2.86 -5.25
CA LEU A 108 42.79 1.74 -6.15
C LEU A 108 41.55 2.13 -6.94
N THR A 109 41.58 1.90 -8.26
CA THR A 109 40.42 2.29 -9.05
C THR A 109 39.31 1.20 -9.02
N PHE A 110 38.16 1.48 -9.61
CA PHE A 110 37.10 0.48 -9.68
C PHE A 110 37.63 -0.77 -10.41
N LEU A 111 38.38 -0.57 -11.48
CA LEU A 111 38.93 -1.69 -12.25
C LEU A 111 39.99 -2.44 -11.43
N ASP A 112 40.89 -1.71 -10.79
CA ASP A 112 41.89 -2.35 -9.97
C ASP A 112 41.23 -3.26 -8.91
N LEU A 113 40.12 -2.83 -8.31
CA LEU A 113 39.48 -3.64 -7.28
C LEU A 113 38.83 -4.85 -7.90
N ILE A 114 38.20 -4.66 -9.06
CA ILE A 114 37.57 -5.78 -9.71
C ILE A 114 38.65 -6.80 -10.15
N VAL A 115 39.81 -6.33 -10.68
CA VAL A 115 40.90 -7.21 -11.07
C VAL A 115 41.42 -7.96 -9.85
N ILE A 116 41.70 -7.25 -8.75
CA ILE A 116 42.18 -7.92 -7.52
C ILE A 116 41.19 -9.04 -7.11
N GLN A 117 39.89 -8.74 -7.11
CA GLN A 117 38.90 -9.69 -6.72
C GLN A 117 38.99 -10.94 -7.57
N ILE A 118 39.13 -10.80 -8.89
CA ILE A 118 39.16 -11.98 -9.71
C ILE A 118 40.50 -12.69 -9.54
N GLU A 119 41.55 -11.91 -9.40
CA GLU A 119 42.89 -12.50 -9.18
C GLU A 119 42.84 -13.40 -7.94
N ASN A 120 42.17 -12.92 -6.89
CA ASN A 120 42.02 -13.66 -5.64
C ASN A 120 41.22 -14.95 -5.83
N LEU A 121 40.31 -14.93 -6.80
CA LEU A 121 39.55 -16.09 -7.16
C LEU A 121 40.49 -17.04 -7.92
N ASN A 122 41.24 -16.53 -8.91
CA ASN A 122 42.11 -17.38 -9.72
C ASN A 122 43.31 -17.93 -8.92
N ASN A 123 43.91 -17.11 -8.10
CA ASN A 123 45.03 -17.61 -7.27
C ASN A 123 44.44 -18.56 -6.22
N LYS A 124 43.22 -18.26 -5.71
CA LYS A 124 42.62 -19.11 -4.67
C LYS A 124 42.27 -20.55 -5.12
N TYR A 125 41.62 -20.65 -6.27
CA TYR A 125 41.19 -21.95 -6.73
C TYR A 125 41.94 -22.56 -7.87
N GLY A 126 42.96 -21.86 -8.38
CA GLY A 126 43.75 -22.38 -9.49
C GLY A 126 42.99 -22.39 -10.79
N CYS A 127 41.94 -21.59 -10.80
CA CYS A 127 41.09 -21.45 -11.95
C CYS A 127 41.68 -20.31 -12.78
N LYS A 128 41.09 -20.12 -13.91
CA LYS A 128 41.54 -19.07 -14.83
C LYS A 128 40.27 -18.47 -15.42
N VAL A 129 39.48 -17.88 -14.54
CA VAL A 129 38.22 -17.26 -14.94
C VAL A 129 38.64 -16.02 -15.72
N PRO A 130 38.15 -15.88 -16.94
CA PRO A 130 38.55 -14.67 -17.69
C PRO A 130 37.61 -13.50 -17.36
N LEU A 131 38.13 -12.27 -17.47
CA LEU A 131 37.39 -11.02 -17.26
C LEU A 131 37.17 -10.40 -18.65
N VAL A 132 35.92 -9.98 -18.95
CA VAL A 132 35.66 -9.32 -20.23
C VAL A 132 35.14 -7.91 -19.93
N LEU A 133 35.70 -6.86 -20.55
CA LEU A 133 35.23 -5.48 -20.42
C LEU A 133 34.53 -5.10 -21.73
N MET A 134 33.25 -4.75 -21.64
CA MET A 134 32.53 -4.20 -22.81
C MET A 134 32.66 -2.68 -22.64
N ASN A 135 33.41 -1.97 -23.51
CA ASN A 135 33.55 -0.48 -23.42
C ASN A 135 32.73 0.23 -24.56
N SER A 136 32.80 1.56 -24.64
CA SER A 136 32.19 2.34 -25.78
C SER A 136 33.28 3.13 -26.47
N PHE A 137 32.93 3.76 -27.61
CA PHE A 137 33.93 4.55 -28.29
C PHE A 137 34.35 5.67 -27.32
N ASN A 138 33.48 5.98 -26.36
CA ASN A 138 33.81 7.04 -25.42
C ASN A 138 34.70 6.45 -24.35
N THR A 139 35.17 5.18 -24.47
CA THR A 139 36.07 4.67 -23.43
C THR A 139 37.07 3.65 -23.91
N HIS A 140 37.00 3.28 -25.18
CA HIS A 140 37.85 2.20 -25.67
C HIS A 140 39.37 2.42 -25.63
N ASP A 141 39.84 3.43 -26.31
CA ASP A 141 41.27 3.62 -26.34
C ASP A 141 41.93 3.85 -25.00
N ASP A 142 41.28 4.57 -24.10
CA ASP A 142 41.78 4.84 -22.75
C ASP A 142 41.78 3.54 -21.99
N THR A 143 40.69 2.80 -22.15
CA THR A 143 40.65 1.49 -21.46
C THR A 143 41.76 0.60 -21.98
N HIS A 144 41.96 0.58 -23.30
CA HIS A 144 42.97 -0.23 -23.94
C HIS A 144 44.35 0.07 -23.35
N LYS A 145 44.60 1.35 -23.09
CA LYS A 145 45.88 1.78 -22.52
C LYS A 145 46.06 1.33 -21.08
N ILE A 146 45.01 1.49 -20.30
CA ILE A 146 45.05 1.12 -18.89
C ILE A 146 45.17 -0.37 -18.68
N VAL A 147 44.40 -1.17 -19.41
CA VAL A 147 44.41 -2.62 -19.21
C VAL A 147 45.80 -3.30 -19.33
N GLU A 148 46.68 -2.68 -20.12
CA GLU A 148 48.00 -3.26 -20.28
C GLU A 148 48.70 -3.38 -18.92
N LYS A 149 48.33 -2.56 -17.94
CA LYS A 149 49.00 -2.66 -16.64
C LYS A 149 48.85 -4.02 -15.96
N TYR A 150 47.80 -4.74 -16.33
CA TYR A 150 47.49 -6.04 -15.81
C TYR A 150 48.06 -7.16 -16.69
N THR A 151 49.05 -6.81 -17.53
CA THR A 151 49.55 -7.82 -18.46
C THR A 151 50.04 -9.12 -17.83
N ASN A 152 50.69 -9.04 -16.65
CA ASN A 152 51.22 -10.24 -16.01
C ASN A 152 50.37 -10.76 -14.83
N SER A 153 49.15 -10.20 -14.67
CA SER A 153 48.19 -10.60 -13.63
C SER A 153 47.65 -12.00 -13.95
N ASN A 154 47.25 -12.74 -12.92
CA ASN A 154 46.70 -14.05 -13.18
C ASN A 154 45.24 -13.98 -13.62
N VAL A 155 45.00 -13.28 -14.71
CA VAL A 155 43.64 -13.22 -15.22
C VAL A 155 43.76 -12.72 -16.64
N ASP A 156 43.02 -13.33 -17.53
CA ASP A 156 43.02 -12.92 -18.92
C ASP A 156 41.97 -11.89 -19.09
N ILE A 157 42.40 -10.69 -19.48
CA ILE A 157 41.47 -9.60 -19.64
C ILE A 157 41.16 -9.44 -21.13
N HIS A 158 39.87 -9.60 -21.45
CA HIS A 158 39.36 -9.44 -22.80
C HIS A 158 38.59 -8.14 -22.90
N THR A 159 38.64 -7.48 -24.07
CA THR A 159 37.82 -6.27 -24.20
C THR A 159 37.15 -6.37 -25.55
N PHE A 160 36.12 -5.59 -25.74
CA PHE A 160 35.52 -5.46 -27.07
C PHE A 160 34.66 -4.23 -27.00
N ASN A 161 34.31 -3.70 -28.17
CA ASN A 161 33.50 -2.48 -28.25
C ASN A 161 32.12 -2.84 -28.63
N GLN A 162 31.18 -2.26 -27.92
CA GLN A 162 29.81 -2.50 -28.29
C GLN A 162 29.46 -1.60 -29.51
N SER A 163 28.33 -1.94 -30.13
CA SER A 163 27.87 -1.23 -31.31
C SER A 163 27.97 0.29 -31.19
N LYS A 164 28.23 0.94 -32.33
CA LYS A 164 28.28 2.39 -32.40
C LYS A 164 27.17 2.77 -33.38
N TYR A 165 26.14 3.48 -32.89
CA TYR A 165 24.98 3.88 -33.70
C TYR A 165 24.87 5.37 -33.83
N PRO A 166 24.22 5.81 -34.90
CA PRO A 166 24.05 7.25 -35.09
C PRO A 166 22.94 7.84 -34.23
N ARG A 167 23.26 8.93 -33.53
CA ARG A 167 22.20 9.66 -32.84
C ARG A 167 21.26 10.12 -33.98
N VAL A 168 19.98 10.21 -33.66
CA VAL A 168 18.97 10.64 -34.68
C VAL A 168 18.41 12.00 -34.34
N VAL A 169 18.46 12.95 -35.29
CA VAL A 169 17.93 14.28 -35.03
C VAL A 169 16.39 14.05 -34.94
N ALA A 170 15.80 14.41 -33.82
CA ALA A 170 14.38 14.12 -33.61
C ALA A 170 13.39 14.83 -34.50
N ASP A 171 13.61 16.12 -34.75
CA ASP A 171 12.65 16.86 -35.57
C ASP A 171 12.50 16.21 -36.95
N GLU A 172 13.59 16.10 -37.73
CA GLU A 172 13.48 15.50 -39.06
C GLU A 172 13.67 14.00 -39.18
N PHE A 173 14.12 13.37 -38.10
CA PHE A 173 14.35 11.93 -38.06
C PHE A 173 15.36 11.36 -39.05
N VAL A 174 16.55 11.95 -39.07
CA VAL A 174 17.58 11.39 -39.91
C VAL A 174 18.80 11.26 -39.01
N PRO A 175 19.75 10.42 -39.40
CA PRO A 175 20.97 10.23 -38.60
C PRO A 175 21.69 11.56 -38.56
N TRP A 176 22.15 11.98 -37.38
CA TRP A 176 22.88 13.24 -37.26
C TRP A 176 24.16 13.21 -38.16
N PRO A 177 24.86 12.03 -38.27
CA PRO A 177 26.04 12.01 -39.13
C PRO A 177 25.72 12.35 -40.58
N SER A 178 24.49 12.08 -40.97
CA SER A 178 24.09 12.37 -42.38
C SER A 178 24.07 13.86 -42.70
N LYS A 179 23.87 14.69 -41.66
CA LYS A 179 23.89 16.15 -41.80
C LYS A 179 25.35 16.62 -41.72
N GLY A 180 26.21 15.65 -41.44
CA GLY A 180 27.63 15.94 -41.43
C GLY A 180 28.25 15.88 -40.05
N LYS A 181 27.48 15.47 -39.03
CA LYS A 181 28.00 15.37 -37.63
C LYS A 181 28.61 13.98 -37.56
N THR A 182 29.79 13.87 -38.15
CA THR A 182 30.47 12.58 -38.16
C THR A 182 31.52 12.35 -37.07
N ASP A 183 31.91 13.39 -36.34
CA ASP A 183 32.88 13.18 -35.23
C ASP A 183 32.17 12.46 -34.05
N LYS A 184 32.84 12.28 -32.90
CA LYS A 184 32.27 11.50 -31.76
C LYS A 184 30.85 11.81 -31.21
N GLU A 185 30.49 13.09 -31.15
CA GLU A 185 29.21 13.50 -30.61
C GLU A 185 28.08 13.12 -31.57
N GLY A 186 28.42 12.70 -32.79
CA GLY A 186 27.39 12.25 -33.72
C GLY A 186 26.86 10.86 -33.46
N TRP A 187 27.48 10.11 -32.57
CA TRP A 187 27.08 8.71 -32.38
C TRP A 187 26.86 8.40 -30.89
N TYR A 188 26.40 7.17 -30.61
CA TYR A 188 26.19 6.71 -29.21
C TYR A 188 26.17 5.20 -29.11
N PRO A 189 26.48 4.64 -27.90
CA PRO A 189 26.44 3.17 -27.69
C PRO A 189 24.98 2.88 -27.32
N PRO A 190 24.35 1.88 -27.96
CA PRO A 190 22.95 1.60 -27.70
C PRO A 190 22.50 0.89 -26.46
N GLY A 191 23.03 1.31 -25.34
CA GLY A 191 22.57 0.70 -24.11
C GLY A 191 23.26 -0.62 -23.74
N HIS A 192 23.14 -1.04 -22.48
CA HIS A 192 23.80 -2.28 -22.11
C HIS A 192 23.05 -3.48 -22.66
N GLY A 193 21.83 -3.30 -23.14
CA GLY A 193 21.16 -4.46 -23.73
C GLY A 193 21.94 -4.91 -24.96
N ASP A 194 22.77 -4.04 -25.50
CA ASP A 194 23.58 -4.34 -26.64
C ASP A 194 24.67 -5.39 -26.26
N VAL A 195 24.80 -5.70 -24.98
CA VAL A 195 25.82 -6.67 -24.65
C VAL A 195 25.56 -8.00 -25.36
N PHE A 196 24.30 -8.34 -25.57
CA PHE A 196 24.11 -9.64 -26.16
C PHE A 196 24.54 -9.74 -27.59
N PRO A 197 24.09 -8.82 -28.45
CA PRO A 197 24.54 -8.93 -29.84
C PRO A 197 26.04 -8.54 -29.92
N ALA A 198 26.48 -7.56 -29.14
CA ALA A 198 27.90 -7.23 -29.23
C ALA A 198 28.82 -8.38 -28.80
N LEU A 199 28.44 -9.20 -27.78
CA LEU A 199 29.27 -10.35 -27.41
C LEU A 199 29.36 -11.28 -28.65
N MET A 200 28.28 -11.37 -29.40
CA MET A 200 28.33 -12.19 -30.61
C MET A 200 29.21 -11.47 -31.64
N ASN A 201 28.91 -10.21 -31.95
CA ASN A 201 29.70 -9.50 -32.96
C ASN A 201 31.21 -9.49 -32.63
N SER A 202 31.53 -9.54 -31.35
CA SER A 202 32.94 -9.50 -30.98
C SER A 202 33.62 -10.89 -31.11
N GLY A 203 32.81 -11.95 -31.13
CA GLY A 203 33.35 -13.29 -31.24
C GLY A 203 33.83 -13.89 -29.91
N LYS A 204 33.81 -13.07 -28.85
CA LYS A 204 34.23 -13.55 -27.54
C LYS A 204 33.34 -14.70 -27.10
N LEU A 205 32.04 -14.56 -27.32
CA LEU A 205 31.10 -15.61 -26.92
C LEU A 205 31.52 -16.92 -27.57
N ASP A 206 31.77 -16.87 -28.86
CA ASP A 206 32.21 -18.09 -29.52
C ASP A 206 33.62 -18.47 -29.06
N THR A 207 34.43 -17.50 -28.63
CA THR A 207 35.78 -17.81 -28.15
C THR A 207 35.68 -18.46 -26.75
N PHE A 208 34.64 -18.12 -26.00
CA PHE A 208 34.49 -18.74 -24.68
C PHE A 208 33.78 -20.08 -24.81
N LEU A 209 32.79 -20.16 -25.69
CA LEU A 209 32.10 -21.42 -25.86
C LEU A 209 33.10 -22.51 -26.31
N SER A 210 34.12 -22.12 -27.07
CA SER A 210 35.10 -23.11 -27.52
C SER A 210 35.99 -23.60 -26.37
N GLN A 211 35.86 -22.96 -25.22
CA GLN A 211 36.61 -23.29 -24.02
C GLN A 211 35.77 -23.93 -22.92
N GLY A 212 34.47 -23.67 -22.95
CA GLY A 212 33.61 -24.28 -21.95
C GLY A 212 32.83 -23.38 -21.01
N LYS A 213 32.77 -22.07 -21.29
CA LYS A 213 32.03 -21.22 -20.38
C LYS A 213 30.51 -21.35 -20.65
N GLU A 214 29.71 -21.14 -19.62
CA GLU A 214 28.25 -21.28 -19.73
C GLU A 214 27.45 -20.05 -19.26
N TYR A 215 28.04 -19.22 -18.43
CA TYR A 215 27.30 -18.06 -17.92
C TYR A 215 28.13 -16.80 -17.83
N VAL A 216 27.48 -15.64 -18.00
CA VAL A 216 28.18 -14.38 -17.80
C VAL A 216 27.48 -13.64 -16.65
N PHE A 217 28.28 -13.10 -15.73
CA PHE A 217 27.81 -12.27 -14.62
C PHE A 217 28.10 -10.84 -15.05
N VAL A 218 27.04 -10.10 -15.32
CA VAL A 218 27.11 -8.72 -15.80
C VAL A 218 26.83 -7.70 -14.68
N ALA A 219 27.63 -6.64 -14.59
CA ALA A 219 27.34 -5.62 -13.60
C ALA A 219 27.85 -4.24 -14.01
N ASN A 220 27.35 -3.21 -13.34
CA ASN A 220 27.75 -1.85 -13.62
C ASN A 220 29.17 -1.78 -13.09
N SER A 221 30.01 -1.04 -13.80
CA SER A 221 31.39 -0.99 -13.33
C SER A 221 31.53 -0.21 -12.04
N ASP A 222 30.54 0.57 -11.69
CA ASP A 222 30.68 1.38 -10.49
C ASP A 222 29.83 0.89 -9.32
N ASN A 223 29.44 -0.36 -9.36
CA ASN A 223 28.68 -0.92 -8.25
C ASN A 223 29.68 -1.76 -7.46
N LEU A 224 30.20 -1.24 -6.34
CA LEU A 224 31.15 -1.97 -5.50
C LEU A 224 30.60 -3.24 -4.83
N GLY A 225 29.28 -3.41 -4.87
CA GLY A 225 28.71 -4.56 -4.20
C GLY A 225 28.55 -5.75 -5.09
N ALA A 226 28.84 -5.54 -6.38
CA ALA A 226 28.71 -6.59 -7.36
C ALA A 226 29.88 -7.53 -7.40
N ILE A 227 29.92 -8.46 -6.43
CA ILE A 227 31.00 -9.44 -6.43
C ILE A 227 30.44 -10.81 -6.80
N VAL A 228 31.30 -11.71 -7.30
CA VAL A 228 30.84 -13.03 -7.67
C VAL A 228 30.15 -13.72 -6.52
N ASP A 229 28.93 -14.21 -6.75
CA ASP A 229 28.23 -14.91 -5.67
C ASP A 229 27.94 -16.32 -6.14
N LEU A 230 28.63 -17.30 -5.51
CA LEU A 230 28.49 -18.71 -5.82
C LEU A 230 27.12 -19.31 -5.51
N THR A 231 26.44 -18.82 -4.48
CA THR A 231 25.10 -19.33 -4.19
C THR A 231 24.19 -19.09 -5.40
N ILE A 232 24.28 -17.90 -5.98
CA ILE A 232 23.47 -17.56 -7.15
C ILE A 232 23.88 -18.36 -8.37
N LEU A 233 25.19 -18.43 -8.67
CA LEU A 233 25.63 -19.18 -9.85
C LEU A 233 25.15 -20.64 -9.73
N LYS A 234 25.31 -21.24 -8.55
CA LYS A 234 24.87 -22.63 -8.29
C LYS A 234 23.38 -22.79 -8.63
N HIS A 235 22.59 -21.83 -8.19
CA HIS A 235 21.16 -21.91 -8.41
C HIS A 235 20.74 -21.97 -9.86
N LEU A 236 21.48 -21.29 -10.73
CA LEU A 236 21.11 -21.23 -12.13
C LEU A 236 21.44 -22.52 -12.80
N ILE A 237 22.56 -23.11 -12.40
CA ILE A 237 23.03 -24.35 -12.97
C ILE A 237 22.03 -25.47 -12.66
N GLN A 238 21.80 -25.69 -11.36
CA GLN A 238 20.87 -26.72 -10.91
C GLN A 238 19.43 -26.51 -11.37
N ASN A 239 19.00 -25.29 -11.56
CA ASN A 239 17.61 -25.07 -11.93
C ASN A 239 17.38 -24.63 -13.36
N LYS A 240 18.46 -24.61 -14.13
CA LYS A 240 18.40 -24.17 -15.53
C LYS A 240 17.74 -22.82 -15.75
N ASN A 241 18.10 -21.83 -14.92
CA ASN A 241 17.58 -20.49 -15.10
C ASN A 241 18.50 -19.86 -16.14
N GLU A 242 17.93 -19.46 -17.27
CA GLU A 242 18.75 -18.88 -18.34
C GLU A 242 19.04 -17.40 -18.07
N TYR A 243 18.32 -16.83 -17.12
CA TYR A 243 18.52 -15.40 -16.77
C TYR A 243 18.11 -15.15 -15.30
N CYS A 244 18.97 -14.45 -14.57
CA CYS A 244 18.66 -14.10 -13.20
C CYS A 244 19.04 -12.64 -12.96
N MET A 245 18.09 -11.85 -12.56
CA MET A 245 18.33 -10.44 -12.26
C MET A 245 18.31 -10.22 -10.77
N GLU A 246 19.41 -9.67 -10.21
CA GLU A 246 19.43 -9.39 -8.79
C GLU A 246 18.68 -8.11 -8.57
N VAL A 247 17.64 -8.18 -7.74
CA VAL A 247 16.89 -7.01 -7.35
C VAL A 247 17.13 -6.83 -5.84
N THR A 248 16.85 -5.62 -5.35
CA THR A 248 17.01 -5.29 -3.93
C THR A 248 15.77 -4.52 -3.49
N PRO A 249 15.42 -4.55 -2.19
CA PRO A 249 14.22 -3.80 -1.75
C PRO A 249 14.32 -2.35 -2.18
N LYS A 250 13.28 -1.80 -2.80
CA LYS A 250 13.29 -0.42 -3.25
C LYS A 250 13.24 0.53 -2.06
N THR A 251 14.10 1.55 -2.07
CA THR A 251 14.15 2.53 -0.97
C THR A 251 13.83 3.92 -1.52
N LEU A 252 13.73 4.89 -0.63
CA LEU A 252 13.41 6.25 -1.08
C LEU A 252 14.46 6.76 -2.06
N ALA A 253 15.68 6.24 -1.92
CA ALA A 253 16.80 6.62 -2.76
C ALA A 253 16.70 6.10 -4.19
N ASP A 254 15.86 5.08 -4.38
CA ASP A 254 15.70 4.48 -5.69
C ASP A 254 14.60 5.12 -6.50
N VAL A 255 14.94 6.25 -7.13
CA VAL A 255 13.96 6.96 -7.94
C VAL A 255 14.15 6.58 -9.40
N LYS A 256 15.33 6.88 -9.92
CA LYS A 256 15.72 6.58 -11.31
C LYS A 256 16.24 5.15 -11.53
N GLY A 257 15.40 4.28 -12.09
CA GLY A 257 15.78 2.90 -12.33
C GLY A 257 14.60 2.03 -12.74
N GLY A 258 14.73 0.71 -12.59
CA GLY A 258 13.63 -0.16 -12.96
C GLY A 258 13.20 -1.15 -11.90
N THR A 259 11.99 -1.71 -12.04
CA THR A 259 11.51 -2.69 -11.07
C THR A 259 11.21 -3.93 -11.89
N LEU A 260 11.05 -5.06 -11.20
CA LEU A 260 10.79 -6.30 -11.91
C LEU A 260 9.31 -6.51 -11.71
N ILE A 261 8.60 -6.88 -12.75
CA ILE A 261 7.18 -7.07 -12.59
C ILE A 261 6.78 -8.34 -13.33
N SER A 262 5.55 -8.79 -13.09
CA SER A 262 5.04 -9.90 -13.83
C SER A 262 4.06 -9.17 -14.72
N TYR A 263 4.00 -9.59 -15.97
CA TYR A 263 3.13 -8.98 -16.93
C TYR A 263 2.88 -10.04 -17.97
N GLU A 264 1.62 -10.31 -18.27
CA GLU A 264 1.29 -11.35 -19.21
C GLU A 264 1.86 -12.70 -18.74
N GLY A 265 1.94 -12.86 -17.43
CA GLY A 265 2.40 -14.13 -16.89
C GLY A 265 3.90 -14.42 -16.94
N LYS A 266 4.72 -13.39 -17.17
CA LYS A 266 6.16 -13.62 -17.20
C LYS A 266 6.79 -12.45 -16.42
N VAL A 267 8.03 -12.59 -15.98
CA VAL A 267 8.60 -11.48 -15.20
C VAL A 267 9.30 -10.52 -16.21
N GLN A 268 9.17 -9.21 -16.01
CA GLN A 268 9.77 -8.25 -16.95
C GLN A 268 10.18 -6.96 -16.26
N LEU A 269 11.14 -6.24 -16.83
CA LEU A 269 11.58 -4.99 -16.26
C LEU A 269 10.56 -3.92 -16.59
N LEU A 270 10.17 -3.10 -15.63
CA LEU A 270 9.26 -2.00 -15.89
C LEU A 270 10.11 -0.76 -15.74
N GLU A 271 10.15 0.11 -16.76
CA GLU A 271 10.95 1.35 -16.69
C GLU A 271 10.08 2.55 -17.10
N ILE A 272 10.46 3.75 -16.67
CA ILE A 272 9.68 4.98 -16.89
C ILE A 272 8.99 5.22 -18.24
N ALA A 273 9.60 4.86 -19.37
CA ALA A 273 8.94 5.05 -20.66
C ALA A 273 7.60 4.31 -20.78
N GLN A 274 7.49 3.14 -20.13
CA GLN A 274 6.29 2.32 -20.17
C GLN A 274 5.21 2.72 -19.16
N VAL A 275 5.49 3.72 -18.34
CA VAL A 275 4.53 4.13 -17.35
C VAL A 275 3.62 5.29 -17.73
N PRO A 276 2.30 5.08 -17.68
CA PRO A 276 1.34 6.14 -18.03
C PRO A 276 1.56 7.37 -17.14
N ASP A 277 1.46 8.54 -17.75
CA ASP A 277 1.64 9.82 -17.07
C ASP A 277 1.07 9.85 -15.63
N GLU A 278 -0.22 9.56 -15.47
CA GLU A 278 -0.88 9.60 -14.16
C GLU A 278 -0.53 8.46 -13.20
N HIS A 279 0.73 8.01 -13.28
CA HIS A 279 1.23 6.92 -12.44
C HIS A 279 2.72 6.96 -12.08
N VAL A 280 3.43 8.04 -12.38
CA VAL A 280 4.86 8.11 -12.06
C VAL A 280 5.30 8.10 -10.60
N ASN A 281 4.45 8.55 -9.69
CA ASN A 281 4.89 8.55 -8.29
C ASN A 281 4.68 7.22 -7.58
N GLU A 282 3.86 6.35 -8.15
CA GLU A 282 3.63 5.05 -7.55
C GLU A 282 4.92 4.22 -7.64
N PHE A 283 5.73 4.45 -8.67
CA PHE A 283 7.00 3.72 -8.79
C PHE A 283 7.89 4.16 -7.64
N LYS A 284 7.99 5.48 -7.47
CA LYS A 284 8.79 6.10 -6.42
C LYS A 284 8.38 5.57 -5.05
N SER A 285 7.08 5.32 -4.89
CA SER A 285 6.58 4.83 -3.61
C SER A 285 7.38 3.63 -3.12
N ILE A 286 7.09 3.24 -1.89
CA ILE A 286 7.74 2.11 -1.28
C ILE A 286 6.68 1.01 -1.18
N GLU A 287 5.47 1.34 -1.63
CA GLU A 287 4.31 0.44 -1.56
C GLU A 287 4.04 -0.46 -2.76
N LYS A 288 3.66 0.12 -3.89
CA LYS A 288 3.34 -0.66 -5.10
C LYS A 288 4.50 -1.59 -5.50
N PHE A 289 5.61 -0.99 -5.93
CA PHE A 289 6.75 -1.81 -6.29
C PHE A 289 7.70 -1.81 -5.08
N LYS A 290 8.07 -3.00 -4.62
CA LYS A 290 8.95 -3.10 -3.45
C LYS A 290 10.34 -3.62 -3.74
N ILE A 291 10.62 -3.88 -5.02
CA ILE A 291 11.93 -4.33 -5.42
C ILE A 291 12.47 -3.36 -6.50
N PHE A 292 13.78 -3.39 -6.66
CA PHE A 292 14.45 -2.48 -7.59
C PHE A 292 15.64 -3.22 -8.22
N ASN A 293 15.76 -3.17 -9.56
CA ASN A 293 16.88 -3.81 -10.25
C ASN A 293 18.25 -3.21 -9.87
N THR A 294 19.22 -4.05 -9.58
CA THR A 294 20.58 -3.60 -9.22
C THR A 294 21.49 -3.61 -10.44
N ASN A 295 21.01 -4.21 -11.53
CA ASN A 295 21.75 -4.40 -12.76
C ASN A 295 22.88 -5.41 -12.64
N ASN A 296 22.85 -6.22 -11.57
CA ASN A 296 23.77 -7.33 -11.42
C ASN A 296 22.91 -8.37 -12.15
N LEU A 297 23.36 -8.79 -13.32
CA LEU A 297 22.61 -9.75 -14.14
C LEU A 297 23.40 -11.05 -14.42
N TRP A 298 22.74 -12.21 -14.32
CA TRP A 298 23.41 -13.49 -14.63
C TRP A 298 22.72 -14.06 -15.84
N VAL A 299 23.46 -14.29 -16.92
CA VAL A 299 22.84 -14.80 -18.14
C VAL A 299 23.55 -15.99 -18.77
N ASN A 300 22.75 -16.93 -19.26
CA ASN A 300 23.26 -18.14 -19.91
C ASN A 300 23.77 -17.78 -21.31
N LEU A 301 25.05 -18.05 -21.59
CA LEU A 301 25.66 -17.73 -22.89
C LEU A 301 25.04 -18.40 -24.12
N LYS A 302 24.65 -19.70 -24.05
CA LYS A 302 24.09 -20.35 -25.26
C LYS A 302 22.76 -19.71 -25.60
N ALA A 303 22.03 -19.31 -24.56
CA ALA A 303 20.73 -18.71 -24.74
C ALA A 303 20.91 -17.33 -25.40
N ILE A 304 21.95 -16.60 -25.01
CA ILE A 304 22.20 -15.30 -25.61
C ILE A 304 22.44 -15.51 -27.12
N LYS A 305 23.26 -16.52 -27.45
CA LYS A 305 23.63 -16.74 -28.86
C LYS A 305 22.35 -17.06 -29.63
N LYS A 306 21.55 -17.95 -29.03
CA LYS A 306 20.30 -18.39 -29.67
C LYS A 306 19.36 -17.21 -29.88
N LEU A 307 19.17 -16.39 -28.85
CA LEU A 307 18.23 -15.31 -28.99
C LEU A 307 18.73 -14.14 -29.83
N VAL A 308 20.03 -13.85 -29.83
CA VAL A 308 20.49 -12.78 -30.66
C VAL A 308 20.42 -13.21 -32.11
N GLU A 309 20.94 -14.38 -32.44
CA GLU A 309 20.90 -14.82 -33.84
C GLU A 309 19.49 -14.94 -34.38
N ALA A 310 18.53 -15.26 -33.50
CA ALA A 310 17.16 -15.39 -33.94
C ALA A 310 16.43 -14.03 -33.92
N ASP A 311 17.13 -12.98 -33.50
CA ASP A 311 16.55 -11.64 -33.40
C ASP A 311 15.34 -11.62 -32.50
N ALA A 312 15.48 -12.25 -31.36
CA ALA A 312 14.38 -12.31 -30.45
C ALA A 312 14.41 -11.20 -29.38
N LEU A 313 15.57 -10.64 -29.08
CA LEU A 313 15.62 -9.64 -28.00
C LEU A 313 14.99 -8.29 -28.40
N LYS A 314 13.68 -8.17 -28.18
CA LYS A 314 12.96 -6.96 -28.55
C LYS A 314 12.76 -6.00 -27.38
N MET A 315 13.84 -5.49 -26.77
CA MET A 315 13.66 -4.60 -25.62
C MET A 315 12.94 -3.29 -25.85
N GLU A 316 12.24 -2.81 -24.82
CA GLU A 316 11.55 -1.54 -24.97
C GLU A 316 12.59 -0.45 -25.17
N ILE A 317 12.25 0.53 -25.99
CA ILE A 317 13.15 1.62 -26.30
C ILE A 317 13.15 2.68 -25.23
N ILE A 318 14.32 3.24 -24.94
CA ILE A 318 14.49 4.34 -23.99
C ILE A 318 14.95 5.50 -24.88
N PRO A 319 14.11 6.53 -25.06
CA PRO A 319 14.62 7.59 -25.94
C PRO A 319 15.74 8.53 -25.50
N ASN A 320 15.94 8.72 -24.20
CA ASN A 320 17.00 9.59 -23.73
C ASN A 320 17.33 10.77 -24.67
N PRO A 321 16.54 11.85 -24.61
CA PRO A 321 16.81 13.02 -25.47
C PRO A 321 17.89 13.90 -24.83
N LYS A 322 18.70 14.53 -25.66
CA LYS A 322 19.78 15.42 -25.20
C LYS A 322 19.90 16.62 -26.14
N GLU A 323 20.58 17.67 -25.68
CA GLU A 323 20.81 18.84 -26.51
C GLU A 323 22.32 18.99 -26.55
N VAL A 324 22.90 18.83 -27.73
CA VAL A 324 24.35 18.93 -27.90
C VAL A 324 24.68 20.11 -28.81
N ASP A 325 25.63 20.95 -28.37
CA ASP A 325 26.03 22.15 -29.12
C ASP A 325 24.75 22.93 -29.50
N GLY A 326 23.67 22.67 -28.78
CA GLY A 326 22.42 23.36 -29.06
C GLY A 326 21.46 22.47 -29.82
N VAL A 327 21.98 21.68 -30.74
CA VAL A 327 21.14 20.80 -31.54
C VAL A 327 20.46 19.78 -30.64
N LYS A 328 19.14 19.80 -30.59
CA LYS A 328 18.41 18.84 -29.79
C LYS A 328 18.44 17.53 -30.56
N VAL A 329 18.91 16.46 -29.93
CA VAL A 329 19.00 15.16 -30.60
C VAL A 329 18.36 14.06 -29.76
N LEU A 330 18.06 12.93 -30.39
CA LEU A 330 17.45 11.79 -29.71
C LEU A 330 18.47 10.64 -29.76
N GLN A 331 18.56 9.84 -28.69
CA GLN A 331 19.50 8.73 -28.65
C GLN A 331 18.78 7.48 -28.19
N LEU A 332 18.25 6.70 -29.10
CA LEU A 332 17.47 5.55 -28.70
C LEU A 332 18.29 4.46 -28.05
N GLU A 333 17.88 3.99 -26.86
CA GLU A 333 18.69 2.94 -26.22
C GLU A 333 17.86 1.82 -25.62
N THR A 334 18.55 0.82 -25.08
CA THR A 334 17.84 -0.26 -24.41
C THR A 334 18.60 -0.59 -23.14
N ALA A 335 17.91 -1.31 -22.25
CA ALA A 335 18.49 -1.69 -20.95
C ALA A 335 18.69 -3.22 -20.88
N ALA A 336 19.85 -3.65 -20.40
CA ALA A 336 20.13 -5.07 -20.30
C ALA A 336 19.09 -5.84 -19.50
N GLY A 337 18.62 -5.25 -18.40
CA GLY A 337 17.60 -5.93 -17.57
C GLY A 337 16.30 -6.14 -18.29
N ALA A 338 16.00 -5.34 -19.30
CA ALA A 338 14.73 -5.50 -20.00
C ALA A 338 14.69 -6.78 -20.86
N ALA A 339 15.85 -7.41 -21.08
CA ALA A 339 15.94 -8.66 -21.89
C ALA A 339 15.40 -9.88 -21.11
N ILE A 340 15.15 -9.72 -19.83
CA ILE A 340 14.73 -10.86 -19.00
C ILE A 340 13.49 -11.60 -19.46
N ARG A 341 12.60 -10.87 -20.09
CA ARG A 341 11.34 -11.47 -20.54
C ARG A 341 11.48 -12.38 -21.76
N PHE A 342 12.65 -12.42 -22.40
CA PHE A 342 12.84 -13.26 -23.56
C PHE A 342 13.56 -14.58 -23.28
N PHE A 343 14.04 -14.75 -22.03
CA PHE A 343 14.74 -15.96 -21.66
C PHE A 343 13.87 -17.01 -20.98
N ASP A 344 14.36 -18.24 -20.97
CA ASP A 344 13.63 -19.34 -20.36
C ASP A 344 13.91 -19.50 -18.87
N ASN A 345 12.87 -19.87 -18.14
CA ASN A 345 12.97 -20.14 -16.70
C ASN A 345 13.74 -18.98 -16.02
N ALA A 346 13.43 -17.79 -16.47
CA ALA A 346 14.09 -16.63 -15.91
C ALA A 346 13.54 -16.26 -14.54
N ILE A 347 14.43 -15.77 -13.67
CA ILE A 347 14.07 -15.41 -12.32
C ILE A 347 14.73 -14.11 -11.88
N GLY A 348 14.18 -13.56 -10.80
CA GLY A 348 14.82 -12.43 -10.16
C GLY A 348 15.26 -13.04 -8.84
N VAL A 349 16.31 -12.54 -8.22
CA VAL A 349 16.72 -12.96 -6.88
C VAL A 349 16.79 -11.66 -6.06
N ASN A 350 16.05 -11.64 -4.95
CA ASN A 350 16.03 -10.46 -4.11
C ASN A 350 17.22 -10.57 -3.16
N VAL A 351 18.20 -9.68 -3.32
CA VAL A 351 19.42 -9.70 -2.50
C VAL A 351 19.52 -8.47 -1.55
N PRO A 352 20.28 -8.60 -0.46
CA PRO A 352 20.47 -7.52 0.52
C PRO A 352 21.18 -6.36 -0.17
N ARG A 353 20.93 -5.10 0.25
CA ARG A 353 21.55 -3.95 -0.42
C ARG A 353 23.12 -3.94 -0.40
N SER A 354 23.75 -4.86 0.32
CA SER A 354 25.21 -4.92 0.33
C SER A 354 25.72 -5.25 -1.06
N ARG A 355 24.84 -5.75 -1.94
CA ARG A 355 25.28 -6.07 -3.31
C ARG A 355 25.00 -4.91 -4.25
N PHE A 356 24.58 -3.82 -3.67
CA PHE A 356 24.24 -2.70 -4.46
C PHE A 356 24.75 -1.41 -3.82
N LEU A 357 26.05 -1.17 -4.05
CA LEU A 357 26.70 0.05 -3.53
C LEU A 357 27.19 0.89 -4.73
N PRO A 358 26.28 1.57 -5.44
CA PRO A 358 26.72 2.38 -6.60
C PRO A 358 27.48 3.61 -6.16
N VAL A 359 28.49 4.02 -6.94
CA VAL A 359 29.24 5.22 -6.65
C VAL A 359 29.01 6.16 -7.83
N LYS A 360 28.20 7.18 -7.58
CA LYS A 360 27.85 8.13 -8.64
C LYS A 360 28.18 9.59 -8.41
N ALA A 361 28.64 9.90 -7.20
CA ALA A 361 28.94 11.28 -6.85
C ALA A 361 30.01 11.26 -5.79
N SER A 362 30.66 12.40 -5.60
CA SER A 362 31.71 12.40 -4.57
C SER A 362 31.10 12.15 -3.18
N SER A 363 29.78 12.31 -3.01
CA SER A 363 29.21 12.02 -1.70
C SER A 363 29.34 10.52 -1.44
N ASP A 364 29.32 9.71 -2.50
CA ASP A 364 29.44 8.27 -2.31
C ASP A 364 30.90 7.92 -2.02
N LEU A 365 31.84 8.69 -2.56
CA LEU A 365 33.22 8.41 -2.26
C LEU A 365 33.49 8.71 -0.80
N LEU A 366 32.80 9.69 -0.25
CA LEU A 366 32.99 10.05 1.16
C LEU A 366 32.58 8.84 1.97
N LEU A 367 31.47 8.23 1.54
CA LEU A 367 30.97 7.04 2.24
C LEU A 367 31.95 5.90 2.15
N VAL A 368 32.50 5.64 0.97
CA VAL A 368 33.40 4.50 0.81
C VAL A 368 34.86 4.66 1.30
N GLN A 369 35.28 5.90 1.46
CA GLN A 369 36.65 6.21 1.93
C GLN A 369 36.70 6.43 3.43
N SER A 370 35.55 6.42 4.06
CA SER A 370 35.49 6.69 5.50
C SER A 370 35.65 5.42 6.26
N ASP A 371 35.59 5.54 7.59
CA ASP A 371 35.72 4.38 8.48
C ASP A 371 34.49 3.46 8.46
N LEU A 372 33.50 3.79 7.61
CA LEU A 372 32.32 2.96 7.48
C LEU A 372 32.68 1.70 6.68
N TYR A 373 33.81 1.80 6.00
CA TYR A 373 34.36 0.72 5.17
C TYR A 373 35.89 0.56 5.30
N THR A 374 36.37 -0.59 4.84
CA THR A 374 37.77 -0.88 4.76
C THR A 374 37.90 -1.82 3.56
N LEU A 375 39.11 -1.95 3.04
CA LEU A 375 39.34 -2.84 1.93
C LEU A 375 39.79 -4.19 2.50
N VAL A 376 39.20 -5.28 2.02
CA VAL A 376 39.66 -6.58 2.49
C VAL A 376 39.90 -7.42 1.24
N ASP A 377 41.17 -7.61 0.89
CA ASP A 377 41.49 -8.40 -0.30
C ASP A 377 40.71 -7.90 -1.52
N GLY A 378 40.70 -6.60 -1.78
CA GLY A 378 39.99 -6.10 -2.95
C GLY A 378 38.50 -5.84 -2.85
N PHE A 379 37.88 -6.23 -1.74
CA PHE A 379 36.44 -6.01 -1.49
C PHE A 379 36.24 -4.83 -0.55
N VAL A 380 35.40 -3.86 -0.92
CA VAL A 380 35.09 -2.73 -0.04
C VAL A 380 34.08 -3.33 0.96
N THR A 381 34.59 -3.58 2.18
CA THR A 381 33.90 -4.24 3.29
C THR A 381 33.29 -3.29 4.33
N ARG A 382 31.96 -3.37 4.52
CA ARG A 382 31.29 -2.51 5.51
C ARG A 382 31.68 -2.79 6.96
N ASN A 383 31.82 -1.72 7.75
CA ASN A 383 32.17 -1.80 9.16
C ASN A 383 31.03 -2.56 9.85
N LYS A 384 31.35 -3.62 10.60
CA LYS A 384 30.24 -4.34 11.25
C LYS A 384 29.85 -3.66 12.56
N ALA A 385 30.62 -2.65 12.97
CA ALA A 385 30.29 -1.89 14.18
C ALA A 385 29.08 -1.02 13.86
N ARG A 386 28.81 -0.86 12.55
CA ARG A 386 27.63 -0.13 12.12
C ARG A 386 26.57 -1.19 12.33
N THR A 387 25.79 -1.02 13.40
CA THR A 387 24.77 -1.99 13.73
C THR A 387 23.58 -1.84 12.80
N ASN A 388 23.23 -0.58 12.49
CA ASN A 388 22.13 -0.31 11.58
C ASN A 388 22.61 -0.41 10.13
N PRO A 389 22.06 -1.36 9.39
CA PRO A 389 22.36 -1.67 7.99
C PRO A 389 22.42 -0.49 7.03
N SER A 390 21.52 0.48 7.18
CA SER A 390 21.46 1.64 6.28
C SER A 390 22.63 2.59 6.41
N ASN A 391 23.11 3.09 5.29
CA ASN A 391 24.20 4.05 5.33
C ASN A 391 23.62 5.43 5.62
N PRO A 392 24.48 6.38 6.03
CA PRO A 392 24.11 7.76 6.35
C PRO A 392 23.81 8.42 5.01
N SER A 393 22.86 9.34 4.99
CA SER A 393 22.58 10.07 3.77
C SER A 393 23.60 11.21 3.73
N ILE A 394 24.25 11.39 2.59
CA ILE A 394 25.28 12.43 2.47
C ILE A 394 24.97 13.26 1.25
N GLU A 395 24.91 14.57 1.42
CA GLU A 395 24.65 15.48 0.32
C GLU A 395 25.69 16.60 0.38
N LEU A 396 26.42 16.77 -0.70
CA LEU A 396 27.43 17.82 -0.77
C LEU A 396 27.16 18.79 -1.91
N GLY A 397 27.38 20.09 -1.66
CA GLY A 397 27.16 21.07 -2.71
C GLY A 397 28.04 20.93 -3.95
N PRO A 398 27.78 21.72 -5.01
CA PRO A 398 28.57 21.66 -6.27
C PRO A 398 30.07 21.84 -6.07
N GLU A 399 30.42 22.58 -5.01
CA GLU A 399 31.81 22.86 -4.62
C GLU A 399 32.57 21.56 -4.47
N PHE A 400 31.83 20.48 -4.22
CA PHE A 400 32.43 19.14 -4.06
C PHE A 400 32.27 18.18 -5.26
N LYS A 401 31.81 18.71 -6.39
CA LYS A 401 31.52 17.86 -7.55
C LYS A 401 32.70 17.13 -8.20
N LYS A 402 33.81 17.85 -8.43
CA LYS A 402 35.04 17.26 -9.03
C LYS A 402 35.78 16.50 -7.96
N VAL A 403 36.13 15.25 -8.25
CA VAL A 403 36.84 14.39 -7.29
C VAL A 403 38.04 15.10 -6.66
N ALA A 404 38.89 15.72 -7.49
CA ALA A 404 40.07 16.42 -6.96
C ALA A 404 39.66 17.50 -5.98
N THR A 405 38.62 18.25 -6.30
CA THR A 405 38.21 19.34 -5.37
C THR A 405 37.58 18.75 -4.10
N PHE A 406 36.84 17.67 -4.27
CA PHE A 406 36.28 16.94 -3.14
C PHE A 406 37.46 16.53 -2.22
N LEU A 407 38.51 15.90 -2.78
CA LEU A 407 39.63 15.45 -1.94
C LEU A 407 40.39 16.61 -1.28
N SER A 408 40.43 17.75 -1.95
CA SER A 408 41.10 18.93 -1.43
C SER A 408 40.34 19.46 -0.21
N ARG A 409 39.01 19.34 -0.25
CA ARG A 409 38.14 19.83 0.81
C ARG A 409 38.00 18.93 2.05
N PHE A 410 38.68 17.77 2.08
CA PHE A 410 38.64 16.91 3.27
C PHE A 410 40.07 16.55 3.58
N LYS A 411 40.65 17.23 4.57
CA LYS A 411 42.06 16.96 4.91
C LYS A 411 42.21 15.48 5.16
N SER A 412 41.19 14.90 5.79
CA SER A 412 41.08 13.44 5.98
C SER A 412 39.56 13.20 5.94
N ILE A 413 39.15 12.00 5.56
CA ILE A 413 37.72 11.72 5.52
C ILE A 413 37.20 11.60 6.94
N PRO A 414 36.20 12.41 7.31
CA PRO A 414 35.71 12.32 8.68
C PRO A 414 35.07 11.00 9.03
N SER A 415 35.04 10.70 10.33
CA SER A 415 34.45 9.47 10.82
C SER A 415 32.95 9.60 10.77
N ILE A 416 32.28 8.63 10.19
CA ILE A 416 30.84 8.73 10.07
C ILE A 416 30.07 7.48 10.49
N VAL A 417 30.74 6.56 11.19
CA VAL A 417 30.05 5.34 11.63
C VAL A 417 28.81 5.68 12.50
N GLU A 418 28.85 6.82 13.18
CA GLU A 418 27.76 7.26 14.07
C GLU A 418 26.93 8.35 13.41
N LEU A 419 26.94 8.40 12.08
CA LEU A 419 26.21 9.43 11.33
C LEU A 419 24.85 8.96 10.83
N ASP A 420 23.86 9.85 10.86
CA ASP A 420 22.51 9.51 10.34
C ASP A 420 22.38 10.21 8.98
N SER A 421 22.90 11.43 8.92
CA SER A 421 22.86 12.21 7.68
C SER A 421 23.73 13.49 7.72
N LEU A 422 24.37 13.82 6.60
CA LEU A 422 25.20 15.03 6.53
C LEU A 422 24.78 15.81 5.28
N LYS A 423 24.55 17.11 5.40
CA LYS A 423 24.21 17.93 4.24
C LYS A 423 25.19 19.06 4.32
N VAL A 424 25.93 19.30 3.25
CA VAL A 424 26.91 20.39 3.25
C VAL A 424 26.57 21.32 2.10
N SER A 425 26.58 22.64 2.34
CA SER A 425 26.31 23.60 1.26
C SER A 425 27.21 24.80 1.39
N GLY A 426 27.55 25.44 0.26
CA GLY A 426 28.43 26.59 0.30
C GLY A 426 29.91 26.21 0.32
N ASP A 427 30.75 27.22 0.51
CA ASP A 427 32.18 27.04 0.51
C ASP A 427 32.69 26.51 1.82
N VAL A 428 32.77 25.18 1.93
CA VAL A 428 33.18 24.53 3.19
C VAL A 428 34.40 23.68 3.01
N TRP A 429 35.35 23.83 3.95
CA TRP A 429 36.59 23.06 3.91
C TRP A 429 36.70 22.30 5.22
N PHE A 430 37.04 21.00 5.16
CA PHE A 430 37.16 20.15 6.39
C PHE A 430 38.60 19.80 6.76
N GLY A 431 38.87 19.83 8.07
CA GLY A 431 40.20 19.49 8.55
C GLY A 431 40.30 17.97 8.75
N SER A 432 41.40 17.51 9.38
CA SER A 432 41.58 16.10 9.61
C SER A 432 41.03 15.61 10.92
N SER A 433 40.82 14.29 10.96
CA SER A 433 40.37 13.62 12.15
C SER A 433 39.04 14.09 12.75
N ILE A 434 38.15 14.56 11.91
CA ILE A 434 36.84 15.03 12.36
C ILE A 434 35.89 13.84 12.56
N VAL A 435 34.96 13.99 13.50
CA VAL A 435 34.00 12.97 13.80
C VAL A 435 32.59 13.57 13.70
N LEU A 436 31.72 12.90 12.95
CA LEU A 436 30.35 13.38 12.75
C LEU A 436 29.31 12.36 13.24
N LYS A 437 28.37 12.79 14.10
CA LYS A 437 27.35 11.85 14.58
C LYS A 437 25.91 12.36 14.43
N GLY A 438 24.97 11.47 14.09
CA GLY A 438 23.56 11.88 14.02
C GLY A 438 23.16 12.58 12.74
N LYS A 439 22.37 13.65 12.86
CA LYS A 439 21.92 14.47 11.73
C LYS A 439 22.75 15.78 11.74
N VAL A 440 23.61 15.97 10.74
CA VAL A 440 24.47 17.14 10.71
C VAL A 440 24.35 17.98 9.43
N THR A 441 24.45 19.31 9.56
CA THR A 441 24.41 20.15 8.38
C THR A 441 25.41 21.28 8.54
N VAL A 442 26.09 21.61 7.45
CA VAL A 442 27.04 22.69 7.46
C VAL A 442 26.69 23.57 6.25
N ALA A 443 26.20 24.78 6.50
CA ALA A 443 25.83 25.67 5.40
C ALA A 443 26.52 27.02 5.45
N ALA A 444 27.46 27.24 4.54
CA ALA A 444 28.17 28.51 4.47
C ALA A 444 27.31 29.44 3.59
N LYS A 445 27.01 30.64 4.06
CA LYS A 445 26.23 31.58 3.25
C LYS A 445 27.09 32.20 2.14
N SER A 446 26.46 32.81 1.15
CA SER A 446 27.19 33.42 0.04
C SER A 446 28.29 34.39 0.47
N GLY A 447 29.49 34.19 -0.07
CA GLY A 447 30.62 35.05 0.27
C GLY A 447 31.39 34.65 1.52
N VAL A 448 30.90 33.60 2.18
CA VAL A 448 31.51 33.08 3.40
C VAL A 448 32.21 31.74 3.16
N LYS A 449 33.41 31.59 3.73
CA LYS A 449 34.11 30.33 3.66
C LYS A 449 34.10 29.81 5.12
N LEU A 450 33.73 28.54 5.31
CA LEU A 450 33.69 27.91 6.65
C LEU A 450 34.71 26.80 6.75
N GLU A 451 35.61 26.93 7.74
CA GLU A 451 36.66 25.95 7.96
C GLU A 451 36.31 25.12 9.18
N ILE A 452 36.11 23.82 9.01
CA ILE A 452 35.81 23.00 10.16
C ILE A 452 37.21 22.58 10.64
N PRO A 453 37.62 23.05 11.85
CA PRO A 453 38.95 22.70 12.34
C PRO A 453 39.21 21.22 12.60
N ASP A 454 40.48 20.91 12.70
CA ASP A 454 40.88 19.53 12.95
C ASP A 454 40.39 19.06 14.32
N ARG A 455 40.00 17.78 14.38
CA ARG A 455 39.53 17.13 15.61
C ARG A 455 38.14 17.48 16.11
N ALA A 456 37.41 18.27 15.34
CA ALA A 456 36.05 18.66 15.75
C ALA A 456 35.08 17.49 15.84
N VAL A 457 34.21 17.51 16.85
CA VAL A 457 33.20 16.49 17.00
C VAL A 457 31.87 17.21 16.80
N VAL A 458 31.13 16.80 15.79
CA VAL A 458 29.84 17.42 15.45
C VAL A 458 28.74 16.36 15.53
N GLU A 459 27.82 16.56 16.48
CA GLU A 459 26.75 15.62 16.72
C GLU A 459 25.35 16.26 16.67
N ASN A 460 24.49 15.75 15.78
CA ASN A 460 23.13 16.29 15.64
C ASN A 460 23.17 17.82 15.72
N LYS A 461 24.01 18.45 14.90
CA LYS A 461 24.16 19.92 14.88
C LYS A 461 23.96 20.58 13.50
N ASN A 462 23.47 21.82 13.52
CA ASN A 462 23.24 22.63 12.30
C ASN A 462 24.27 23.78 12.36
N ILE A 463 25.32 23.67 11.55
CA ILE A 463 26.37 24.69 11.52
C ILE A 463 26.10 25.63 10.35
N ASN A 464 25.61 26.84 10.65
CA ASN A 464 25.27 27.81 9.61
C ASN A 464 26.21 28.98 9.45
N GLY A 465 27.33 28.94 10.13
CA GLY A 465 28.28 30.03 10.03
C GLY A 465 29.28 29.96 11.19
N PRO A 466 30.35 30.75 11.17
CA PRO A 466 31.36 30.74 12.23
C PRO A 466 30.79 30.87 13.66
N ASN B 7 -26.79 34.83 15.13
CA ASN B 7 -28.19 34.33 15.26
C ASN B 7 -28.39 33.42 16.47
N LEU B 8 -27.32 33.07 17.16
CA LEU B 8 -27.50 32.19 18.32
C LEU B 8 -28.49 32.71 19.37
N PRO B 9 -28.40 34.00 19.78
CA PRO B 9 -29.40 34.44 20.79
C PRO B 9 -30.84 34.16 20.41
N GLN B 10 -31.17 34.39 19.14
CA GLN B 10 -32.53 34.18 18.63
C GLN B 10 -32.94 32.72 18.67
N LEU B 11 -32.01 31.85 18.29
CA LEU B 11 -32.26 30.43 18.27
C LEU B 11 -32.46 29.96 19.71
N LYS B 12 -31.60 30.42 20.60
CA LYS B 12 -31.66 30.06 22.00
C LYS B 12 -32.97 30.51 22.57
N SER B 13 -33.37 31.73 22.24
CA SER B 13 -34.65 32.21 22.74
C SER B 13 -35.79 31.35 22.22
N ALA B 14 -35.74 30.95 20.93
CA ALA B 14 -36.84 30.12 20.42
C ALA B 14 -36.82 28.72 21.07
N VAL B 15 -35.66 28.09 21.21
CA VAL B 15 -35.76 26.76 21.79
C VAL B 15 -36.35 26.83 23.22
N ASP B 16 -36.10 27.94 23.89
CA ASP B 16 -36.62 28.13 25.24
C ASP B 16 -38.13 28.15 25.25
N GLY B 17 -38.72 28.42 24.09
CA GLY B 17 -40.16 28.40 23.98
C GLY B 17 -40.75 27.00 23.82
N LEU B 18 -39.92 26.02 23.40
CA LEU B 18 -40.46 24.68 23.19
C LEU B 18 -40.52 23.97 24.52
N THR B 19 -41.67 24.13 25.15
CA THR B 19 -41.97 23.60 26.45
C THR B 19 -41.76 22.12 26.59
N GLU B 20 -41.98 21.38 25.49
CA GLU B 20 -41.81 19.92 25.47
C GLU B 20 -40.39 19.42 25.65
N MET B 21 -39.38 20.28 25.45
CA MET B 21 -37.98 19.81 25.63
C MET B 21 -37.58 19.87 27.09
N SER B 22 -36.96 18.81 27.58
CA SER B 22 -36.49 18.87 28.96
C SER B 22 -35.37 19.90 29.03
N GLU B 23 -34.98 20.21 30.26
CA GLU B 23 -33.90 21.15 30.50
C GLU B 23 -32.62 20.67 29.82
N SER B 24 -32.37 19.37 29.90
CA SER B 24 -31.21 18.70 29.28
C SER B 24 -31.17 18.85 27.76
N GLU B 25 -32.29 18.60 27.11
CA GLU B 25 -32.35 18.70 25.66
C GLU B 25 -32.12 20.12 25.07
N LYS B 26 -32.79 21.15 25.64
CA LYS B 26 -32.61 22.49 25.08
C LYS B 26 -31.16 22.91 25.01
N SER B 27 -30.41 22.62 26.08
CA SER B 27 -29.01 22.94 26.23
C SER B 27 -28.10 22.15 25.28
N GLY B 28 -28.40 20.88 25.10
CA GLY B 28 -27.57 20.07 24.22
C GLY B 28 -27.81 20.43 22.76
N PHE B 29 -29.05 20.79 22.49
CA PHE B 29 -29.43 21.13 21.14
C PHE B 29 -28.81 22.43 20.66
N ILE B 30 -28.76 23.43 21.54
CA ILE B 30 -28.15 24.72 21.21
C ILE B 30 -26.65 24.60 21.06
N SER B 31 -26.06 23.70 21.85
CA SER B 31 -24.62 23.49 21.78
C SER B 31 -24.33 23.01 20.35
N LEU B 32 -25.18 22.14 19.84
CA LEU B 32 -24.99 21.68 18.47
C LEU B 32 -25.13 22.79 17.43
N VAL B 33 -26.24 23.51 17.50
CA VAL B 33 -26.44 24.57 16.52
C VAL B 33 -25.34 25.62 16.54
N SER B 34 -24.75 25.87 17.73
CA SER B 34 -23.66 26.83 17.84
C SER B 34 -22.47 26.34 17.01
N ARG B 35 -22.05 25.08 17.21
CA ARG B 35 -20.91 24.56 16.46
C ARG B 35 -21.18 24.52 14.96
N TYR B 36 -22.44 24.29 14.60
CA TYR B 36 -22.85 24.26 13.23
C TYR B 36 -22.58 25.63 12.63
N LEU B 37 -23.07 26.67 13.31
CA LEU B 37 -22.88 28.01 12.81
C LEU B 37 -21.43 28.47 12.79
N SER B 38 -20.69 28.18 13.86
CA SER B 38 -19.29 28.59 13.91
C SER B 38 -18.36 27.81 12.95
N GLY B 39 -18.75 26.61 12.51
CA GLY B 39 -17.91 25.82 11.62
C GLY B 39 -16.83 25.13 12.44
N GLU B 40 -16.66 23.82 12.27
CA GLU B 40 -15.67 23.08 13.08
C GLU B 40 -14.38 23.83 13.32
N ALA B 41 -13.86 23.67 14.53
CA ALA B 41 -12.60 24.31 14.87
C ALA B 41 -11.50 23.46 14.23
N GLN B 42 -11.80 22.18 13.99
CA GLN B 42 -10.78 21.31 13.41
C GLN B 42 -10.81 21.22 11.90
N HIS B 43 -9.72 21.62 11.28
CA HIS B 43 -9.65 21.54 9.85
C HIS B 43 -8.44 20.65 9.71
N ILE B 44 -8.63 19.52 9.04
CA ILE B 44 -7.54 18.55 8.94
C ILE B 44 -6.49 18.97 7.93
N GLU B 45 -5.24 18.78 8.32
CA GLU B 45 -4.14 19.10 7.44
C GLU B 45 -3.61 17.73 7.01
N TRP B 46 -3.92 17.40 5.77
CA TRP B 46 -3.56 16.11 5.18
C TRP B 46 -2.15 15.54 5.39
N SER B 47 -1.11 16.34 5.18
CA SER B 47 0.22 15.77 5.33
C SER B 47 0.53 15.24 6.72
N LYS B 48 -0.21 15.69 7.73
CA LYS B 48 0.09 15.26 9.09
C LYS B 48 -0.60 13.93 9.44
N ILE B 49 -1.44 13.46 8.54
CA ILE B 49 -2.14 12.18 8.75
C ILE B 49 -1.14 11.02 8.71
N GLN B 50 -1.45 9.95 9.44
CA GLN B 50 -0.59 8.81 9.46
C GLN B 50 -1.38 7.52 9.71
N THR B 51 -0.76 6.39 9.34
CA THR B 51 -1.33 5.05 9.52
C THR B 51 -1.05 4.66 10.96
N PRO B 52 -2.10 4.37 11.74
CA PRO B 52 -1.75 4.02 13.12
C PRO B 52 -0.85 2.80 13.17
N THR B 53 -0.01 2.73 14.21
CA THR B 53 0.84 1.56 14.36
C THR B 53 -0.04 0.42 14.91
N ASP B 54 0.49 -0.80 14.85
CA ASP B 54 -0.14 -2.03 15.33
C ASP B 54 -0.37 -1.95 16.84
N GLU B 55 0.19 -0.91 17.47
CA GLU B 55 0.00 -0.75 18.90
C GLU B 55 -1.20 0.13 19.18
N ILE B 56 -1.61 0.96 18.21
CA ILE B 56 -2.76 1.87 18.37
C ILE B 56 -4.00 1.17 17.76
N VAL B 57 -3.83 0.50 16.63
CA VAL B 57 -4.95 -0.31 16.07
C VAL B 57 -4.39 -1.72 16.23
N VAL B 58 -4.79 -2.34 17.34
CA VAL B 58 -4.29 -3.66 17.72
C VAL B 58 -4.90 -4.79 16.94
N PRO B 59 -4.08 -5.68 16.34
CA PRO B 59 -4.72 -6.78 15.59
C PRO B 59 -5.40 -7.69 16.61
N TYR B 60 -6.65 -8.07 16.33
CA TYR B 60 -7.35 -8.91 17.26
C TYR B 60 -6.57 -10.16 17.63
N GLU B 61 -5.94 -10.79 16.65
CA GLU B 61 -5.22 -12.01 16.94
C GLU B 61 -4.07 -11.84 17.95
N LYS B 62 -3.58 -10.61 18.15
CA LYS B 62 -2.50 -10.33 19.10
C LYS B 62 -2.97 -10.24 20.56
N MET B 63 -4.27 -10.03 20.74
CA MET B 63 -4.79 -9.87 22.09
C MET B 63 -4.86 -11.18 22.88
N THR B 64 -4.69 -11.09 24.21
CA THR B 64 -4.69 -12.26 25.08
C THR B 64 -6.08 -12.79 25.48
N PRO B 65 -6.35 -14.07 25.21
CA PRO B 65 -7.66 -14.66 25.54
C PRO B 65 -7.79 -14.82 27.08
N VAL B 66 -9.02 -15.00 27.54
CA VAL B 66 -9.27 -15.23 28.97
C VAL B 66 -8.68 -16.60 29.29
N SER B 67 -8.40 -16.82 30.58
CA SER B 67 -7.87 -18.08 31.09
C SER B 67 -8.91 -19.13 31.25
N GLN B 68 -8.48 -20.33 31.68
CA GLN B 68 -9.46 -21.42 31.86
C GLN B 68 -10.20 -21.34 33.21
N ASP B 69 -9.88 -20.32 34.03
CA ASP B 69 -10.56 -20.19 35.31
C ASP B 69 -11.86 -19.38 35.06
N VAL B 70 -12.98 -20.07 35.19
CA VAL B 70 -14.29 -19.48 34.99
C VAL B 70 -14.48 -18.21 35.78
N ALA B 71 -13.85 -18.07 36.94
CA ALA B 71 -14.00 -16.80 37.67
C ALA B 71 -13.56 -15.57 36.89
N GLU B 72 -12.59 -15.70 35.97
CA GLU B 72 -12.13 -14.56 35.27
C GLU B 72 -13.26 -14.15 34.32
N THR B 73 -13.87 -15.14 33.66
CA THR B 73 -14.98 -14.87 32.71
C THR B 73 -16.14 -14.18 33.42
N LYS B 74 -16.52 -14.70 34.57
CA LYS B 74 -17.62 -14.13 35.31
C LYS B 74 -17.29 -12.72 35.75
N ASN B 75 -16.05 -12.50 36.17
CA ASN B 75 -15.68 -11.21 36.69
C ASN B 75 -15.69 -10.16 35.60
N LEU B 76 -15.16 -10.51 34.43
CA LEU B 76 -15.19 -9.57 33.32
C LEU B 76 -16.67 -9.28 32.94
N LEU B 77 -17.48 -10.32 32.89
CA LEU B 77 -18.91 -10.10 32.53
C LEU B 77 -19.62 -9.19 33.51
N ASP B 78 -19.25 -9.29 34.78
CA ASP B 78 -19.86 -8.46 35.84
C ASP B 78 -19.52 -6.98 35.73
N LYS B 79 -18.58 -6.63 34.86
CA LYS B 79 -18.18 -5.25 34.65
C LYS B 79 -18.73 -4.59 33.39
N LEU B 80 -19.51 -5.36 32.62
CA LEU B 80 -19.96 -4.94 31.30
C LEU B 80 -21.44 -4.55 31.22
N VAL B 81 -21.68 -3.52 30.43
CA VAL B 81 -23.03 -3.09 30.08
C VAL B 81 -23.11 -3.31 28.55
N VAL B 82 -24.22 -3.91 28.05
CA VAL B 82 -24.36 -4.16 26.60
C VAL B 82 -25.48 -3.21 26.18
N LEU B 83 -25.17 -2.34 25.22
CA LEU B 83 -26.14 -1.35 24.77
C LEU B 83 -26.29 -1.39 23.26
N LYS B 84 -27.56 -1.34 22.84
CA LYS B 84 -27.83 -1.35 21.40
C LYS B 84 -28.43 -0.03 20.95
N LEU B 85 -27.84 0.50 19.87
CA LEU B 85 -28.30 1.75 19.21
C LEU B 85 -29.53 1.40 18.37
N ASN B 86 -30.67 1.84 18.86
CA ASN B 86 -31.94 1.41 18.27
C ASN B 86 -32.84 2.60 18.09
N GLY B 87 -32.24 3.77 17.86
CA GLY B 87 -33.04 5.01 17.75
C GLY B 87 -33.34 5.43 16.33
N GLY B 88 -32.70 4.77 15.39
CA GLY B 88 -32.92 5.09 14.00
C GLY B 88 -34.13 4.37 13.44
N LEU B 89 -34.53 4.84 12.25
CA LEU B 89 -35.65 4.21 11.53
C LEU B 89 -35.09 3.39 10.37
N GLY B 90 -35.81 2.37 9.95
CA GLY B 90 -35.34 1.62 8.81
C GLY B 90 -36.08 2.15 7.58
N THR B 91 -36.32 3.46 7.60
CA THR B 91 -37.06 4.10 6.53
C THR B 91 -36.46 3.72 5.18
N THR B 92 -35.14 3.62 5.09
CA THR B 92 -34.51 3.26 3.82
C THR B 92 -35.00 1.89 3.32
N MET B 93 -35.60 1.11 4.21
CA MET B 93 -36.17 -0.20 3.85
C MET B 93 -37.68 -0.19 4.11
N GLY B 94 -38.26 0.98 4.08
CA GLY B 94 -39.68 1.11 4.29
C GLY B 94 -40.23 0.73 5.65
N CYS B 95 -39.36 0.54 6.65
CA CYS B 95 -39.82 0.12 7.99
C CYS B 95 -40.71 1.09 8.82
N THR B 96 -41.73 0.60 9.54
CA THR B 96 -42.54 1.52 10.35
C THR B 96 -41.99 1.67 11.79
N GLY B 97 -41.05 0.81 12.14
CA GLY B 97 -40.42 0.89 13.46
C GLY B 97 -38.94 0.73 13.17
N PRO B 98 -38.18 0.28 14.16
CA PRO B 98 -36.74 0.08 14.02
C PRO B 98 -36.42 -1.12 13.10
N LYS B 99 -35.20 -1.18 12.54
CA LYS B 99 -34.83 -2.31 11.71
C LYS B 99 -34.79 -3.59 12.53
N SER B 100 -34.51 -3.42 13.80
CA SER B 100 -34.31 -4.56 14.72
C SER B 100 -35.52 -5.47 14.96
N VAL B 101 -36.75 -4.96 14.66
CA VAL B 101 -37.91 -5.83 14.83
C VAL B 101 -38.29 -6.54 13.52
N ILE B 102 -37.43 -6.45 12.52
CA ILE B 102 -37.61 -7.26 11.32
C ILE B 102 -37.34 -8.71 11.73
N GLU B 103 -38.14 -9.66 11.27
CA GLU B 103 -37.88 -11.04 11.64
C GLU B 103 -36.63 -11.52 10.88
N VAL B 104 -35.74 -12.19 11.62
CA VAL B 104 -34.50 -12.70 11.08
C VAL B 104 -34.70 -14.10 10.57
N ARG B 105 -35.10 -15.02 11.46
CA ARG B 105 -35.41 -16.39 11.06
C ARG B 105 -36.05 -17.14 12.21
N ASP B 106 -36.82 -18.19 11.89
CA ASP B 106 -37.52 -18.98 12.89
C ASP B 106 -38.35 -18.13 13.82
N GLY B 107 -38.88 -17.04 13.24
CA GLY B 107 -39.76 -16.05 13.87
C GLY B 107 -39.15 -15.14 14.92
N LEU B 108 -37.82 -15.18 14.94
CA LEU B 108 -37.00 -14.40 15.89
C LEU B 108 -36.48 -13.18 15.15
N THR B 109 -36.73 -12.00 15.71
CA THR B 109 -36.23 -10.77 15.10
C THR B 109 -34.81 -10.55 15.61
N PHE B 110 -34.16 -9.50 15.11
CA PHE B 110 -32.81 -9.19 15.56
C PHE B 110 -32.85 -8.98 17.05
N LEU B 111 -33.86 -8.26 17.57
CA LEU B 111 -33.92 -8.02 19.02
C LEU B 111 -33.99 -9.30 19.84
N ASP B 112 -34.83 -10.24 19.40
CA ASP B 112 -34.93 -11.52 20.06
C ASP B 112 -33.57 -12.22 20.08
N LEU B 113 -32.91 -12.20 18.93
CA LEU B 113 -31.63 -12.93 18.85
C LEU B 113 -30.59 -12.31 19.71
N ILE B 114 -30.61 -10.99 19.81
CA ILE B 114 -29.60 -10.30 20.71
C ILE B 114 -29.93 -10.68 22.18
N VAL B 115 -31.23 -10.61 22.59
CA VAL B 115 -31.62 -11.06 23.93
C VAL B 115 -31.14 -12.50 24.26
N ILE B 116 -31.33 -13.39 23.30
CA ILE B 116 -30.92 -14.76 23.49
C ILE B 116 -29.40 -14.83 23.66
N GLN B 117 -28.68 -14.01 22.91
CA GLN B 117 -27.22 -13.98 23.10
C GLN B 117 -26.87 -13.75 24.56
N ILE B 118 -27.56 -12.79 25.17
CA ILE B 118 -27.17 -12.41 26.54
C ILE B 118 -27.68 -13.39 27.54
N GLU B 119 -28.91 -13.86 27.33
CA GLU B 119 -29.46 -14.85 28.26
C GLU B 119 -28.56 -16.07 28.25
N ASN B 120 -28.04 -16.43 27.07
CA ASN B 120 -27.15 -17.56 26.98
C ASN B 120 -25.84 -17.36 27.76
N LEU B 121 -25.27 -16.16 27.68
CA LEU B 121 -24.01 -15.93 28.42
C LEU B 121 -24.32 -15.99 29.93
N ASN B 122 -25.43 -15.40 30.36
CA ASN B 122 -25.79 -15.38 31.79
C ASN B 122 -26.09 -16.77 32.34
N ASN B 123 -26.83 -17.53 31.58
CA ASN B 123 -27.16 -18.90 32.01
C ASN B 123 -25.90 -19.79 32.00
N LYS B 124 -24.98 -19.56 31.07
CA LYS B 124 -23.78 -20.36 31.00
C LYS B 124 -22.72 -20.06 32.05
N TYR B 125 -22.50 -18.80 32.31
CA TYR B 125 -21.44 -18.40 33.21
C TYR B 125 -21.90 -17.95 34.59
N GLY B 126 -23.20 -17.71 34.75
CA GLY B 126 -23.71 -17.27 36.04
C GLY B 126 -23.51 -15.79 36.27
N CYS B 127 -23.11 -15.07 35.22
CA CYS B 127 -22.96 -13.62 35.30
C CYS B 127 -24.38 -13.06 35.05
N LYS B 128 -24.54 -11.76 35.24
CA LYS B 128 -25.83 -11.08 35.02
C LYS B 128 -25.58 -9.86 34.13
N VAL B 129 -25.13 -10.10 32.91
CA VAL B 129 -24.86 -8.98 32.01
C VAL B 129 -26.16 -8.29 31.65
N PRO B 130 -26.23 -6.96 31.81
CA PRO B 130 -27.50 -6.29 31.43
C PRO B 130 -27.51 -5.95 29.96
N LEU B 131 -28.70 -5.96 29.36
CA LEU B 131 -28.81 -5.55 27.95
C LEU B 131 -29.54 -4.20 27.92
N VAL B 132 -29.02 -3.20 27.21
CA VAL B 132 -29.67 -1.88 27.23
C VAL B 132 -30.02 -1.54 25.80
N LEU B 133 -31.30 -1.21 25.53
CA LEU B 133 -31.64 -0.77 24.16
C LEU B 133 -31.89 0.74 24.18
N MET B 134 -31.11 1.49 23.41
CA MET B 134 -31.32 2.94 23.29
C MET B 134 -32.33 3.09 22.15
N ASN B 135 -33.55 3.50 22.48
CA ASN B 135 -34.54 3.74 21.43
C ASN B 135 -34.69 5.25 21.16
N SER B 136 -35.64 5.59 20.28
CA SER B 136 -35.97 7.03 20.09
C SER B 136 -37.49 7.13 20.06
N PHE B 137 -37.98 8.38 20.00
CA PHE B 137 -39.45 8.52 19.95
C PHE B 137 -40.06 7.84 18.75
N ASN B 138 -39.26 7.61 17.73
CA ASN B 138 -39.70 6.89 16.54
C ASN B 138 -39.62 5.36 16.65
N THR B 139 -38.99 4.83 17.70
CA THR B 139 -38.82 3.36 17.81
C THR B 139 -39.24 2.65 19.11
N HIS B 140 -39.67 3.39 20.14
CA HIS B 140 -40.01 2.78 21.44
C HIS B 140 -41.21 1.85 21.35
N ASP B 141 -42.24 2.27 20.64
CA ASP B 141 -43.41 1.41 20.58
C ASP B 141 -43.19 0.01 19.98
N ASP B 142 -42.53 -0.08 18.84
CA ASP B 142 -42.30 -1.38 18.19
C ASP B 142 -41.34 -2.26 19.04
N THR B 143 -40.34 -1.62 19.68
CA THR B 143 -39.38 -2.34 20.52
C THR B 143 -40.04 -2.98 21.76
N HIS B 144 -40.94 -2.24 22.44
CA HIS B 144 -41.61 -2.71 23.65
C HIS B 144 -42.43 -4.00 23.42
N LYS B 145 -43.01 -4.12 22.23
CA LYS B 145 -43.79 -5.32 21.87
C LYS B 145 -42.91 -6.55 21.85
N ILE B 146 -41.68 -6.36 21.37
CA ILE B 146 -40.78 -7.48 21.30
C ILE B 146 -40.22 -7.84 22.64
N VAL B 147 -39.77 -6.84 23.41
CA VAL B 147 -39.16 -7.17 24.69
C VAL B 147 -40.08 -7.56 25.84
N GLU B 148 -41.38 -7.28 25.66
CA GLU B 148 -42.47 -7.62 26.61
C GLU B 148 -42.45 -9.13 26.94
N LYS B 149 -42.01 -9.94 25.99
CA LYS B 149 -41.96 -11.40 26.15
C LYS B 149 -40.88 -11.97 27.06
N TYR B 150 -39.94 -11.15 27.50
CA TYR B 150 -38.84 -11.69 28.27
C TYR B 150 -38.83 -11.40 29.75
N THR B 151 -39.98 -11.04 30.31
CA THR B 151 -40.06 -10.77 31.74
C THR B 151 -39.47 -11.91 32.55
N ASN B 152 -39.73 -13.15 32.15
CA ASN B 152 -39.22 -14.31 32.90
C ASN B 152 -37.89 -14.89 32.45
N SER B 153 -37.06 -14.06 31.83
CA SER B 153 -35.81 -14.50 31.31
C SER B 153 -34.63 -14.06 32.18
N ASN B 154 -33.51 -14.70 31.99
CA ASN B 154 -32.35 -14.35 32.78
C ASN B 154 -31.52 -13.26 32.12
N VAL B 155 -32.18 -12.13 31.86
CA VAL B 155 -31.46 -10.97 31.37
C VAL B 155 -32.35 -9.76 31.74
N ASP B 156 -31.74 -8.76 32.37
CA ASP B 156 -32.44 -7.52 32.67
C ASP B 156 -32.36 -6.70 31.40
N ILE B 157 -33.49 -6.32 30.82
CA ILE B 157 -33.48 -5.53 29.60
C ILE B 157 -33.90 -4.14 29.93
N HIS B 158 -32.95 -3.24 29.85
CA HIS B 158 -33.18 -1.82 30.11
C HIS B 158 -33.52 -1.14 28.79
N THR B 159 -34.38 -0.13 28.90
CA THR B 159 -34.73 0.65 27.72
C THR B 159 -34.75 2.10 28.15
N PHE B 160 -34.40 3.01 27.27
CA PHE B 160 -34.57 4.44 27.54
C PHE B 160 -34.65 5.15 26.19
N ASN B 161 -35.32 6.30 26.12
CA ASN B 161 -35.39 7.05 24.87
C ASN B 161 -34.28 8.10 24.92
N GLN B 162 -33.58 8.27 23.81
CA GLN B 162 -32.53 9.27 23.68
C GLN B 162 -33.18 10.67 23.52
N SER B 163 -32.34 11.67 23.33
CA SER B 163 -32.82 13.04 23.18
C SER B 163 -33.72 13.17 21.97
N LYS B 164 -34.67 14.10 22.10
CA LYS B 164 -35.55 14.41 20.97
C LYS B 164 -35.39 15.94 20.73
N TYR B 165 -34.78 16.29 19.60
CA TYR B 165 -34.49 17.69 19.28
C TYR B 165 -35.40 18.16 18.17
N PRO B 166 -35.57 19.47 18.06
CA PRO B 166 -36.44 19.92 16.99
C PRO B 166 -35.80 20.03 15.65
N ARG B 167 -36.52 19.61 14.61
CA ARG B 167 -36.01 19.82 13.29
C ARG B 167 -36.08 21.36 13.05
N VAL B 168 -35.10 21.87 12.31
CA VAL B 168 -34.97 23.28 12.01
C VAL B 168 -35.26 23.53 10.53
N VAL B 169 -36.24 24.40 10.28
CA VAL B 169 -36.62 24.76 8.92
C VAL B 169 -35.41 25.47 8.28
N ALA B 170 -34.96 24.94 7.15
CA ALA B 170 -33.81 25.49 6.44
C ALA B 170 -34.10 26.86 5.86
N ASP B 171 -35.22 26.97 5.15
CA ASP B 171 -35.63 28.23 4.53
C ASP B 171 -35.66 29.43 5.48
N GLU B 172 -36.07 29.18 6.73
CA GLU B 172 -36.19 30.25 7.73
C GLU B 172 -35.19 30.24 8.90
N PHE B 173 -34.69 29.04 9.21
CA PHE B 173 -33.75 28.80 10.31
C PHE B 173 -34.46 28.92 11.65
N VAL B 174 -35.61 28.27 11.74
CA VAL B 174 -36.39 28.30 12.96
C VAL B 174 -36.90 26.90 13.33
N PRO B 175 -36.99 26.61 14.64
CA PRO B 175 -37.47 25.29 15.05
C PRO B 175 -38.84 25.09 14.41
N TRP B 176 -38.96 24.05 13.60
CA TRP B 176 -40.22 23.76 12.94
C TRP B 176 -41.37 23.66 13.94
N PRO B 177 -41.13 23.07 15.13
CA PRO B 177 -42.28 23.01 16.06
C PRO B 177 -42.79 24.41 16.42
N SER B 178 -41.89 25.29 16.80
CA SER B 178 -42.31 26.66 17.14
C SER B 178 -43.37 27.09 16.11
N LYS B 179 -43.05 26.89 14.83
CA LYS B 179 -43.91 27.25 13.70
C LYS B 179 -45.23 26.49 13.63
N GLY B 180 -45.48 25.63 14.62
CA GLY B 180 -46.70 24.85 14.65
C GLY B 180 -46.56 23.37 14.34
N LYS B 181 -45.40 22.94 13.85
CA LYS B 181 -45.19 21.51 13.54
C LYS B 181 -44.63 20.82 14.78
N THR B 182 -45.52 20.50 15.72
CA THR B 182 -45.08 19.86 16.96
C THR B 182 -45.27 18.36 16.95
N ASP B 183 -46.04 17.86 15.98
CA ASP B 183 -46.23 16.42 15.85
C ASP B 183 -44.86 15.80 15.52
N LYS B 184 -44.87 14.52 15.18
CA LYS B 184 -43.65 13.76 14.90
C LYS B 184 -42.60 14.45 14.00
N GLU B 185 -42.95 14.67 12.73
CA GLU B 185 -42.03 15.27 11.78
C GLU B 185 -41.43 16.58 12.29
N GLY B 186 -41.88 17.04 13.44
CA GLY B 186 -41.28 18.28 13.93
C GLY B 186 -40.01 17.92 14.68
N TRP B 187 -39.77 16.63 14.95
CA TRP B 187 -38.60 16.29 15.74
C TRP B 187 -37.80 15.11 15.23
N TYR B 188 -36.68 14.87 15.90
CA TYR B 188 -35.76 13.80 15.51
C TYR B 188 -34.78 13.49 16.63
N PRO B 189 -34.30 12.23 16.68
CA PRO B 189 -33.32 11.87 17.73
C PRO B 189 -31.99 12.29 17.09
N PRO B 190 -31.09 12.97 17.84
CA PRO B 190 -29.82 13.46 17.29
C PRO B 190 -28.62 12.56 17.04
N GLY B 191 -28.89 11.47 16.33
CA GLY B 191 -27.86 10.50 15.93
C GLY B 191 -27.36 9.63 17.07
N HIS B 192 -26.49 8.67 16.77
CA HIS B 192 -26.00 7.83 17.87
C HIS B 192 -24.92 8.51 18.72
N GLY B 193 -24.38 9.65 18.29
CA GLY B 193 -23.42 10.38 19.14
C GLY B 193 -24.11 10.83 20.43
N ASP B 194 -25.42 10.86 20.41
CA ASP B 194 -26.22 11.26 21.58
C ASP B 194 -26.21 10.15 22.68
N VAL B 195 -25.71 8.97 22.36
CA VAL B 195 -25.71 7.89 23.35
C VAL B 195 -25.00 8.28 24.65
N PHE B 196 -23.92 9.06 24.54
CA PHE B 196 -23.16 9.35 25.77
C PHE B 196 -23.99 10.26 26.69
N PRO B 197 -24.39 11.45 26.22
CA PRO B 197 -25.19 12.23 27.15
C PRO B 197 -26.48 11.50 27.58
N ALA B 198 -27.10 10.79 26.63
CA ALA B 198 -28.36 10.11 26.95
C ALA B 198 -28.20 8.99 27.99
N LEU B 199 -27.21 8.13 27.82
CA LEU B 199 -27.02 7.05 28.77
C LEU B 199 -26.73 7.75 30.13
N MET B 200 -26.04 8.90 30.06
CA MET B 200 -25.76 9.72 31.25
C MET B 200 -27.06 10.38 31.81
N ASN B 201 -27.86 11.05 30.97
CA ASN B 201 -29.14 11.72 31.35
C ASN B 201 -30.18 10.71 31.91
N SER B 202 -30.13 9.48 31.39
CA SER B 202 -31.08 8.44 31.78
C SER B 202 -30.90 7.95 33.21
N GLY B 203 -29.77 8.27 33.83
CA GLY B 203 -29.47 7.80 35.16
C GLY B 203 -28.83 6.39 35.15
N LYS B 204 -28.95 5.73 34.01
CA LYS B 204 -28.46 4.37 33.80
C LYS B 204 -26.95 4.14 34.11
N LEU B 205 -26.10 5.04 33.62
CA LEU B 205 -24.65 4.87 33.79
C LEU B 205 -24.20 4.85 35.25
N ASP B 206 -24.67 5.81 36.05
CA ASP B 206 -24.27 5.80 37.46
C ASP B 206 -24.67 4.50 38.18
N THR B 207 -25.86 4.01 37.88
CA THR B 207 -26.29 2.76 38.49
C THR B 207 -25.30 1.59 38.16
N PHE B 208 -24.91 1.46 36.89
CA PHE B 208 -24.00 0.40 36.47
C PHE B 208 -22.64 0.58 37.13
N LEU B 209 -22.15 1.82 37.20
CA LEU B 209 -20.88 2.03 37.87
C LEU B 209 -21.06 1.58 39.32
N SER B 210 -22.22 1.93 39.89
CA SER B 210 -22.54 1.57 41.26
C SER B 210 -22.57 0.07 41.36
N GLN B 211 -22.76 -0.62 40.26
CA GLN B 211 -22.82 -2.05 40.29
C GLN B 211 -21.50 -2.74 39.98
N GLY B 212 -20.44 -1.99 39.75
CA GLY B 212 -19.17 -2.59 39.45
C GLY B 212 -18.93 -2.80 37.96
N LYS B 213 -19.78 -2.23 37.09
CA LYS B 213 -19.51 -2.38 35.66
C LYS B 213 -18.42 -1.37 35.26
N GLU B 214 -17.62 -1.73 34.28
CA GLU B 214 -16.53 -0.91 33.81
C GLU B 214 -16.57 -0.44 32.37
N TYR B 215 -17.20 -1.24 31.51
CA TYR B 215 -17.27 -0.96 30.10
C TYR B 215 -18.62 -1.27 29.51
N VAL B 216 -18.92 -0.51 28.47
CA VAL B 216 -20.17 -0.74 27.75
C VAL B 216 -19.72 -1.07 26.33
N PHE B 217 -20.36 -2.10 25.79
CA PHE B 217 -20.07 -2.49 24.38
C PHE B 217 -21.28 -2.06 23.57
N VAL B 218 -21.06 -1.13 22.63
CA VAL B 218 -22.12 -0.50 21.82
C VAL B 218 -22.08 -0.96 20.40
N ALA B 219 -23.26 -1.28 19.87
CA ALA B 219 -23.33 -1.66 18.42
C ALA B 219 -24.74 -1.42 17.94
N ASN B 220 -24.92 -1.43 16.61
CA ASN B 220 -26.27 -1.28 16.02
C ASN B 220 -27.25 -2.41 16.47
N SER B 221 -28.53 -2.11 16.65
CA SER B 221 -29.47 -3.15 17.08
C SER B 221 -29.83 -4.14 15.97
N ASP B 222 -29.34 -3.91 14.76
CA ASP B 222 -29.64 -4.83 13.67
C ASP B 222 -28.37 -5.58 13.20
N ASN B 223 -27.25 -5.51 13.97
CA ASN B 223 -26.01 -6.18 13.57
C ASN B 223 -25.80 -7.41 14.46
N LEU B 224 -26.14 -8.57 13.95
CA LEU B 224 -26.00 -9.81 14.71
C LEU B 224 -24.55 -10.25 14.92
N GLY B 225 -23.63 -9.71 14.15
CA GLY B 225 -22.25 -10.18 14.32
C GLY B 225 -21.58 -9.56 15.56
N ALA B 226 -22.21 -8.53 16.11
CA ALA B 226 -21.65 -7.83 17.28
C ALA B 226 -21.98 -8.59 18.60
N ILE B 227 -21.20 -9.63 18.91
CA ILE B 227 -21.50 -10.43 20.13
C ILE B 227 -20.48 -10.12 21.19
N VAL B 228 -20.90 -10.20 22.43
CA VAL B 228 -19.94 -9.89 23.51
C VAL B 228 -18.66 -10.75 23.31
N ASP B 229 -17.47 -10.11 23.38
CA ASP B 229 -16.19 -10.83 23.21
C ASP B 229 -15.31 -10.39 24.41
N LEU B 230 -15.03 -11.32 25.33
CA LEU B 230 -14.24 -10.91 26.51
C LEU B 230 -12.75 -10.76 26.26
N THR B 231 -12.23 -11.20 25.13
CA THR B 231 -10.79 -10.93 24.91
C THR B 231 -10.59 -9.47 24.76
N ILE B 232 -11.54 -8.80 24.09
CA ILE B 232 -11.45 -7.37 23.89
C ILE B 232 -11.59 -6.61 25.21
N LEU B 233 -12.63 -6.89 25.98
CA LEU B 233 -12.81 -6.16 27.23
C LEU B 233 -11.59 -6.33 28.17
N LYS B 234 -11.08 -7.53 28.26
CA LYS B 234 -9.91 -7.83 29.11
C LYS B 234 -8.75 -6.96 28.64
N HIS B 235 -8.52 -6.80 27.35
CA HIS B 235 -7.43 -5.94 26.87
C HIS B 235 -7.58 -4.48 27.31
N LEU B 236 -8.79 -3.94 27.21
CA LEU B 236 -8.96 -2.52 27.55
C LEU B 236 -8.66 -2.28 29.03
N ILE B 237 -9.11 -3.20 29.86
CA ILE B 237 -8.90 -3.10 31.30
C ILE B 237 -7.40 -3.21 31.62
N GLN B 238 -6.74 -4.21 31.05
CA GLN B 238 -5.30 -4.42 31.35
C GLN B 238 -4.49 -3.23 30.90
N ASN B 239 -4.89 -2.51 29.84
CA ASN B 239 -4.14 -1.38 29.32
C ASN B 239 -4.77 -0.08 29.63
N LYS B 240 -5.84 -0.16 30.40
CA LYS B 240 -6.60 1.00 30.76
C LYS B 240 -6.93 1.86 29.50
N ASN B 241 -7.53 1.20 28.48
CA ASN B 241 -7.92 1.91 27.25
C ASN B 241 -9.31 2.57 27.52
N GLU B 242 -9.47 3.90 27.33
CA GLU B 242 -10.75 4.50 27.63
C GLU B 242 -11.81 4.30 26.54
N TYR B 243 -11.39 3.97 25.34
CA TYR B 243 -12.33 3.81 24.24
C TYR B 243 -11.64 2.86 23.26
N CYS B 244 -12.40 2.00 22.56
CA CYS B 244 -11.83 1.09 21.58
C CYS B 244 -12.89 0.99 20.50
N MET B 245 -12.49 1.32 19.29
CA MET B 245 -13.40 1.18 18.16
C MET B 245 -12.99 -0.07 17.36
N GLU B 246 -13.86 -1.10 17.24
CA GLU B 246 -13.55 -2.28 16.40
C GLU B 246 -13.57 -1.91 14.93
N VAL B 247 -12.49 -2.31 14.22
CA VAL B 247 -12.42 -2.05 12.80
C VAL B 247 -12.20 -3.38 12.13
N THR B 248 -12.48 -3.39 10.84
CA THR B 248 -12.33 -4.59 10.06
C THR B 248 -11.74 -4.13 8.73
N PRO B 249 -11.02 -5.02 8.05
CA PRO B 249 -10.39 -4.66 6.77
C PRO B 249 -11.27 -4.07 5.68
N LYS B 250 -10.80 -3.00 5.01
CA LYS B 250 -11.55 -2.42 3.89
C LYS B 250 -11.45 -3.31 2.63
N THR B 251 -12.58 -3.46 1.95
CA THR B 251 -12.64 -4.22 0.72
C THR B 251 -13.09 -3.22 -0.34
N LEU B 252 -13.35 -3.69 -1.56
CA LEU B 252 -13.76 -2.78 -2.63
C LEU B 252 -15.01 -1.97 -2.31
N ALA B 253 -16.00 -2.65 -1.74
CA ALA B 253 -17.25 -2.01 -1.37
C ALA B 253 -17.11 -1.05 -0.17
N ASP B 254 -15.92 -0.97 0.41
CA ASP B 254 -15.78 -0.15 1.61
C ASP B 254 -15.01 1.16 1.47
N VAL B 255 -14.68 1.51 0.24
CA VAL B 255 -13.90 2.71 -0.02
C VAL B 255 -14.31 4.01 0.68
N LYS B 256 -15.61 4.24 0.82
CA LYS B 256 -16.07 5.49 1.42
C LYS B 256 -16.26 5.45 2.93
N GLY B 257 -16.09 4.28 3.53
CA GLY B 257 -16.29 4.16 4.95
C GLY B 257 -15.31 4.98 5.75
N GLY B 258 -15.71 5.36 6.98
CA GLY B 258 -14.83 6.11 7.88
C GLY B 258 -13.63 5.24 8.33
N THR B 259 -12.44 5.83 8.47
CA THR B 259 -11.30 5.00 8.83
C THR B 259 -10.63 5.55 10.10
N LEU B 260 -9.66 4.83 10.65
CA LEU B 260 -8.95 5.34 11.80
C LEU B 260 -7.58 5.77 11.38
N ILE B 261 -7.21 6.99 11.78
CA ILE B 261 -5.91 7.54 11.48
C ILE B 261 -5.29 8.06 12.74
N SER B 262 -4.03 8.44 12.62
CA SER B 262 -3.32 9.06 13.71
C SER B 262 -3.31 10.55 13.31
N TYR B 263 -3.44 11.40 14.30
CA TYR B 263 -3.43 12.82 14.04
C TYR B 263 -3.20 13.54 15.36
N GLU B 264 -2.44 14.65 15.32
CA GLU B 264 -2.08 15.45 16.50
C GLU B 264 -1.88 14.66 17.78
N GLY B 265 -1.34 13.44 17.68
CA GLY B 265 -1.12 12.64 18.88
C GLY B 265 -2.30 11.79 19.37
N LYS B 266 -3.45 11.90 18.70
CA LYS B 266 -4.65 11.15 19.11
C LYS B 266 -5.30 10.46 17.93
N VAL B 267 -6.01 9.37 18.18
CA VAL B 267 -6.65 8.70 17.07
C VAL B 267 -8.05 9.32 16.90
N GLN B 268 -8.54 9.43 15.68
CA GLN B 268 -9.86 10.01 15.52
C GLN B 268 -10.54 9.57 14.26
N LEU B 269 -11.85 9.72 14.29
CA LEU B 269 -12.75 9.37 13.19
C LEU B 269 -12.80 10.43 12.09
N LEU B 270 -12.51 10.05 10.85
CA LEU B 270 -12.51 10.99 9.72
C LEU B 270 -13.66 10.57 8.77
N GLU B 271 -14.59 11.48 8.51
CA GLU B 271 -15.71 11.20 7.62
C GLU B 271 -15.64 12.17 6.45
N ILE B 272 -15.91 11.67 5.23
CA ILE B 272 -15.79 12.47 3.99
C ILE B 272 -16.25 13.92 4.12
N ALA B 273 -17.12 14.20 5.06
CA ALA B 273 -17.53 15.59 5.26
C ALA B 273 -16.37 16.51 5.72
N GLN B 274 -15.40 15.97 6.43
CA GLN B 274 -14.30 16.76 6.89
C GLN B 274 -13.14 16.64 5.90
N VAL B 275 -13.42 16.03 4.75
CA VAL B 275 -12.37 15.88 3.74
C VAL B 275 -12.55 16.91 2.62
N PRO B 276 -11.56 17.80 2.44
CA PRO B 276 -11.62 18.82 1.38
C PRO B 276 -11.69 18.17 0.01
N ASP B 277 -12.52 18.73 -0.85
CA ASP B 277 -12.72 18.21 -2.19
C ASP B 277 -11.49 17.68 -2.91
N GLU B 278 -10.34 18.28 -2.67
CA GLU B 278 -9.07 17.91 -3.28
C GLU B 278 -8.49 16.55 -2.91
N HIS B 279 -8.80 16.06 -1.71
CA HIS B 279 -8.24 14.79 -1.25
C HIS B 279 -9.18 13.58 -1.23
N VAL B 280 -10.41 13.74 -1.73
CA VAL B 280 -11.37 12.63 -1.74
C VAL B 280 -10.89 11.32 -2.38
N ASN B 281 -10.40 11.40 -3.61
CA ASN B 281 -9.93 10.20 -4.29
C ASN B 281 -8.83 9.52 -3.51
N GLU B 282 -8.06 10.30 -2.76
CA GLU B 282 -7.00 9.72 -1.96
C GLU B 282 -7.70 9.03 -0.80
N PHE B 283 -8.78 9.65 -0.34
CA PHE B 283 -9.60 9.15 0.76
C PHE B 283 -10.19 7.78 0.43
N LYS B 284 -10.76 7.65 -0.75
CA LYS B 284 -11.40 6.41 -1.20
C LYS B 284 -10.48 5.27 -1.65
N SER B 285 -9.16 5.45 -1.51
CA SER B 285 -8.21 4.42 -1.91
C SER B 285 -7.99 3.38 -0.82
N ILE B 286 -8.50 2.17 -1.02
CA ILE B 286 -8.34 1.13 -0.01
C ILE B 286 -6.86 0.83 0.20
N GLU B 287 -6.03 1.65 -0.43
CA GLU B 287 -4.58 1.52 -0.33
C GLU B 287 -4.10 2.47 0.78
N LYS B 288 -4.53 3.72 0.70
CA LYS B 288 -4.14 4.75 1.67
C LYS B 288 -4.85 4.62 3.03
N PHE B 289 -6.16 4.38 3.00
CA PHE B 289 -6.96 4.20 4.25
C PHE B 289 -7.51 2.81 4.07
N LYS B 290 -7.01 1.91 4.90
CA LYS B 290 -7.36 0.52 4.75
C LYS B 290 -8.36 -0.06 5.69
N ILE B 291 -8.87 0.79 6.59
CA ILE B 291 -9.80 0.30 7.61
C ILE B 291 -11.07 1.10 7.69
N PHE B 292 -12.07 0.44 8.29
CA PHE B 292 -13.30 1.10 8.47
C PHE B 292 -14.00 0.60 9.74
N ASN B 293 -14.64 1.56 10.36
CA ASN B 293 -15.38 1.42 11.60
C ASN B 293 -16.55 0.49 11.41
N THR B 294 -16.69 -0.44 12.35
CA THR B 294 -17.84 -1.39 12.33
C THR B 294 -18.99 -0.83 13.18
N ASN B 295 -18.68 0.17 13.99
CA ASN B 295 -19.56 0.79 15.01
C ASN B 295 -19.77 -0.11 16.25
N ASN B 296 -18.94 -1.16 16.42
CA ASN B 296 -18.92 -2.01 17.63
C ASN B 296 -17.85 -1.23 18.46
N LEU B 297 -18.31 -0.57 19.51
CA LEU B 297 -17.47 0.38 20.28
C LEU B 297 -17.52 0.03 21.76
N TRP B 298 -16.33 -0.12 22.40
CA TRP B 298 -16.23 -0.51 23.83
C TRP B 298 -15.72 0.72 24.57
N VAL B 299 -16.51 1.22 25.51
CA VAL B 299 -16.16 2.47 26.15
C VAL B 299 -16.24 2.43 27.65
N ASN B 300 -15.09 2.73 28.26
CA ASN B 300 -15.05 2.74 29.73
C ASN B 300 -16.10 3.69 30.32
N LEU B 301 -16.91 3.19 31.25
CA LEU B 301 -18.00 4.01 31.84
C LEU B 301 -17.53 5.20 32.67
N LYS B 302 -16.47 5.02 33.42
CA LYS B 302 -15.98 6.16 34.18
C LYS B 302 -15.55 7.31 33.28
N ALA B 303 -14.87 6.98 32.18
CA ALA B 303 -14.40 8.00 31.22
C ALA B 303 -15.64 8.70 30.66
N ILE B 304 -16.72 7.95 30.33
CA ILE B 304 -17.94 8.60 29.84
C ILE B 304 -18.49 9.62 30.83
N LYS B 305 -18.63 9.23 32.08
CA LYS B 305 -19.13 10.11 33.10
C LYS B 305 -18.26 11.36 33.20
N LYS B 306 -16.96 11.22 33.28
CA LYS B 306 -16.12 12.41 33.39
C LYS B 306 -16.26 13.36 32.19
N LEU B 307 -16.24 12.83 30.97
CA LEU B 307 -16.26 13.71 29.80
C LEU B 307 -17.64 14.35 29.54
N VAL B 308 -18.72 13.61 29.78
CA VAL B 308 -20.04 14.20 29.54
C VAL B 308 -20.28 15.33 30.56
N GLU B 309 -19.88 15.04 31.78
CA GLU B 309 -20.09 16.00 32.88
C GLU B 309 -19.29 17.28 32.74
N ALA B 310 -18.15 17.16 32.07
CA ALA B 310 -17.27 18.29 31.85
C ALA B 310 -17.53 18.93 30.50
N ASP B 311 -18.62 18.47 29.86
CA ASP B 311 -19.08 18.93 28.55
C ASP B 311 -17.86 19.04 27.63
N ALA B 312 -17.19 17.91 27.44
CA ALA B 312 -16.00 17.83 26.62
C ALA B 312 -16.21 17.13 25.27
N LEU B 313 -17.39 16.51 25.06
CA LEU B 313 -17.61 15.76 23.80
C LEU B 313 -18.17 16.72 22.76
N LYS B 314 -17.25 17.19 21.90
CA LYS B 314 -17.56 18.15 20.85
C LYS B 314 -17.41 17.48 19.50
N MET B 315 -18.20 16.43 19.25
CA MET B 315 -18.11 15.70 17.99
C MET B 315 -18.48 16.58 16.85
N GLU B 316 -17.94 16.23 15.68
CA GLU B 316 -18.26 17.01 14.50
C GLU B 316 -19.73 17.04 14.30
N ILE B 317 -20.21 18.19 13.77
CA ILE B 317 -21.63 18.34 13.53
C ILE B 317 -21.96 17.83 12.14
N ILE B 318 -22.88 16.87 12.10
CA ILE B 318 -23.38 16.32 10.86
C ILE B 318 -24.67 17.13 10.66
N PRO B 319 -24.69 18.06 9.69
CA PRO B 319 -25.91 18.85 9.48
C PRO B 319 -27.09 18.18 8.79
N ASN B 320 -26.83 17.16 7.96
CA ASN B 320 -27.91 16.40 7.29
C ASN B 320 -29.08 17.19 6.64
N PRO B 321 -28.79 18.17 5.76
CA PRO B 321 -29.85 18.96 5.09
C PRO B 321 -30.83 18.02 4.35
N LYS B 322 -32.14 18.18 4.60
CA LYS B 322 -33.15 17.30 4.00
C LYS B 322 -34.51 18.02 3.81
N GLU B 323 -35.44 17.37 3.11
CA GLU B 323 -36.75 17.97 2.87
C GLU B 323 -37.91 17.09 3.33
N VAL B 324 -38.77 17.64 4.19
CA VAL B 324 -39.93 16.94 4.74
C VAL B 324 -41.14 17.89 4.60
N ASP B 325 -42.28 17.35 4.17
CA ASP B 325 -43.49 18.16 4.00
C ASP B 325 -43.28 19.38 3.09
N GLY B 326 -42.40 19.26 2.10
CA GLY B 326 -42.16 20.37 1.21
C GLY B 326 -41.35 21.50 1.86
N VAL B 327 -40.53 21.14 2.85
CA VAL B 327 -39.69 22.14 3.53
C VAL B 327 -38.25 21.69 3.78
N LYS B 328 -37.32 22.56 3.41
CA LYS B 328 -35.90 22.32 3.59
C LYS B 328 -35.60 22.42 5.09
N VAL B 329 -34.93 21.41 5.64
CA VAL B 329 -34.58 21.42 7.06
C VAL B 329 -33.16 20.91 7.31
N LEU B 330 -32.61 21.32 8.46
CA LEU B 330 -31.31 20.87 8.92
C LEU B 330 -31.59 19.96 10.12
N GLN B 331 -30.91 18.83 10.18
CA GLN B 331 -31.07 17.89 11.28
C GLN B 331 -29.66 17.71 11.85
N LEU B 332 -29.35 18.48 12.91
CA LEU B 332 -28.03 18.48 13.52
C LEU B 332 -27.78 17.23 14.38
N GLU B 333 -26.73 16.49 14.06
CA GLU B 333 -26.45 15.27 14.83
C GLU B 333 -24.95 15.02 14.98
N THR B 334 -24.61 14.01 15.77
CA THR B 334 -23.22 13.62 15.92
C THR B 334 -23.11 12.10 15.89
N ALA B 335 -21.89 11.61 15.63
CA ALA B 335 -21.65 10.17 15.52
C ALA B 335 -20.98 9.68 16.82
N ALA B 336 -21.39 8.52 17.32
CA ALA B 336 -20.73 8.04 18.52
C ALA B 336 -19.24 7.74 18.33
N GLY B 337 -18.88 7.23 17.15
CA GLY B 337 -17.48 6.90 16.89
C GLY B 337 -16.66 8.16 16.86
N ALA B 338 -17.30 9.29 16.59
CA ALA B 338 -16.55 10.58 16.51
C ALA B 338 -16.04 11.00 17.91
N ALA B 339 -16.63 10.44 18.94
CA ALA B 339 -16.19 10.79 20.27
C ALA B 339 -14.80 10.27 20.64
N ILE B 340 -14.29 9.27 19.91
CA ILE B 340 -13.03 8.64 20.30
C ILE B 340 -11.90 9.65 20.51
N ARG B 341 -11.89 10.70 19.73
CA ARG B 341 -10.76 11.64 19.96
C ARG B 341 -10.64 12.27 21.37
N PHE B 342 -11.73 12.27 22.13
CA PHE B 342 -11.71 12.89 23.47
C PHE B 342 -11.34 11.91 24.57
N PHE B 343 -11.16 10.62 24.23
CA PHE B 343 -10.85 9.62 25.25
C PHE B 343 -9.37 9.30 25.33
N ASP B 344 -8.90 9.12 26.55
CA ASP B 344 -7.48 8.90 26.68
C ASP B 344 -7.11 7.52 26.38
N ASN B 345 -5.94 7.36 25.77
CA ASN B 345 -5.44 6.04 25.46
C ASN B 345 -6.46 5.26 24.63
N ALA B 346 -7.05 5.96 23.68
CA ALA B 346 -8.05 5.30 22.80
C ALA B 346 -7.34 4.51 21.70
N ILE B 347 -7.98 3.42 21.26
CA ILE B 347 -7.47 2.56 20.21
C ILE B 347 -8.56 2.02 19.30
N GLY B 348 -8.11 1.25 18.31
CA GLY B 348 -9.00 0.47 17.46
C GLY B 348 -8.50 -0.97 17.64
N VAL B 349 -9.36 -1.96 17.33
CA VAL B 349 -8.95 -3.37 17.31
C VAL B 349 -9.37 -3.92 15.96
N ASN B 350 -8.44 -4.57 15.23
CA ASN B 350 -8.79 -5.09 13.88
C ASN B 350 -9.39 -6.48 14.06
N VAL B 351 -10.70 -6.62 13.83
CA VAL B 351 -11.39 -7.90 13.99
C VAL B 351 -11.79 -8.49 12.63
N PRO B 352 -12.02 -9.80 12.57
CA PRO B 352 -12.43 -10.44 11.31
C PRO B 352 -13.82 -9.94 10.97
N ARG B 353 -14.17 -10.02 9.68
CA ARG B 353 -15.49 -9.58 9.26
C ARG B 353 -16.65 -10.33 9.87
N SER B 354 -16.39 -11.43 10.58
CA SER B 354 -17.46 -12.20 11.21
C SER B 354 -18.15 -11.34 12.27
N ARG B 355 -17.48 -10.27 12.70
CA ARG B 355 -18.10 -9.44 13.72
C ARG B 355 -18.82 -8.28 13.10
N PHE B 356 -18.89 -8.31 11.78
CA PHE B 356 -19.55 -7.27 11.02
C PHE B 356 -20.50 -7.89 10.00
N LEU B 357 -21.76 -8.00 10.42
CA LEU B 357 -22.84 -8.60 9.61
C LEU B 357 -24.12 -7.80 9.91
N PRO B 358 -24.22 -6.55 9.38
CA PRO B 358 -25.18 -5.42 9.39
C PRO B 358 -26.41 -5.56 8.46
N VAL B 359 -27.39 -4.58 8.52
CA VAL B 359 -28.59 -4.56 7.60
C VAL B 359 -28.82 -3.16 7.00
N LYS B 360 -28.07 -2.82 5.96
CA LYS B 360 -28.17 -1.52 5.32
C LYS B 360 -29.29 -1.49 4.29
N ALA B 361 -29.55 -2.65 3.70
CA ALA B 361 -30.56 -2.84 2.65
C ALA B 361 -31.14 -4.25 2.69
N SER B 362 -32.24 -4.48 1.99
CA SER B 362 -32.86 -5.80 2.04
C SER B 362 -31.91 -6.94 1.52
N SER B 363 -30.89 -6.63 0.72
CA SER B 363 -29.92 -7.64 0.27
C SER B 363 -29.09 -8.11 1.51
N ASP B 364 -28.90 -7.23 2.48
CA ASP B 364 -28.15 -7.60 3.73
C ASP B 364 -29.06 -8.45 4.61
N LEU B 365 -30.36 -8.18 4.56
CA LEU B 365 -31.31 -8.95 5.32
C LEU B 365 -31.34 -10.38 4.75
N LEU B 366 -31.32 -10.51 3.40
CA LEU B 366 -31.30 -11.84 2.76
C LEU B 366 -30.09 -12.61 3.32
N LEU B 367 -28.93 -11.97 3.35
CA LEU B 367 -27.81 -12.72 3.90
C LEU B 367 -28.00 -13.28 5.29
N VAL B 368 -28.52 -12.52 6.23
CA VAL B 368 -28.58 -13.06 7.60
C VAL B 368 -29.77 -13.99 7.78
N GLN B 369 -30.75 -13.93 6.84
CA GLN B 369 -31.89 -14.83 6.89
C GLN B 369 -31.57 -16.17 6.23
N SER B 370 -30.44 -16.25 5.53
CA SER B 370 -30.06 -17.41 4.69
C SER B 370 -29.25 -18.51 5.38
N ASP B 371 -29.03 -19.57 4.62
CA ASP B 371 -28.30 -20.71 5.09
C ASP B 371 -26.79 -20.47 5.09
N LEU B 372 -26.38 -19.21 4.99
CA LEU B 372 -24.94 -18.95 5.23
C LEU B 372 -24.80 -19.12 6.75
N TYR B 373 -25.91 -18.98 7.47
CA TYR B 373 -25.97 -19.15 8.92
C TYR B 373 -27.04 -20.14 9.37
N THR B 374 -26.75 -20.74 10.50
CA THR B 374 -27.64 -21.68 11.18
C THR B 374 -28.03 -20.80 12.38
N LEU B 375 -29.07 -21.14 13.13
CA LEU B 375 -29.36 -20.36 14.33
C LEU B 375 -28.88 -21.28 15.47
N VAL B 376 -27.68 -21.03 15.99
CA VAL B 376 -27.12 -21.88 17.06
C VAL B 376 -26.96 -21.18 18.41
N ASP B 377 -27.97 -21.35 19.24
CA ASP B 377 -28.05 -20.75 20.55
C ASP B 377 -28.14 -19.27 20.60
N GLY B 378 -29.03 -18.71 19.79
CA GLY B 378 -29.19 -17.27 19.80
C GLY B 378 -28.21 -16.53 18.93
N PHE B 379 -27.15 -17.21 18.47
CA PHE B 379 -26.18 -16.58 17.60
C PHE B 379 -26.46 -16.92 16.13
N VAL B 380 -26.32 -15.91 15.28
CA VAL B 380 -26.43 -16.13 13.85
C VAL B 380 -25.07 -16.72 13.56
N THR B 381 -25.14 -18.03 13.36
CA THR B 381 -23.98 -18.85 13.24
C THR B 381 -23.52 -19.25 11.92
N ARG B 382 -22.21 -19.26 11.78
CA ARG B 382 -21.75 -19.71 10.54
C ARG B 382 -22.10 -21.20 10.34
N ASN B 383 -22.76 -21.45 9.22
CA ASN B 383 -23.14 -22.79 8.83
C ASN B 383 -21.78 -23.46 8.61
N LYS B 384 -21.62 -24.63 9.23
CA LYS B 384 -20.35 -25.33 9.09
C LYS B 384 -20.10 -25.67 7.62
N ALA B 385 -21.15 -25.86 6.80
CA ALA B 385 -20.98 -26.12 5.36
C ALA B 385 -20.34 -24.94 4.62
N ARG B 386 -20.43 -23.74 5.16
CA ARG B 386 -19.86 -22.56 4.54
C ARG B 386 -18.45 -22.33 5.10
N THR B 387 -17.46 -22.80 4.35
CA THR B 387 -16.07 -22.63 4.81
C THR B 387 -15.40 -21.35 4.27
N ASN B 388 -16.02 -20.68 3.30
CA ASN B 388 -15.50 -19.43 2.80
C ASN B 388 -16.17 -18.32 3.66
N PRO B 389 -15.43 -17.63 4.48
CA PRO B 389 -15.93 -16.57 5.37
C PRO B 389 -16.48 -15.32 4.66
N SER B 390 -16.10 -15.08 3.42
CA SER B 390 -16.74 -13.93 2.71
C SER B 390 -18.18 -14.28 2.41
N ASN B 391 -18.94 -13.19 2.18
CA ASN B 391 -20.34 -13.29 1.79
C ASN B 391 -20.51 -12.92 0.32
N PRO B 392 -21.40 -13.61 -0.37
CA PRO B 392 -21.64 -13.30 -1.80
C PRO B 392 -22.20 -11.90 -1.93
N SER B 393 -21.93 -11.23 -3.04
CA SER B 393 -22.50 -9.89 -3.24
C SER B 393 -23.93 -10.06 -3.76
N ILE B 394 -24.86 -9.32 -3.20
CA ILE B 394 -26.24 -9.47 -3.69
C ILE B 394 -26.71 -8.05 -3.94
N GLU B 395 -27.47 -7.88 -5.02
CA GLU B 395 -28.03 -6.57 -5.35
C GLU B 395 -29.35 -6.90 -6.05
N LEU B 396 -30.40 -6.48 -5.40
CA LEU B 396 -31.77 -6.67 -5.87
C LEU B 396 -32.24 -5.28 -6.38
N GLY B 397 -33.10 -5.27 -7.41
CA GLY B 397 -33.61 -4.02 -7.93
C GLY B 397 -34.55 -3.40 -6.94
N PRO B 398 -35.03 -2.17 -7.20
CA PRO B 398 -35.93 -1.47 -6.27
C PRO B 398 -37.25 -2.09 -5.83
N GLU B 399 -37.73 -3.14 -6.50
CA GLU B 399 -38.96 -3.79 -6.08
C GLU B 399 -38.76 -4.51 -4.75
N PHE B 400 -37.49 -4.69 -4.42
CA PHE B 400 -37.03 -5.44 -3.22
C PHE B 400 -36.53 -4.52 -2.17
N LYS B 401 -36.58 -3.25 -2.46
CA LYS B 401 -36.06 -2.30 -1.50
C LYS B 401 -36.82 -2.24 -0.15
N LYS B 402 -38.14 -2.28 -0.17
CA LYS B 402 -38.92 -2.26 1.09
C LYS B 402 -39.04 -3.67 1.62
N VAL B 403 -38.97 -3.85 2.96
CA VAL B 403 -39.05 -5.18 3.53
C VAL B 403 -40.29 -5.94 3.12
N ALA B 404 -41.43 -5.26 3.12
CA ALA B 404 -42.64 -5.99 2.78
C ALA B 404 -42.55 -6.60 1.39
N THR B 405 -42.01 -5.86 0.41
CA THR B 405 -41.98 -6.39 -0.97
C THR B 405 -40.85 -7.41 -1.23
N PHE B 406 -39.79 -7.21 -0.49
CA PHE B 406 -38.69 -8.16 -0.53
C PHE B 406 -39.23 -9.50 0.02
N LEU B 407 -39.93 -9.47 1.17
CA LEU B 407 -40.50 -10.69 1.74
C LEU B 407 -41.49 -11.43 0.88
N SER B 408 -42.30 -10.67 0.16
CA SER B 408 -43.32 -11.24 -0.70
C SER B 408 -42.69 -11.88 -1.92
N ARG B 409 -41.54 -11.35 -2.35
CA ARG B 409 -40.91 -11.86 -3.54
C ARG B 409 -40.07 -13.13 -3.34
N PHE B 410 -39.92 -13.60 -2.11
CA PHE B 410 -39.21 -14.83 -1.84
C PHE B 410 -40.16 -15.73 -1.12
N LYS B 411 -40.81 -16.60 -1.89
CA LYS B 411 -41.79 -17.50 -1.31
C LYS B 411 -41.12 -18.23 -0.14
N SER B 412 -39.90 -18.72 -0.34
CA SER B 412 -39.17 -19.28 0.80
C SER B 412 -37.81 -18.66 0.56
N ILE B 413 -36.99 -18.65 1.58
CA ILE B 413 -35.66 -18.06 1.43
C ILE B 413 -34.84 -19.08 0.66
N PRO B 414 -34.28 -18.72 -0.51
CA PRO B 414 -33.51 -19.71 -1.30
C PRO B 414 -32.23 -20.09 -0.59
N SER B 415 -31.70 -21.25 -0.95
CA SER B 415 -30.42 -21.66 -0.38
C SER B 415 -29.35 -20.92 -1.16
N ILE B 416 -28.40 -20.28 -0.46
CA ILE B 416 -27.36 -19.51 -1.11
C ILE B 416 -26.00 -19.83 -0.53
N VAL B 417 -25.97 -20.94 0.19
CA VAL B 417 -24.69 -21.34 0.85
C VAL B 417 -23.56 -21.58 -0.17
N GLU B 418 -23.95 -21.90 -1.41
CA GLU B 418 -23.00 -22.12 -2.50
C GLU B 418 -23.00 -20.99 -3.53
N LEU B 419 -23.59 -19.86 -3.15
CA LEU B 419 -23.65 -18.72 -4.02
C LEU B 419 -22.38 -17.92 -3.93
N ASP B 420 -21.99 -17.34 -5.06
CA ASP B 420 -20.88 -16.40 -5.11
C ASP B 420 -21.44 -15.02 -5.35
N SER B 421 -22.46 -14.95 -6.21
CA SER B 421 -23.09 -13.65 -6.50
C SER B 421 -24.52 -13.75 -7.07
N LEU B 422 -25.36 -12.75 -6.77
CA LEU B 422 -26.74 -12.69 -7.37
C LEU B 422 -27.12 -11.22 -7.61
N LYS B 423 -27.63 -10.87 -8.81
CA LYS B 423 -28.11 -9.48 -9.05
C LYS B 423 -29.47 -9.69 -9.67
N VAL B 424 -30.41 -8.77 -9.34
CA VAL B 424 -31.77 -8.86 -9.85
C VAL B 424 -32.23 -7.48 -10.22
N SER B 425 -32.93 -7.33 -11.36
CA SER B 425 -33.49 -6.03 -11.75
C SER B 425 -34.81 -6.32 -12.49
N GLY B 426 -35.73 -5.36 -12.42
CA GLY B 426 -37.03 -5.61 -13.03
C GLY B 426 -37.97 -6.33 -12.11
N ASP B 427 -39.19 -6.59 -12.59
CA ASP B 427 -40.23 -7.23 -11.79
C ASP B 427 -40.07 -8.73 -11.69
N VAL B 428 -39.21 -9.16 -10.78
CA VAL B 428 -38.91 -10.57 -10.56
C VAL B 428 -39.46 -11.16 -9.26
N TRP B 429 -39.97 -12.40 -9.31
CA TRP B 429 -40.56 -13.12 -8.18
C TRP B 429 -39.96 -14.51 -8.00
N PHE B 430 -39.71 -14.94 -6.75
CA PHE B 430 -39.15 -16.29 -6.50
C PHE B 430 -40.08 -17.26 -5.80
N GLY B 431 -40.10 -18.51 -6.32
CA GLY B 431 -40.81 -19.62 -5.71
C GLY B 431 -40.08 -20.17 -4.46
N SER B 432 -40.52 -21.29 -3.93
CA SER B 432 -39.89 -21.83 -2.74
C SER B 432 -38.87 -22.94 -3.00
N SER B 433 -38.03 -23.14 -2.00
CA SER B 433 -37.01 -24.19 -2.02
C SER B 433 -36.10 -24.07 -3.20
N ILE B 434 -35.79 -22.85 -3.57
CA ILE B 434 -34.91 -22.66 -4.70
C ILE B 434 -33.47 -22.72 -4.15
N VAL B 435 -32.57 -23.16 -4.99
CA VAL B 435 -31.15 -23.26 -4.62
C VAL B 435 -30.36 -22.45 -5.66
N LEU B 436 -29.53 -21.52 -5.18
CA LEU B 436 -28.73 -20.66 -6.03
C LEU B 436 -27.28 -21.03 -5.80
N LYS B 437 -26.48 -21.09 -6.86
CA LYS B 437 -25.04 -21.38 -6.72
C LYS B 437 -24.22 -20.63 -7.75
N GLY B 438 -23.02 -20.22 -7.36
CA GLY B 438 -22.15 -19.55 -8.32
C GLY B 438 -22.52 -18.11 -8.49
N LYS B 439 -22.45 -17.61 -9.74
CA LYS B 439 -22.74 -16.23 -10.14
C LYS B 439 -24.03 -16.20 -10.96
N VAL B 440 -24.93 -15.28 -10.59
CA VAL B 440 -26.22 -15.23 -11.23
C VAL B 440 -26.81 -13.86 -11.46
N THR B 441 -27.46 -13.65 -12.60
CA THR B 441 -28.22 -12.40 -12.74
C THR B 441 -29.59 -12.72 -13.30
N VAL B 442 -30.58 -11.95 -12.86
CA VAL B 442 -31.95 -12.13 -13.39
C VAL B 442 -32.32 -10.69 -13.69
N ALA B 443 -32.73 -10.47 -14.93
CA ALA B 443 -33.02 -9.10 -15.34
C ALA B 443 -34.24 -9.08 -16.23
N ALA B 444 -35.35 -8.72 -15.65
CA ALA B 444 -36.65 -8.59 -16.39
C ALA B 444 -36.74 -7.22 -17.09
N LYS B 445 -36.94 -7.24 -18.39
CA LYS B 445 -37.09 -5.98 -19.12
C LYS B 445 -38.38 -5.23 -18.76
N SER B 446 -38.49 -4.00 -19.28
CA SER B 446 -39.65 -3.16 -18.91
C SER B 446 -40.99 -3.83 -19.12
N GLY B 447 -41.83 -3.74 -18.10
CA GLY B 447 -43.16 -4.32 -18.14
C GLY B 447 -43.30 -5.83 -18.17
N VAL B 448 -42.20 -6.57 -18.03
CA VAL B 448 -42.18 -8.03 -18.06
C VAL B 448 -42.20 -8.64 -16.60
N LYS B 449 -42.84 -9.81 -16.40
CA LYS B 449 -42.94 -10.53 -15.08
C LYS B 449 -42.33 -11.94 -15.12
N LEU B 450 -41.27 -12.16 -14.33
CA LEU B 450 -40.57 -13.45 -14.27
C LEU B 450 -40.73 -14.16 -12.90
N GLU B 451 -41.17 -15.42 -12.89
CA GLU B 451 -41.35 -16.20 -11.66
C GLU B 451 -40.47 -17.43 -11.72
N ILE B 452 -39.42 -17.45 -10.91
CA ILE B 452 -38.50 -18.59 -10.85
C ILE B 452 -39.31 -19.70 -10.19
N PRO B 453 -39.49 -20.84 -10.88
CA PRO B 453 -40.29 -21.93 -10.30
C PRO B 453 -39.75 -22.62 -9.07
N ASP B 454 -40.68 -23.20 -8.32
CA ASP B 454 -40.37 -23.93 -7.10
C ASP B 454 -39.28 -24.97 -7.40
N ARG B 455 -38.36 -25.12 -6.45
CA ARG B 455 -37.28 -26.10 -6.53
C ARG B 455 -36.25 -25.94 -7.61
N ALA B 456 -36.27 -24.81 -8.29
CA ALA B 456 -35.30 -24.53 -9.35
C ALA B 456 -33.89 -24.50 -8.73
N VAL B 457 -32.92 -25.00 -9.50
CA VAL B 457 -31.48 -24.92 -9.12
C VAL B 457 -30.85 -24.10 -10.23
N VAL B 458 -30.48 -22.86 -9.93
CA VAL B 458 -29.92 -21.93 -10.87
C VAL B 458 -28.45 -21.77 -10.48
N GLU B 459 -27.56 -22.13 -11.40
CA GLU B 459 -26.13 -22.10 -11.17
C GLU B 459 -25.35 -21.46 -12.32
N ASN B 460 -24.56 -20.44 -12.02
CA ASN B 460 -23.76 -19.76 -13.03
C ASN B 460 -24.56 -19.49 -14.30
N LYS B 461 -25.57 -18.62 -14.19
CA LYS B 461 -26.38 -18.35 -15.37
C LYS B 461 -27.02 -16.98 -15.33
N ASN B 462 -27.25 -16.39 -16.50
CA ASN B 462 -27.91 -15.09 -16.61
C ASN B 462 -29.29 -15.39 -17.19
N ILE B 463 -30.35 -15.07 -16.43
CA ILE B 463 -31.76 -15.32 -16.82
C ILE B 463 -32.35 -14.01 -17.27
N ASN B 464 -32.50 -13.89 -18.59
CA ASN B 464 -33.00 -12.67 -19.21
C ASN B 464 -34.47 -12.63 -19.62
N GLY B 465 -35.22 -13.70 -19.34
CA GLY B 465 -36.62 -13.67 -19.72
C GLY B 465 -37.24 -15.04 -19.54
N PRO B 466 -38.57 -15.17 -19.70
CA PRO B 466 -39.15 -16.50 -19.51
C PRO B 466 -38.45 -17.60 -20.33
N GLU B 467 -37.84 -17.22 -21.47
CA GLU B 467 -37.14 -18.17 -22.32
C GLU B 467 -36.01 -18.91 -21.57
N ASP B 468 -35.28 -18.16 -20.75
CA ASP B 468 -34.15 -18.70 -20.03
C ASP B 468 -34.45 -19.46 -18.76
N LEU B 469 -35.73 -19.68 -18.46
CA LEU B 469 -36.09 -20.39 -17.24
C LEU B 469 -35.95 -21.89 -17.38
S DMS C . 41.48 -8.18 -25.97
O DMS C . 40.21 -8.76 -25.74
C1 DMS C . 41.40 -6.97 -27.36
C2 DMS C . 42.09 -7.16 -24.59
N1 UPG D . 26.65 1.20 -19.93
C2 UPG D . 27.23 0.57 -21.01
N3 UPG D . 26.80 1.07 -22.23
C4 UPG D . 25.86 2.09 -22.44
C5 UPG D . 25.04 2.40 -21.29
C6 UPG D . 25.53 2.11 -20.04
O2 UPG D . 28.10 -0.33 -20.95
O4 UPG D . 25.51 2.34 -23.60
C1C UPG D . 27.13 0.81 -18.57
C2C UPG D . 27.55 1.96 -17.78
O2C UPG D . 28.98 2.12 -18.00
C3C UPG D . 27.18 1.52 -16.34
C4C UPG D . 26.12 0.46 -16.47
O4C UPG D . 25.97 0.27 -17.94
O3C UPG D . 28.39 0.90 -15.74
C5C UPG D . 24.72 0.78 -15.87
O5C UPG D . 24.34 2.13 -16.37
PA UPG D . 23.82 3.19 -15.47
O1A UPG D . 24.66 3.35 -14.32
O2A UPG D . 23.44 4.42 -16.21
O3A UPG D . 22.44 2.61 -14.84
PB UPG D . 20.95 2.51 -15.53
O1B UPG D . 21.08 1.96 -16.90
O2B UPG D . 20.27 3.74 -15.27
O3B UPG D . 20.39 1.19 -14.60
C1' UPG D . 20.85 -0.04 -14.55
C2' UPG D . 19.65 -0.97 -14.84
C3' UPG D . 18.58 -0.82 -13.76
C4' UPG D . 19.26 -1.15 -12.40
C5' UPG D . 20.46 -0.16 -12.14
C6' UPG D . 21.23 -0.72 -10.93
O2' UPG D . 19.09 -0.64 -16.13
O3' UPG D . 17.58 -1.86 -14.07
O4' UPG D . 18.27 -0.81 -11.42
O5' UPG D . 21.42 -0.36 -13.24
O6' UPG D . 22.28 0.27 -10.58
N1 UPG E . -29.21 5.26 15.48
C2 UPG E . -29.75 5.70 16.71
N3 UPG E . -30.13 7.03 16.68
C4 UPG E . -30.00 7.93 15.63
C5 UPG E . -29.29 7.44 14.46
C6 UPG E . -28.94 6.14 14.40
O2 UPG E . -29.73 5.05 17.75
O4 UPG E . -30.34 9.11 15.76
C1C UPG E . -28.80 3.86 15.39
C2C UPG E . -29.47 3.11 14.22
O2C UPG E . -30.76 2.53 14.65
C3C UPG E . -28.38 2.11 13.86
C4C UPG E . -27.03 2.69 14.35
O4C UPG E . -27.41 3.92 15.07
O3C UPG E . -28.72 0.86 14.47
C5C UPG E . -26.03 3.09 13.19
O5C UPG E . -26.85 3.88 12.31
PA UPG E . -26.73 3.67 10.73
O1A UPG E . -26.98 2.26 10.46
O2A UPG E . -27.45 4.69 10.00
O3A UPG E . -25.15 3.92 10.41
PB UPG E . -24.28 5.29 10.17
O1B UPG E . -24.57 6.27 11.13
O2B UPG E . -24.46 5.70 8.68
O3B UPG E . -22.72 4.98 10.40
C1' UPG E . -22.07 4.41 11.47
C2' UPG E . -20.72 5.18 11.69
C3' UPG E . -19.68 5.06 10.54
C4' UPG E . -19.42 3.60 10.39
C5' UPG E . -20.79 2.88 10.08
C6' UPG E . -20.57 1.41 9.99
O2' UPG E . -20.88 6.51 12.08
O3' UPG E . -18.36 5.74 10.71
O4' UPG E . -18.54 3.51 9.26
O5' UPG E . -21.85 3.09 11.14
O6' UPG E . -21.88 0.88 9.60
N THR A 5 9.75 12.43 -37.44
CA THR A 5 9.48 11.86 -38.81
C THR A 5 9.42 10.34 -38.64
N GLU A 6 9.02 9.62 -39.69
CA GLU A 6 8.91 8.18 -39.57
C GLU A 6 9.06 7.43 -40.90
N ASN A 7 9.65 8.07 -41.91
CA ASN A 7 9.83 7.41 -43.20
C ASN A 7 11.04 6.46 -43.10
N LEU A 8 10.77 5.18 -42.82
CA LEU A 8 11.85 4.20 -42.67
C LEU A 8 12.72 3.98 -43.91
N PRO A 9 12.19 4.22 -45.12
CA PRO A 9 12.99 4.01 -46.33
C PRO A 9 14.12 5.00 -46.41
N GLN A 10 13.77 6.28 -46.20
CA GLN A 10 14.71 7.41 -46.21
C GLN A 10 15.69 7.32 -45.04
N LEU A 11 15.21 7.01 -43.84
CA LEU A 11 16.16 6.92 -42.72
C LEU A 11 17.11 5.75 -43.02
N LYS A 12 16.53 4.67 -43.56
CA LYS A 12 17.30 3.48 -43.89
C LYS A 12 18.38 3.74 -44.95
N SER A 13 18.08 4.61 -45.90
CA SER A 13 19.08 4.93 -46.95
C SER A 13 20.02 5.95 -46.35
N ALA A 14 19.49 6.70 -45.40
CA ALA A 14 20.33 7.68 -44.74
C ALA A 14 21.43 6.94 -43.97
N VAL A 15 21.04 5.89 -43.23
CA VAL A 15 22.04 5.15 -42.48
C VAL A 15 22.94 4.31 -43.40
N ASP A 16 22.39 3.84 -44.51
CA ASP A 16 23.23 3.03 -45.38
C ASP A 16 24.34 3.75 -46.10
N GLY A 17 24.35 5.08 -46.07
CA GLY A 17 25.45 5.84 -46.65
C GLY A 17 26.48 6.34 -45.63
N LEU A 18 26.36 5.89 -44.39
CA LEU A 18 27.32 6.28 -43.37
C LEU A 18 28.47 5.28 -43.45
N THR A 19 29.56 5.72 -44.06
CA THR A 19 30.77 4.89 -44.26
C THR A 19 31.34 4.27 -43.01
N GLU A 20 31.22 4.97 -41.90
CA GLU A 20 31.80 4.45 -40.68
C GLU A 20 31.04 3.32 -40.00
N MET A 21 29.78 3.08 -40.36
CA MET A 21 29.01 2.00 -39.71
C MET A 21 29.18 0.58 -40.29
N SER A 22 29.10 -0.44 -39.42
CA SER A 22 29.18 -1.84 -39.88
C SER A 22 27.76 -2.28 -40.28
N GLU A 23 27.64 -3.31 -41.10
CA GLU A 23 26.32 -3.77 -41.48
C GLU A 23 25.51 -4.20 -40.25
N SER A 24 26.12 -4.88 -39.30
CA SER A 24 25.32 -5.29 -38.15
C SER A 24 24.89 -4.08 -37.32
N GLU A 25 25.69 -3.01 -37.31
CA GLU A 25 25.28 -1.84 -36.57
C GLU A 25 24.11 -1.14 -37.26
N LYS A 26 24.17 -1.05 -38.60
CA LYS A 26 23.07 -0.44 -39.33
C LYS A 26 21.74 -1.18 -39.10
N SER A 27 21.76 -2.50 -39.15
CA SER A 27 20.56 -3.31 -38.92
C SER A 27 19.99 -3.14 -37.50
N GLY A 28 20.85 -3.08 -36.50
CA GLY A 28 20.35 -2.89 -35.15
C GLY A 28 19.77 -1.52 -34.87
N PHE A 29 20.39 -0.48 -35.42
CA PHE A 29 19.89 0.85 -35.22
C PHE A 29 18.55 0.94 -35.90
N ILE A 30 18.46 0.41 -37.11
CA ILE A 30 17.18 0.53 -37.83
C ILE A 30 16.05 -0.24 -37.14
N SER A 31 16.44 -1.39 -36.58
CA SER A 31 15.50 -2.25 -35.87
C SER A 31 14.98 -1.42 -34.71
N LEU A 32 15.87 -0.78 -33.98
CA LEU A 32 15.47 0.06 -32.89
C LEU A 32 14.56 1.24 -33.32
N VAL A 33 14.88 1.88 -34.45
CA VAL A 33 14.06 3.00 -34.90
C VAL A 33 12.67 2.49 -35.27
N SER A 34 12.63 1.35 -35.95
CA SER A 34 11.37 0.75 -36.35
C SER A 34 10.47 0.67 -35.14
N ARG A 35 10.90 -0.15 -34.19
CA ARG A 35 10.12 -0.38 -32.98
C ARG A 35 9.74 0.91 -32.29
N TYR A 36 10.64 1.88 -32.28
CA TYR A 36 10.33 3.14 -31.64
C TYR A 36 9.13 3.80 -32.33
N LEU A 37 9.03 3.58 -33.64
CA LEU A 37 7.96 4.14 -34.49
C LEU A 37 6.65 3.35 -34.41
N ALA A 41 5.41 -1.00 -30.13
CA ALA A 41 4.32 -1.70 -29.44
C ALA A 41 4.52 -1.73 -27.93
N GLN A 42 5.60 -1.10 -27.45
CA GLN A 42 5.93 -1.09 -26.01
C GLN A 42 5.22 -0.04 -25.20
N HIS A 43 3.96 -0.26 -24.86
CA HIS A 43 3.25 0.74 -24.07
C HIS A 43 2.31 0.07 -23.06
N ILE A 44 2.80 0.03 -21.83
CA ILE A 44 2.17 -0.60 -20.65
C ILE A 44 0.88 -0.04 -20.08
N GLU A 45 0.09 -0.94 -19.51
CA GLU A 45 -1.17 -0.57 -18.86
C GLU A 45 -0.90 -0.79 -17.37
N TRP A 46 -0.46 0.26 -16.68
CA TRP A 46 -0.13 0.17 -15.26
C TRP A 46 -0.97 -0.79 -14.42
N SER A 47 -2.26 -0.86 -14.72
CA SER A 47 -3.19 -1.72 -13.99
C SER A 47 -2.87 -3.21 -13.98
N LYS A 48 -2.29 -3.69 -15.09
CA LYS A 48 -1.93 -5.09 -15.27
C LYS A 48 -0.60 -5.49 -14.59
N ILE A 49 0.00 -4.58 -13.84
CA ILE A 49 1.25 -4.87 -13.14
C ILE A 49 1.02 -5.70 -11.89
N GLN A 50 1.71 -6.82 -11.78
CA GLN A 50 1.56 -7.64 -10.59
C GLN A 50 2.88 -7.97 -9.91
N THR A 51 2.79 -8.29 -8.61
CA THR A 51 3.94 -8.64 -7.79
C THR A 51 4.40 -10.07 -8.06
N PRO A 52 5.70 -10.26 -8.35
CA PRO A 52 6.12 -11.64 -8.60
C PRO A 52 6.05 -12.46 -7.28
N THR A 53 5.89 -13.78 -7.42
CA THR A 53 5.84 -14.61 -6.22
C THR A 53 7.24 -14.93 -5.83
N ASP A 54 7.39 -15.51 -4.66
CA ASP A 54 8.69 -15.86 -4.18
C ASP A 54 9.33 -16.94 -5.02
N GLU A 55 8.59 -17.55 -5.91
CA GLU A 55 9.21 -18.58 -6.76
C GLU A 55 9.73 -17.98 -8.09
N ILE A 56 9.31 -16.76 -8.41
CA ILE A 56 9.77 -16.06 -9.62
C ILE A 56 10.89 -15.06 -9.24
N VAL A 57 10.69 -14.40 -8.11
CA VAL A 57 11.69 -13.47 -7.56
C VAL A 57 11.98 -14.20 -6.26
N VAL A 58 13.07 -14.95 -6.27
CA VAL A 58 13.47 -15.79 -5.14
C VAL A 58 14.27 -15.06 -4.08
N PRO A 59 13.86 -15.19 -2.81
CA PRO A 59 14.57 -14.51 -1.71
C PRO A 59 15.95 -15.17 -1.57
N TYR A 60 17.03 -14.37 -1.53
CA TYR A 60 18.37 -14.91 -1.43
C TYR A 60 18.51 -15.88 -0.27
N GLU A 61 17.88 -15.53 0.86
CA GLU A 61 17.97 -16.38 2.03
C GLU A 61 17.54 -17.80 1.75
N LYS A 62 16.66 -17.97 0.76
CA LYS A 62 16.15 -19.28 0.42
C LYS A 62 16.98 -20.11 -0.49
N MET A 63 17.93 -19.50 -1.19
CA MET A 63 18.69 -20.33 -2.09
C MET A 63 19.70 -21.16 -1.38
N THR A 64 19.94 -22.34 -1.92
CA THR A 64 20.87 -23.26 -1.29
C THR A 64 22.38 -22.92 -1.49
N PRO A 65 23.13 -22.75 -0.41
CA PRO A 65 24.55 -22.44 -0.65
C PRO A 65 25.33 -23.62 -1.22
N VAL A 66 26.61 -23.40 -1.48
CA VAL A 66 27.51 -24.45 -2.01
C VAL A 66 27.91 -25.41 -0.88
N SER A 67 28.37 -26.61 -1.24
CA SER A 67 28.82 -27.61 -0.27
C SER A 67 30.27 -27.28 0.08
N GLN A 68 30.89 -28.03 1.00
CA GLN A 68 32.28 -27.77 1.37
C GLN A 68 33.38 -28.22 0.42
N ASP A 69 33.29 -29.42 -0.17
CA ASP A 69 34.36 -29.87 -1.08
C ASP A 69 34.52 -28.85 -2.20
N VAL A 70 35.65 -28.17 -2.14
CA VAL A 70 36.04 -27.14 -3.07
C VAL A 70 35.80 -27.47 -4.53
N ALA A 71 35.84 -28.74 -4.92
CA ALA A 71 35.63 -29.14 -6.32
C ALA A 71 34.32 -28.63 -6.90
N GLU A 72 33.28 -28.57 -6.09
CA GLU A 72 32.01 -28.10 -6.60
C GLU A 72 32.05 -26.61 -6.90
N THR A 73 32.92 -25.90 -6.18
CA THR A 73 33.08 -24.46 -6.35
C THR A 73 33.94 -24.22 -7.58
N LYS A 74 34.94 -25.06 -7.77
CA LYS A 74 35.81 -24.87 -8.93
C LYS A 74 35.04 -25.13 -10.20
N ASN A 75 34.21 -26.17 -10.18
CA ASN A 75 33.45 -26.53 -11.37
C ASN A 75 32.48 -25.42 -11.70
N LEU A 76 31.94 -24.73 -10.70
CA LEU A 76 31.05 -23.65 -11.05
C LEU A 76 31.87 -22.48 -11.61
N LEU A 77 32.99 -22.14 -10.97
CA LEU A 77 33.75 -20.99 -11.47
C LEU A 77 34.29 -21.23 -12.85
N ASP A 78 34.54 -22.49 -13.18
CA ASP A 78 35.06 -22.86 -14.49
C ASP A 78 34.09 -22.56 -15.61
N LYS A 79 32.85 -22.26 -15.26
CA LYS A 79 31.81 -21.96 -16.28
C LYS A 79 31.46 -20.46 -16.36
N LEU A 80 32.12 -19.64 -15.57
CA LEU A 80 31.81 -18.24 -15.45
C LEU A 80 32.73 -17.23 -16.14
N VAL A 81 32.09 -16.22 -16.75
CA VAL A 81 32.74 -15.06 -17.37
C VAL A 81 32.23 -13.88 -16.55
N VAL A 82 33.10 -12.97 -16.06
CA VAL A 82 32.66 -11.79 -15.33
C VAL A 82 32.78 -10.62 -16.31
N LEU A 83 31.67 -9.93 -16.50
CA LEU A 83 31.60 -8.80 -17.43
C LEU A 83 31.20 -7.52 -16.69
N LYS A 84 31.93 -6.44 -16.97
CA LYS A 84 31.59 -5.15 -16.39
C LYS A 84 31.19 -4.33 -17.62
N LEU A 85 29.89 -4.09 -17.68
CA LEU A 85 29.27 -3.25 -18.70
C LEU A 85 30.07 -2.00 -18.45
N ASN A 86 30.90 -1.60 -19.41
CA ASN A 86 31.77 -0.45 -19.21
C ASN A 86 31.80 0.47 -20.42
N GLY A 87 30.64 0.54 -21.05
CA GLY A 87 30.52 1.39 -22.25
C GLY A 87 29.91 2.76 -22.03
N GLY A 88 29.35 3.02 -20.87
CA GLY A 88 28.74 4.30 -20.61
C GLY A 88 29.64 5.37 -19.97
N LEU A 89 29.31 6.61 -20.27
CA LEU A 89 30.03 7.71 -19.71
C LEU A 89 29.28 8.09 -18.47
N GLY A 90 29.99 8.43 -17.42
CA GLY A 90 29.31 8.82 -16.22
C GLY A 90 28.99 10.29 -16.36
N THR A 91 28.03 10.62 -17.24
CA THR A 91 27.67 12.01 -17.45
C THR A 91 26.87 12.53 -16.27
N THR A 92 26.08 11.64 -15.66
CA THR A 92 25.28 11.98 -14.49
C THR A 92 26.16 12.43 -13.32
N MET A 93 27.47 12.38 -13.54
CA MET A 93 28.46 12.79 -12.56
C MET A 93 29.52 13.62 -13.26
N GLY A 94 29.20 14.05 -14.48
CA GLY A 94 30.15 14.84 -15.24
C GLY A 94 31.49 14.16 -15.45
N CYS A 95 31.46 12.87 -15.77
CA CYS A 95 32.70 12.12 -16.00
C CYS A 95 33.12 12.31 -17.48
N THR A 96 34.41 12.60 -17.75
CA THR A 96 34.83 12.76 -19.15
C THR A 96 34.97 11.41 -19.78
N GLY A 97 35.08 10.39 -18.94
CA GLY A 97 35.22 9.04 -19.44
C GLY A 97 34.31 8.11 -18.65
N PRO A 98 34.67 6.83 -18.56
CA PRO A 98 33.78 5.95 -17.81
C PRO A 98 33.88 6.17 -16.30
N LYS A 99 32.75 5.99 -15.64
CA LYS A 99 32.58 6.11 -14.19
C LYS A 99 33.57 5.21 -13.46
N SER A 100 33.93 4.10 -14.12
CA SER A 100 34.80 3.09 -13.53
C SER A 100 36.24 3.51 -13.28
N VAL A 101 36.67 4.62 -13.85
CA VAL A 101 38.04 5.06 -13.61
C VAL A 101 38.14 6.13 -12.49
N ILE A 102 37.03 6.39 -11.79
CA ILE A 102 37.07 7.30 -10.61
C ILE A 102 37.78 6.46 -9.52
N GLU A 103 38.65 7.09 -8.71
CA GLU A 103 39.39 6.40 -7.62
C GLU A 103 38.33 6.14 -6.53
N VAL A 104 38.36 4.93 -5.96
CA VAL A 104 37.41 4.49 -4.96
C VAL A 104 37.99 4.63 -3.58
N ARG A 105 39.23 4.17 -3.43
CA ARG A 105 39.84 4.24 -2.12
C ARG A 105 41.15 3.49 -2.12
N ASP A 106 42.00 3.82 -1.15
CA ASP A 106 43.30 3.17 -1.00
C ASP A 106 44.11 3.25 -2.29
N GLY A 107 43.89 4.31 -3.08
CA GLY A 107 44.61 4.47 -4.33
C GLY A 107 44.24 3.51 -5.46
N LEU A 108 42.95 3.16 -5.57
CA LEU A 108 42.48 2.21 -6.60
C LEU A 108 41.09 2.59 -7.19
N THR A 109 40.96 2.51 -8.53
CA THR A 109 39.71 2.83 -9.18
C THR A 109 38.82 1.58 -9.16
N PHE A 110 37.57 1.75 -9.54
CA PHE A 110 36.68 0.61 -9.59
C PHE A 110 37.32 -0.48 -10.47
N LEU A 111 37.84 -0.12 -11.65
CA LEU A 111 38.43 -1.15 -12.50
C LEU A 111 39.61 -1.85 -11.84
N ASP A 112 40.44 -1.12 -11.09
CA ASP A 112 41.58 -1.75 -10.41
C ASP A 112 41.04 -2.86 -9.51
N LEU A 113 40.04 -2.51 -8.69
CA LEU A 113 39.46 -3.45 -7.74
C LEU A 113 38.89 -4.68 -8.40
N ILE A 114 38.23 -4.46 -9.53
CA ILE A 114 37.60 -5.52 -10.32
C ILE A 114 38.59 -6.53 -10.82
N VAL A 115 39.68 -6.02 -11.39
CA VAL A 115 40.68 -6.90 -11.90
C VAL A 115 41.31 -7.65 -10.76
N ILE A 116 41.61 -6.93 -9.68
CA ILE A 116 42.23 -7.53 -8.50
C ILE A 116 41.35 -8.65 -7.96
N GLN A 117 40.03 -8.48 -7.93
CA GLN A 117 39.20 -9.60 -7.41
C GLN A 117 39.28 -10.92 -8.22
N ILE A 118 39.33 -10.81 -9.53
CA ILE A 118 39.38 -11.97 -10.37
C ILE A 118 40.78 -12.61 -10.25
N GLU A 119 41.80 -11.78 -10.12
CA GLU A 119 43.16 -12.34 -9.95
C GLU A 119 43.14 -13.14 -8.60
N ASN A 120 42.48 -12.58 -7.57
CA ASN A 120 42.40 -13.24 -6.25
C ASN A 120 41.61 -14.56 -6.20
N LEU A 121 40.38 -14.55 -6.74
CA LEU A 121 39.49 -15.71 -6.78
C LEU A 121 40.18 -16.91 -7.48
N ASN A 122 40.95 -16.60 -8.51
CA ASN A 122 41.65 -17.61 -9.27
C ASN A 122 42.81 -18.17 -8.43
N ASN A 123 43.41 -17.30 -7.60
CA ASN A 123 44.57 -17.61 -6.66
C ASN A 123 44.07 -18.56 -5.58
N LYS A 124 42.77 -18.56 -5.31
CA LYS A 124 42.17 -19.39 -4.26
C LYS A 124 41.64 -20.79 -4.72
N TYR A 125 41.03 -20.83 -5.88
CA TYR A 125 40.44 -22.06 -6.39
C TYR A 125 41.10 -22.79 -7.54
N GLY A 126 42.02 -22.16 -8.25
CA GLY A 126 42.65 -22.82 -9.40
C GLY A 126 41.98 -22.62 -10.77
N CYS A 127 40.82 -21.97 -10.78
CA CYS A 127 40.08 -21.68 -12.01
C CYS A 127 40.70 -20.47 -12.72
N LYS A 128 40.32 -20.31 -13.96
CA LYS A 128 40.83 -19.19 -14.75
C LYS A 128 39.66 -18.28 -15.10
N VAL A 129 39.10 -17.60 -14.11
CA VAL A 129 37.93 -16.78 -14.43
C VAL A 129 38.42 -15.54 -15.20
N PRO A 130 37.90 -15.31 -16.41
CA PRO A 130 38.29 -14.14 -17.24
C PRO A 130 37.43 -12.92 -16.86
N LEU A 131 37.97 -11.73 -17.10
CA LEU A 131 37.29 -10.48 -16.87
C LEU A 131 37.11 -9.84 -18.23
N VAL A 132 35.89 -9.39 -18.55
CA VAL A 132 35.67 -8.74 -19.83
C VAL A 132 35.07 -7.41 -19.50
N LEU A 133 35.58 -6.39 -20.18
CA LEU A 133 35.05 -5.04 -20.01
C LEU A 133 34.38 -4.60 -21.30
N MET A 134 33.10 -4.23 -21.17
CA MET A 134 32.39 -3.77 -22.36
C MET A 134 32.64 -2.33 -22.50
N ASN A 135 33.38 -2.04 -23.56
CA ASN A 135 33.69 -0.70 -23.86
C ASN A 135 32.86 -0.25 -25.02
N SER A 136 32.95 1.03 -25.24
CA SER A 136 32.32 1.62 -26.40
C SER A 136 33.41 2.55 -26.94
N PHE A 137 33.12 3.17 -28.06
CA PHE A 137 34.09 4.08 -28.66
C PHE A 137 34.50 5.27 -27.77
N ASN A 138 33.71 5.54 -26.73
CA ASN A 138 33.97 6.64 -25.79
C ASN A 138 34.91 6.32 -24.60
N THR A 139 34.72 5.09 -24.05
CA THR A 139 35.40 4.60 -22.82
C THR A 139 36.62 3.73 -23.00
N HIS A 140 36.90 3.35 -24.22
CA HIS A 140 38.04 2.46 -24.46
C HIS A 140 39.41 3.03 -24.05
N ASP A 141 39.69 4.28 -24.38
CA ASP A 141 41.02 4.85 -24.04
C ASP A 141 41.38 4.89 -22.57
N ASP A 142 40.47 5.36 -21.75
CA ASP A 142 40.73 5.42 -20.34
C ASP A 142 40.85 3.99 -19.77
N THR A 143 40.07 3.08 -20.33
CA THR A 143 40.06 1.71 -19.88
C THR A 143 41.33 0.96 -20.24
N HIS A 144 41.79 1.17 -21.45
CA HIS A 144 43.00 0.49 -21.90
C HIS A 144 44.20 0.78 -20.97
N LYS A 145 44.32 2.03 -20.55
CA LYS A 145 45.40 2.50 -19.67
C LYS A 145 45.45 1.71 -18.38
N ILE A 146 44.32 1.65 -17.68
CA ILE A 146 44.26 0.89 -16.45
C ILE A 146 44.49 -0.59 -16.78
N VAL A 147 43.99 -1.08 -17.90
CA VAL A 147 44.18 -2.49 -18.19
C VAL A 147 45.65 -2.98 -18.52
N GLU A 148 46.45 -2.26 -19.33
CA GLU A 148 47.84 -2.74 -19.64
C GLU A 148 48.54 -2.88 -18.32
N LYS A 149 48.10 -2.13 -17.32
CA LYS A 149 48.75 -2.29 -16.01
C LYS A 149 48.73 -3.71 -15.38
N TYR A 150 47.77 -4.55 -15.77
CA TYR A 150 47.58 -5.87 -15.20
C TYR A 150 48.00 -7.02 -16.08
N THR A 151 48.92 -6.69 -17.00
CA THR A 151 49.40 -7.67 -17.96
C THR A 151 49.89 -8.96 -17.25
N ASN A 152 50.60 -8.76 -16.14
CA ASN A 152 51.13 -9.91 -15.39
C ASN A 152 50.30 -10.37 -14.23
N SER A 153 49.07 -9.88 -14.13
CA SER A 153 48.18 -10.29 -13.05
C SER A 153 47.59 -11.64 -13.35
N ASN A 154 47.08 -12.28 -12.30
CA ASN A 154 46.47 -13.59 -12.46
C ASN A 154 45.03 -13.53 -12.88
N VAL A 155 44.79 -12.85 -13.98
CA VAL A 155 43.46 -12.73 -14.58
C VAL A 155 43.63 -12.23 -16.02
N ASP A 156 43.01 -12.95 -16.96
CA ASP A 156 43.06 -12.52 -18.33
C ASP A 156 41.98 -11.47 -18.51
N ILE A 157 42.38 -10.29 -19.02
CA ILE A 157 41.38 -9.23 -19.23
C ILE A 157 41.09 -9.01 -20.71
N HIS A 158 39.83 -9.21 -21.06
CA HIS A 158 39.37 -9.03 -22.43
C HIS A 158 38.62 -7.69 -22.51
N THR A 159 38.69 -7.06 -23.68
CA THR A 159 37.89 -5.86 -23.85
C THR A 159 37.27 -5.86 -25.23
N PHE A 160 36.05 -5.32 -25.31
CA PHE A 160 35.40 -5.13 -26.63
C PHE A 160 34.61 -3.83 -26.63
N ASN A 161 34.50 -3.20 -27.80
CA ASN A 161 33.65 -1.97 -27.89
C ASN A 161 32.24 -2.36 -28.27
N GLN A 162 31.28 -1.68 -27.66
CA GLN A 162 29.85 -1.93 -28.00
C GLN A 162 29.50 -1.28 -29.33
N SER A 163 28.19 -1.23 -29.65
CA SER A 163 27.78 -0.57 -30.91
C SER A 163 27.92 0.93 -30.81
N LYS A 164 28.00 1.57 -31.96
CA LYS A 164 28.08 3.01 -32.05
C LYS A 164 26.99 3.44 -33.07
N TYR A 165 25.96 4.09 -32.54
CA TYR A 165 24.80 4.49 -33.38
C TYR A 165 24.79 6.01 -33.55
N PRO A 166 24.13 6.47 -34.62
CA PRO A 166 24.10 7.91 -34.78
C PRO A 166 23.01 8.59 -33.94
N ARG A 167 23.41 9.71 -33.39
CA ARG A 167 22.40 10.52 -32.72
C ARG A 167 21.42 10.97 -33.83
N VAL A 168 20.16 11.17 -33.44
CA VAL A 168 19.12 11.55 -34.40
C VAL A 168 18.68 12.95 -34.08
N VAL A 169 18.58 13.81 -35.08
CA VAL A 169 18.14 15.15 -34.78
C VAL A 169 16.61 15.00 -34.65
N ALA A 170 16.09 15.26 -33.44
CA ALA A 170 14.67 15.11 -33.17
C ALA A 170 13.77 15.91 -34.08
N ASP A 171 14.15 17.13 -34.41
CA ASP A 171 13.31 17.97 -35.23
C ASP A 171 13.02 17.36 -36.59
N GLU A 172 14.08 17.21 -37.37
CA GLU A 172 14.01 16.70 -38.72
C GLU A 172 13.95 15.19 -38.75
N PHE A 173 14.32 14.57 -37.63
CA PHE A 173 14.36 13.11 -37.51
C PHE A 173 15.28 12.46 -38.54
N VAL A 174 16.54 12.88 -38.59
CA VAL A 174 17.51 12.32 -39.53
C VAL A 174 18.79 12.08 -38.75
N PRO A 175 19.67 11.21 -39.25
CA PRO A 175 20.90 11.01 -38.47
C PRO A 175 21.72 12.31 -38.41
N TRP A 176 22.20 12.66 -37.23
CA TRP A 176 23.01 13.85 -37.15
C TRP A 176 24.26 13.75 -38.01
N PRO A 177 24.90 12.56 -38.11
CA PRO A 177 26.08 12.47 -38.97
C PRO A 177 25.72 12.72 -40.46
N SER A 178 24.46 12.46 -40.83
CA SER A 178 23.96 12.70 -42.23
C SER A 178 23.90 14.21 -42.48
N LYS A 179 23.90 14.98 -41.39
CA LYS A 179 23.90 16.43 -41.50
C LYS A 179 25.31 16.97 -41.33
N GLY A 180 26.30 16.06 -41.22
CA GLY A 180 27.69 16.49 -41.12
C GLY A 180 28.41 16.29 -39.78
N LYS A 181 27.68 15.87 -38.77
CA LYS A 181 28.26 15.73 -37.41
C LYS A 181 28.85 14.34 -37.30
N THR A 182 30.03 14.16 -37.87
CA THR A 182 30.69 12.83 -37.91
C THR A 182 31.70 12.68 -36.77
N ASP A 183 31.92 13.76 -36.04
CA ASP A 183 32.83 13.68 -34.88
C ASP A 183 32.19 12.91 -33.73
N LYS A 184 32.91 12.71 -32.64
CA LYS A 184 32.33 11.86 -31.58
C LYS A 184 31.00 12.32 -31.11
N GLU A 185 30.71 13.60 -31.33
CA GLU A 185 29.46 14.17 -30.85
C GLU A 185 28.24 13.75 -31.62
N GLY A 186 28.46 13.18 -32.79
CA GLY A 186 27.30 12.78 -33.56
C GLY A 186 26.81 11.38 -33.32
N TRP A 187 27.43 10.67 -32.37
CA TRP A 187 27.13 9.27 -32.13
C TRP A 187 26.94 9.01 -30.64
N TYR A 188 26.46 7.82 -30.34
CA TYR A 188 26.28 7.41 -28.93
C TYR A 188 26.24 5.90 -28.83
N PRO A 189 26.61 5.35 -27.66
CA PRO A 189 26.56 3.89 -27.38
C PRO A 189 25.07 3.72 -26.99
N PRO A 190 24.35 2.76 -27.59
CA PRO A 190 22.91 2.57 -27.34
C PRO A 190 22.42 1.81 -26.10
N GLY A 191 23.04 2.18 -25.00
CA GLY A 191 22.67 1.59 -23.71
C GLY A 191 23.34 0.27 -23.37
N HIS A 192 23.20 -0.16 -22.13
CA HIS A 192 23.76 -1.45 -21.77
C HIS A 192 22.97 -2.67 -22.28
N GLY A 193 21.76 -2.44 -22.83
CA GLY A 193 21.00 -3.51 -23.43
C GLY A 193 21.75 -4.00 -24.67
N ASP A 194 22.63 -3.14 -25.17
CA ASP A 194 23.45 -3.45 -26.34
C ASP A 194 24.50 -4.52 -25.97
N VAL A 195 24.62 -4.83 -24.68
CA VAL A 195 25.61 -5.87 -24.30
C VAL A 195 25.41 -7.20 -25.04
N PHE A 196 24.14 -7.61 -25.30
CA PHE A 196 23.88 -8.91 -25.94
C PHE A 196 24.31 -8.92 -27.39
N PRO A 197 23.80 -7.97 -28.19
CA PRO A 197 24.28 -8.03 -29.58
C PRO A 197 25.79 -7.72 -29.72
N ALA A 198 26.30 -6.85 -28.85
CA ALA A 198 27.72 -6.50 -28.94
C ALA A 198 28.61 -7.65 -28.52
N LEU A 199 28.19 -8.47 -27.53
CA LEU A 199 29.00 -9.62 -27.15
C LEU A 199 29.09 -10.57 -28.34
N MET A 200 27.99 -10.72 -29.06
CA MET A 200 27.96 -11.59 -30.21
C MET A 200 28.69 -11.02 -31.43
N ASN A 201 28.51 -9.74 -31.71
CA ASN A 201 29.16 -9.16 -32.90
C ASN A 201 30.68 -8.98 -32.73
N SER A 202 31.14 -8.92 -31.47
CA SER A 202 32.58 -8.77 -31.18
C SER A 202 33.41 -10.05 -31.34
N GLY A 203 32.73 -11.20 -31.39
CA GLY A 203 33.41 -12.49 -31.43
C GLY A 203 33.69 -13.08 -30.02
N LYS A 204 33.49 -12.29 -28.97
CA LYS A 204 33.85 -12.79 -27.64
C LYS A 204 32.98 -13.94 -27.10
N LEU A 205 31.70 -13.87 -27.42
CA LEU A 205 30.81 -14.93 -26.92
C LEU A 205 31.16 -16.25 -27.55
N ASP A 206 31.51 -16.28 -28.82
CA ASP A 206 31.88 -17.56 -29.44
C ASP A 206 33.19 -18.02 -28.81
N THR A 207 34.09 -17.08 -28.52
CA THR A 207 35.36 -17.41 -27.89
C THR A 207 35.03 -18.12 -26.55
N PHE A 208 34.33 -17.40 -25.69
CA PHE A 208 34.04 -18.02 -24.40
C PHE A 208 33.30 -19.34 -24.49
N LEU A 209 32.35 -19.47 -25.42
CA LEU A 209 31.62 -20.76 -25.58
C LEU A 209 32.58 -21.89 -25.94
N SER A 210 33.52 -21.64 -26.86
CA SER A 210 34.48 -22.67 -27.28
C SER A 210 35.45 -23.07 -26.15
N GLN A 211 35.68 -22.17 -25.20
CA GLN A 211 36.57 -22.49 -24.07
C GLN A 211 35.79 -23.34 -23.06
N GLY A 212 34.70 -23.95 -23.53
CA GLY A 212 33.91 -24.80 -22.65
C GLY A 212 33.22 -24.01 -21.56
N LYS A 213 33.20 -22.68 -21.74
CA LYS A 213 32.54 -21.80 -20.78
C LYS A 213 31.06 -21.96 -21.07
N GLU A 214 30.22 -21.83 -20.05
CA GLU A 214 28.79 -22.01 -20.23
C GLU A 214 27.96 -20.84 -19.75
N TYR A 215 28.52 -20.01 -18.88
CA TYR A 215 27.79 -18.87 -18.32
C TYR A 215 28.62 -17.60 -18.28
N VAL A 216 27.95 -16.47 -18.46
CA VAL A 216 28.65 -15.21 -18.27
C VAL A 216 27.94 -14.52 -17.11
N PHE A 217 28.71 -14.02 -16.16
CA PHE A 217 28.19 -13.25 -15.02
C PHE A 217 28.47 -11.78 -15.39
N VAL A 218 27.38 -11.07 -15.68
CA VAL A 218 27.39 -9.65 -16.09
C VAL A 218 27.10 -8.71 -14.92
N ALA A 219 27.76 -7.57 -14.84
CA ALA A 219 27.43 -6.60 -13.81
C ALA A 219 27.88 -5.22 -14.21
N ASN A 220 27.31 -4.22 -13.57
CA ASN A 220 27.71 -2.81 -13.84
C ASN A 220 29.15 -2.61 -13.35
N SER A 221 29.97 -1.87 -14.07
CA SER A 221 31.33 -1.64 -13.59
C SER A 221 31.36 -0.69 -12.37
N ASP A 222 30.24 -0.02 -12.03
CA ASP A 222 30.18 0.82 -10.77
C ASP A 222 29.88 0.03 -9.48
N ASN A 223 29.51 -1.23 -9.63
CA ASN A 223 29.10 -2.02 -8.45
C ASN A 223 30.15 -2.98 -7.90
N LEU A 224 30.86 -2.53 -6.88
CA LEU A 224 31.92 -3.33 -6.30
C LEU A 224 31.36 -4.50 -5.45
N GLY A 225 30.06 -4.53 -5.20
CA GLY A 225 29.48 -5.65 -4.46
C GLY A 225 29.27 -6.82 -5.38
N ALA A 226 29.39 -6.63 -6.71
CA ALA A 226 29.13 -7.73 -7.66
C ALA A 226 30.29 -8.77 -7.78
N ILE A 227 30.43 -9.61 -6.76
CA ILE A 227 31.51 -10.61 -6.82
C ILE A 227 30.97 -11.98 -7.21
N VAL A 228 31.83 -12.80 -7.78
CA VAL A 228 31.40 -14.14 -8.15
C VAL A 228 30.78 -14.89 -6.96
N ASP A 229 29.58 -15.43 -7.21
CA ASP A 229 28.88 -16.16 -6.14
C ASP A 229 28.60 -17.59 -6.57
N LEU A 230 29.25 -18.50 -5.89
CA LEU A 230 29.10 -19.90 -6.28
C LEU A 230 27.75 -20.51 -5.95
N THR A 231 27.03 -19.98 -4.95
CA THR A 231 25.72 -20.57 -4.60
C THR A 231 24.76 -20.31 -5.73
N ILE A 232 24.84 -19.10 -6.32
CA ILE A 232 23.92 -18.83 -7.45
C ILE A 232 24.30 -19.65 -8.69
N LEU A 233 25.59 -19.67 -9.01
CA LEU A 233 25.99 -20.40 -10.22
C LEU A 233 25.59 -21.87 -10.09
N LYS A 234 25.82 -22.45 -8.92
CA LYS A 234 25.42 -23.84 -8.71
C LYS A 234 23.91 -23.99 -8.97
N HIS A 235 23.11 -23.03 -8.50
CA HIS A 235 21.64 -23.13 -8.72
C HIS A 235 21.27 -23.15 -10.20
N LEU A 236 21.88 -22.28 -11.00
CA LEU A 236 21.60 -22.20 -12.44
C LEU A 236 21.85 -23.50 -13.19
N ILE A 237 22.98 -24.14 -12.85
CA ILE A 237 23.33 -25.35 -13.54
C ILE A 237 22.38 -26.48 -13.15
N GLN A 238 22.14 -26.64 -11.87
CA GLN A 238 21.23 -27.69 -11.42
C GLN A 238 19.80 -27.49 -11.92
N ASN A 239 19.36 -26.26 -12.05
CA ASN A 239 17.98 -26.02 -12.45
C ASN A 239 17.70 -25.65 -13.89
N LYS A 240 18.74 -25.66 -14.69
CA LYS A 240 18.66 -25.28 -16.11
C LYS A 240 18.11 -23.85 -16.26
N ASN A 241 18.55 -22.92 -15.42
CA ASN A 241 18.06 -21.55 -15.54
C ASN A 241 19.01 -20.87 -16.52
N GLU A 242 18.48 -20.46 -17.65
CA GLU A 242 19.26 -19.83 -18.67
C GLU A 242 19.52 -18.39 -18.42
N TYR A 243 18.80 -17.78 -17.48
CA TYR A 243 19.01 -16.35 -17.20
C TYR A 243 18.62 -16.14 -15.74
N CYS A 244 19.42 -15.41 -14.97
CA CYS A 244 19.07 -15.14 -13.59
C CYS A 244 19.42 -13.72 -13.26
N MET A 245 18.40 -12.92 -12.91
CA MET A 245 18.63 -11.57 -12.47
C MET A 245 18.73 -11.41 -10.98
N GLU A 246 19.82 -10.86 -10.47
CA GLU A 246 19.86 -10.63 -9.01
C GLU A 246 19.07 -9.38 -8.69
N VAL A 247 18.13 -9.47 -7.77
CA VAL A 247 17.38 -8.29 -7.37
C VAL A 247 17.64 -8.16 -5.87
N THR A 248 17.34 -7.02 -5.28
CA THR A 248 17.58 -6.81 -3.85
C THR A 248 16.40 -5.96 -3.32
N PRO A 249 16.14 -5.98 -2.00
CA PRO A 249 15.01 -5.18 -1.53
C PRO A 249 15.12 -3.68 -1.86
N LYS A 250 14.05 -3.13 -2.38
CA LYS A 250 14.05 -1.72 -2.80
C LYS A 250 14.11 -0.79 -1.62
N THR A 251 15.08 0.12 -1.61
CA THR A 251 15.15 1.09 -0.52
C THR A 251 14.94 2.53 -1.00
N LEU A 252 14.79 3.49 -0.08
CA LEU A 252 14.63 4.89 -0.49
C LEU A 252 15.83 5.42 -1.30
N ALA A 253 16.98 4.79 -1.15
CA ALA A 253 18.16 5.25 -1.94
C ALA A 253 18.15 4.75 -3.38
N ASP A 254 17.23 3.84 -3.71
CA ASP A 254 17.18 3.31 -5.08
C ASP A 254 16.25 4.15 -5.94
N VAL A 255 16.84 5.12 -6.62
CA VAL A 255 16.07 6.08 -7.45
C VAL A 255 16.45 5.97 -8.93
N LYS A 256 17.71 5.69 -9.26
CA LYS A 256 18.05 5.52 -10.69
C LYS A 256 18.27 4.06 -10.99
N GLY A 257 17.31 3.46 -11.67
CA GLY A 257 17.37 2.05 -12.00
C GLY A 257 16.01 1.46 -12.36
N GLY A 258 15.82 0.15 -12.21
CA GLY A 258 14.62 -0.56 -12.55
C GLY A 258 14.18 -1.58 -11.53
N THR A 259 12.95 -2.03 -11.67
CA THR A 259 12.41 -3.07 -10.79
C THR A 259 12.01 -4.25 -11.69
N LEU A 260 11.75 -5.43 -11.12
CA LEU A 260 11.34 -6.54 -11.97
C LEU A 260 9.89 -6.80 -11.54
N ILE A 261 8.98 -6.78 -12.52
CA ILE A 261 7.55 -7.01 -12.30
C ILE A 261 7.00 -8.30 -12.99
N SER A 262 5.72 -8.63 -12.73
CA SER A 262 5.00 -9.75 -13.34
C SER A 262 3.95 -9.11 -14.27
N TYR A 263 4.10 -9.27 -15.60
CA TYR A 263 3.20 -8.66 -16.59
C TYR A 263 2.81 -9.53 -17.79
N GLU A 264 1.51 -9.71 -17.98
CA GLU A 264 1.01 -10.53 -19.08
C GLU A 264 1.64 -11.94 -19.09
N GLY A 265 1.78 -12.49 -17.88
CA GLY A 265 2.29 -13.84 -17.73
C GLY A 265 3.79 -14.03 -17.76
N LYS A 266 4.53 -12.92 -17.85
CA LYS A 266 5.98 -13.06 -17.97
C LYS A 266 6.69 -12.06 -17.12
N VAL A 267 7.88 -12.44 -16.62
CA VAL A 267 8.66 -11.49 -15.84
C VAL A 267 9.20 -10.45 -16.84
N GLN A 268 9.30 -9.22 -16.40
CA GLN A 268 9.69 -8.14 -17.31
C GLN A 268 10.35 -7.02 -16.53
N LEU A 269 11.32 -6.33 -17.13
CA LEU A 269 11.98 -5.24 -16.42
C LEU A 269 11.29 -3.87 -16.65
N LEU A 270 11.19 -3.06 -15.60
CA LEU A 270 10.60 -1.70 -15.70
C LEU A 270 11.63 -0.66 -15.19
N GLU A 271 12.27 0.06 -16.12
CA GLU A 271 13.24 1.09 -15.76
C GLU A 271 12.49 2.36 -15.40
N ILE A 272 13.11 3.22 -14.60
CA ILE A 272 12.41 4.42 -14.17
C ILE A 272 12.11 5.28 -15.39
N ALA A 273 13.03 5.31 -16.34
CA ALA A 273 12.77 6.14 -17.55
C ALA A 273 11.49 5.75 -18.29
N GLN A 274 11.02 4.51 -18.09
CA GLN A 274 9.86 3.98 -18.77
C GLN A 274 8.56 4.24 -18.01
N VAL A 275 8.67 4.85 -16.84
CA VAL A 275 7.48 5.13 -16.03
C VAL A 275 6.88 6.51 -16.30
N PRO A 276 5.58 6.55 -16.68
CA PRO A 276 4.81 7.77 -16.97
C PRO A 276 4.86 8.67 -15.74
N ASP A 277 5.02 9.99 -15.96
CA ASP A 277 5.12 10.92 -14.85
C ASP A 277 4.01 10.81 -13.82
N GLU A 278 2.82 10.41 -14.26
CA GLU A 278 1.69 10.28 -13.34
C GLU A 278 1.83 8.99 -12.53
N HIS A 279 2.83 8.17 -12.84
CA HIS A 279 3.02 6.92 -12.10
C HIS A 279 4.40 6.90 -11.41
N VAL A 280 5.12 8.02 -11.44
CA VAL A 280 6.45 8.12 -10.84
C VAL A 280 6.48 8.03 -9.33
N ASN A 281 5.48 8.61 -8.69
CA ASN A 281 5.38 8.60 -7.23
C ASN A 281 5.21 7.15 -6.79
N GLU A 282 4.40 6.43 -7.56
CA GLU A 282 4.09 5.03 -7.30
C GLU A 282 5.32 4.13 -7.48
N PHE A 283 6.21 4.47 -8.41
CA PHE A 283 7.42 3.67 -8.63
C PHE A 283 8.41 3.82 -7.48
N LYS A 284 8.54 5.05 -6.97
CA LYS A 284 9.49 5.31 -5.89
C LYS A 284 9.04 4.84 -4.50
N SER A 285 7.79 4.37 -4.40
CA SER A 285 7.34 3.91 -3.09
C SER A 285 7.94 2.52 -2.84
N ILE A 286 8.58 2.32 -1.69
CA ILE A 286 9.14 1.00 -1.40
C ILE A 286 8.08 0.08 -0.84
N GLU A 287 6.81 0.43 -1.08
CA GLU A 287 5.65 -0.35 -0.65
C GLU A 287 5.04 -1.01 -1.88
N LYS A 288 5.07 -0.28 -2.99
CA LYS A 288 4.52 -0.76 -4.26
C LYS A 288 5.41 -1.83 -4.89
N PHE A 289 6.70 -1.55 -4.96
CA PHE A 289 7.68 -2.47 -5.50
C PHE A 289 8.64 -2.77 -4.37
N LYS A 290 8.97 -4.03 -4.17
CA LYS A 290 9.85 -4.39 -3.06
C LYS A 290 11.23 -4.85 -3.48
N ILE A 291 11.41 -4.97 -4.79
CA ILE A 291 12.67 -5.43 -5.35
C ILE A 291 13.18 -4.47 -6.36
N PHE A 292 14.49 -4.45 -6.48
CA PHE A 292 15.15 -3.54 -7.38
C PHE A 292 16.22 -4.35 -8.09
N ASN A 293 16.36 -4.17 -9.42
CA ASN A 293 17.38 -4.90 -10.18
C ASN A 293 18.77 -4.36 -9.85
N THR A 294 19.68 -5.27 -9.55
CA THR A 294 21.04 -4.86 -9.22
C THR A 294 21.89 -4.80 -10.48
N ASN A 295 21.34 -5.37 -11.56
CA ASN A 295 22.01 -5.55 -12.86
C ASN A 295 23.15 -6.57 -12.78
N ASN A 296 23.17 -7.36 -11.71
CA ASN A 296 24.14 -8.48 -11.65
C ASN A 296 23.30 -9.56 -12.33
N LEU A 297 23.68 -9.92 -13.56
CA LEU A 297 22.92 -10.86 -14.38
C LEU A 297 23.75 -12.12 -14.74
N TRP A 298 23.13 -13.30 -14.64
CA TRP A 298 23.82 -14.54 -14.96
C TRP A 298 23.15 -15.08 -16.19
N VAL A 299 23.93 -15.36 -17.24
CA VAL A 299 23.30 -15.76 -18.50
C VAL A 299 24.00 -16.91 -19.20
N ASN A 300 23.21 -17.86 -19.67
CA ASN A 300 23.70 -19.07 -20.35
C ASN A 300 24.20 -18.69 -21.71
N LEU A 301 25.48 -18.98 -21.99
CA LEU A 301 26.10 -18.59 -23.28
C LEU A 301 25.50 -19.21 -24.52
N LYS A 302 25.22 -20.51 -24.48
CA LYS A 302 24.63 -21.15 -25.67
C LYS A 302 23.29 -20.54 -25.93
N ALA A 303 22.59 -20.15 -24.88
CA ALA A 303 21.28 -19.53 -25.08
C ALA A 303 21.45 -18.16 -25.75
N ILE A 304 22.46 -17.42 -25.33
CA ILE A 304 22.70 -16.13 -25.94
C ILE A 304 22.92 -16.31 -27.44
N LYS A 305 23.76 -17.27 -27.80
CA LYS A 305 24.09 -17.55 -29.20
C LYS A 305 22.82 -17.83 -29.99
N LYS A 306 22.04 -18.77 -29.48
CA LYS A 306 20.78 -19.15 -30.14
C LYS A 306 19.82 -17.97 -30.34
N LEU A 307 19.53 -17.27 -29.26
CA LEU A 307 18.58 -16.16 -29.29
C LEU A 307 19.06 -14.99 -30.14
N VAL A 308 20.37 -14.68 -30.11
CA VAL A 308 20.84 -13.58 -30.92
C VAL A 308 20.78 -13.96 -32.39
N GLU A 309 21.16 -15.21 -32.69
CA GLU A 309 21.12 -15.67 -34.07
C GLU A 309 19.69 -15.81 -34.64
N ALA A 310 18.71 -16.04 -33.78
CA ALA A 310 17.36 -16.20 -34.25
C ALA A 310 16.73 -14.83 -34.25
N ASP A 311 17.51 -13.84 -33.82
CA ASP A 311 17.06 -12.46 -33.77
C ASP A 311 15.84 -12.37 -32.84
N ALA A 312 15.90 -13.12 -31.73
CA ALA A 312 14.83 -13.26 -30.73
C ALA A 312 14.85 -12.28 -29.55
N LEU A 313 15.96 -11.57 -29.36
CA LEU A 313 16.00 -10.65 -28.22
C LEU A 313 15.37 -9.33 -28.56
N LYS A 314 14.10 -9.15 -28.23
CA LYS A 314 13.43 -7.90 -28.57
C LYS A 314 12.99 -7.06 -27.36
N MET A 315 13.98 -6.58 -26.61
CA MET A 315 13.73 -5.76 -25.45
C MET A 315 13.05 -4.45 -25.83
N GLU A 316 12.28 -3.94 -24.89
CA GLU A 316 11.54 -2.72 -25.08
C GLU A 316 12.56 -1.65 -25.40
N ILE A 317 12.21 -0.80 -26.36
CA ILE A 317 13.08 0.32 -26.78
C ILE A 317 12.95 1.59 -25.91
N ILE A 318 14.08 2.08 -25.38
CA ILE A 318 14.09 3.29 -24.54
C ILE A 318 14.68 4.38 -25.42
N PRO A 319 13.92 5.44 -25.73
CA PRO A 319 14.42 6.51 -26.61
C PRO A 319 15.62 7.37 -26.13
N ASN A 320 15.68 7.64 -24.82
CA ASN A 320 16.79 8.37 -24.16
C ASN A 320 17.19 9.68 -24.80
N PRO A 321 16.21 10.51 -25.08
CA PRO A 321 16.40 11.80 -25.71
C PRO A 321 17.35 12.73 -24.96
N LYS A 322 18.19 13.46 -25.71
CA LYS A 322 19.22 14.34 -25.12
C LYS A 322 19.37 15.54 -26.03
N GLU A 323 19.70 16.71 -25.46
CA GLU A 323 19.91 17.88 -26.34
C GLU A 323 21.42 18.05 -26.30
N VAL A 324 22.04 17.98 -27.48
CA VAL A 324 23.48 18.15 -27.58
C VAL A 324 23.77 19.31 -28.52
N ASP A 325 24.49 20.32 -28.02
CA ASP A 325 24.87 21.43 -28.84
C ASP A 325 23.65 22.11 -29.45
N GLY A 326 22.56 22.15 -28.69
CA GLY A 326 21.34 22.78 -29.18
C GLY A 326 20.51 21.91 -30.12
N VAL A 327 20.99 20.70 -30.38
CA VAL A 327 20.25 19.81 -31.26
C VAL A 327 19.62 18.69 -30.43
N LYS A 328 18.31 18.53 -30.54
CA LYS A 328 17.57 17.49 -29.83
C LYS A 328 17.67 16.20 -30.61
N VAL A 329 18.25 15.18 -29.95
CA VAL A 329 18.46 13.88 -30.57
C VAL A 329 17.86 12.72 -29.83
N LEU A 330 17.61 11.62 -30.54
CA LEU A 330 17.11 10.39 -29.89
C LEU A 330 18.30 9.43 -29.85
N GLN A 331 18.35 8.65 -28.77
CA GLN A 331 19.43 7.69 -28.52
C GLN A 331 18.78 6.30 -28.25
N LEU A 332 18.06 5.76 -29.23
CA LEU A 332 17.36 4.44 -29.07
C LEU A 332 18.25 3.39 -28.46
N GLU A 333 17.82 2.78 -27.37
CA GLU A 333 18.66 1.78 -26.72
C GLU A 333 17.86 0.68 -26.05
N THR A 334 18.51 -0.32 -25.50
CA THR A 334 17.78 -1.37 -24.78
C THR A 334 18.58 -1.68 -23.52
N ALA A 335 17.88 -2.26 -22.55
CA ALA A 335 18.49 -2.67 -21.26
C ALA A 335 18.75 -4.18 -21.19
N ALA A 336 19.94 -4.55 -20.71
CA ALA A 336 20.31 -5.96 -20.56
C ALA A 336 19.37 -6.75 -19.66
N GLY A 337 18.89 -6.15 -18.58
CA GLY A 337 17.96 -6.84 -17.69
C GLY A 337 16.66 -7.12 -18.37
N ALA A 338 16.32 -6.34 -19.38
CA ALA A 338 15.02 -6.58 -20.07
C ALA A 338 15.02 -7.84 -20.88
N ALA A 339 16.18 -8.38 -21.14
CA ALA A 339 16.24 -9.62 -21.96
C ALA A 339 15.75 -10.83 -21.17
N ILE A 340 15.53 -10.67 -19.88
CA ILE A 340 15.13 -11.78 -19.05
C ILE A 340 13.90 -12.49 -19.60
N ARG A 341 13.02 -11.71 -20.22
CA ARG A 341 11.74 -12.23 -20.74
C ARG A 341 11.87 -13.25 -21.88
N PHE A 342 13.03 -13.31 -22.51
CA PHE A 342 13.22 -14.18 -23.67
C PHE A 342 13.97 -15.48 -23.44
N PHE A 343 14.54 -15.66 -22.25
CA PHE A 343 15.30 -16.84 -21.95
C PHE A 343 14.49 -17.89 -21.21
N ASP A 344 14.89 -19.14 -21.37
CA ASP A 344 14.16 -20.24 -20.72
C ASP A 344 14.44 -20.40 -19.26
N ASN A 345 13.42 -20.81 -18.51
CA ASN A 345 13.56 -20.95 -17.07
C ASN A 345 14.31 -19.82 -16.43
N ALA A 346 13.94 -18.61 -16.84
CA ALA A 346 14.58 -17.41 -16.29
C ALA A 346 14.03 -17.19 -14.90
N ILE A 347 14.88 -16.71 -13.98
CA ILE A 347 14.45 -16.42 -12.63
C ILE A 347 15.16 -15.17 -12.16
N GLY A 348 14.71 -14.71 -10.99
CA GLY A 348 15.40 -13.62 -10.30
C GLY A 348 15.84 -14.24 -8.98
N VAL A 349 16.86 -13.68 -8.37
CA VAL A 349 17.27 -14.20 -7.04
C VAL A 349 17.33 -12.94 -6.16
N ASN A 350 16.68 -12.96 -5.00
CA ASN A 350 16.65 -11.78 -4.17
C ASN A 350 17.84 -11.86 -3.24
N VAL A 351 18.82 -10.98 -3.41
CA VAL A 351 20.06 -11.06 -2.65
C VAL A 351 20.24 -9.95 -1.64
N PRO A 352 21.11 -10.17 -0.64
CA PRO A 352 21.35 -9.14 0.36
C PRO A 352 22.06 -7.91 -0.27
N ARG A 353 21.91 -6.76 0.37
CA ARG A 353 22.48 -5.56 -0.23
C ARG A 353 23.99 -5.53 -0.35
N SER A 354 24.64 -6.41 0.38
CA SER A 354 26.09 -6.51 0.29
C SER A 354 26.53 -6.70 -1.20
N ARG A 355 25.67 -7.27 -2.05
CA ARG A 355 25.99 -7.50 -3.47
C ARG A 355 25.59 -6.34 -4.36
N PHE A 356 25.17 -5.24 -3.77
CA PHE A 356 24.70 -4.07 -4.51
C PHE A 356 25.13 -2.76 -3.87
N LEU A 357 26.29 -2.26 -4.33
CA LEU A 357 26.91 -1.02 -3.86
C LEU A 357 26.93 -0.09 -5.08
N PRO A 358 25.74 0.28 -5.58
CA PRO A 358 25.69 1.16 -6.74
C PRO A 358 26.32 2.56 -6.60
N VAL A 359 26.90 3.04 -7.67
CA VAL A 359 27.40 4.38 -7.68
C VAL A 359 26.77 5.09 -8.87
N LYS A 360 25.59 5.67 -8.61
CA LYS A 360 24.88 6.36 -9.68
C LYS A 360 25.08 7.84 -9.67
N ALA A 361 25.33 8.40 -8.48
CA ALA A 361 25.49 9.84 -8.29
C ALA A 361 26.61 10.06 -7.30
N SER A 362 27.00 11.30 -7.09
CA SER A 362 28.05 11.64 -6.15
C SER A 362 27.66 11.24 -4.68
N SER A 363 26.36 11.21 -4.38
CA SER A 363 25.91 10.80 -3.03
C SER A 363 26.23 9.33 -2.78
N ASP A 364 26.15 8.52 -3.82
CA ASP A 364 26.45 7.08 -3.79
C ASP A 364 27.98 6.92 -3.66
N LEU A 365 28.73 7.77 -4.36
CA LEU A 365 30.18 7.68 -4.30
C LEU A 365 30.63 7.99 -2.88
N LEU A 366 29.99 8.97 -2.23
CA LEU A 366 30.41 9.24 -0.85
C LEU A 366 30.20 7.99 0.00
N LEU A 367 29.06 7.34 -0.16
CA LEU A 367 28.85 6.14 0.62
C LEU A 367 29.98 5.12 0.44
N VAL A 368 30.30 4.77 -0.80
CA VAL A 368 31.27 3.70 -1.06
C VAL A 368 32.67 4.09 -0.73
N GLN A 369 32.98 5.38 -0.73
CA GLN A 369 34.36 5.82 -0.38
C GLN A 369 34.56 5.98 1.16
N SER A 370 33.50 5.81 1.91
CA SER A 370 33.50 6.07 3.36
C SER A 370 33.75 4.90 4.26
N ASP A 371 33.85 5.22 5.55
CA ASP A 371 33.99 4.21 6.59
C ASP A 371 32.71 3.37 6.80
N LEU A 372 31.70 3.56 5.94
CA LEU A 372 30.52 2.71 6.03
C LEU A 372 30.98 1.33 5.56
N TYR A 373 32.08 1.31 4.81
CA TYR A 373 32.62 0.01 4.35
C TYR A 373 34.10 -0.15 4.70
N THR A 374 34.64 -1.37 4.57
CA THR A 374 36.06 -1.56 4.76
C THR A 374 36.51 -2.27 3.46
N LEU A 375 37.79 -2.19 3.15
CA LEU A 375 38.30 -2.83 1.96
C LEU A 375 39.36 -3.77 2.49
N VAL A 376 39.06 -5.06 2.48
CA VAL A 376 39.96 -6.07 3.03
C VAL A 376 39.95 -7.31 2.13
N ASP A 377 41.14 -7.78 1.76
CA ASP A 377 41.25 -8.94 0.90
C ASP A 377 40.57 -8.76 -0.47
N GLY A 378 40.46 -7.48 -0.87
CA GLY A 378 39.93 -7.09 -2.18
C GLY A 378 38.43 -6.89 -2.19
N PHE A 379 37.81 -7.19 -1.07
CA PHE A 379 36.37 -7.12 -0.97
C PHE A 379 35.93 -5.86 -0.25
N VAL A 380 34.89 -5.21 -0.74
CA VAL A 380 34.39 -4.04 -0.07
C VAL A 380 33.20 -4.58 0.73
N THR A 381 33.22 -4.57 2.06
CA THR A 381 32.08 -5.01 2.82
C THR A 381 31.73 -4.02 3.94
N ARG A 382 30.46 -4.04 4.35
CA ARG A 382 29.94 -3.15 5.38
C ARG A 382 30.71 -3.23 6.69
N ASN A 383 31.00 -2.06 7.25
CA ASN A 383 31.76 -1.90 8.47
C ASN A 383 31.01 -2.36 9.72
N LYS A 384 31.35 -3.54 10.22
CA LYS A 384 30.74 -4.17 11.41
C LYS A 384 30.55 -3.24 12.62
N ALA A 385 31.27 -2.14 12.65
CA ALA A 385 31.15 -1.19 13.74
C ALA A 385 29.83 -0.38 13.70
N ARG A 386 29.14 -0.40 12.56
CA ARG A 386 27.90 0.36 12.47
C ARG A 386 26.64 -0.42 12.83
N THR A 387 25.84 0.20 13.69
CA THR A 387 24.61 -0.36 14.20
C THR A 387 23.47 -0.43 13.21
N ASN A 388 23.06 0.74 12.74
CA ASN A 388 21.96 0.87 11.80
C ASN A 388 21.97 -0.16 10.65
N PRO A 389 20.97 -1.04 10.61
CA PRO A 389 20.94 -2.04 9.53
C PRO A 389 20.79 -1.37 8.15
N SER A 390 20.15 -0.20 8.16
CA SER A 390 19.91 0.55 6.96
C SER A 390 21.05 1.53 6.75
N ASN A 391 21.39 1.78 5.49
CA ASN A 391 22.45 2.72 5.12
C ASN A 391 21.99 4.16 5.42
N PRO A 392 22.95 5.05 5.67
CA PRO A 392 22.61 6.45 5.94
C PRO A 392 22.10 7.06 4.63
N SER A 393 21.14 7.98 4.69
CA SER A 393 20.70 8.64 3.47
C SER A 393 21.64 9.84 3.19
N ILE A 394 22.03 9.99 1.94
CA ILE A 394 22.91 11.07 1.54
C ILE A 394 22.22 11.92 0.46
N GLU A 395 21.99 13.20 0.76
CA GLU A 395 21.39 14.13 -0.20
C GLU A 395 22.33 15.33 -0.36
N LEU A 396 22.80 15.53 -1.57
CA LEU A 396 23.71 16.65 -1.81
C LEU A 396 23.16 17.54 -2.91
N GLY A 397 23.34 18.87 -2.79
CA GLY A 397 22.87 19.78 -3.81
C GLY A 397 23.64 19.78 -5.12
N PRO A 398 23.10 20.51 -6.12
CA PRO A 398 23.66 20.66 -7.48
C PRO A 398 25.14 20.89 -7.46
N GLU A 399 25.61 21.66 -6.46
CA GLU A 399 27.04 21.98 -6.32
C GLU A 399 27.93 20.75 -6.20
N PHE A 400 27.36 19.63 -5.81
CA PHE A 400 28.14 18.41 -5.65
C PHE A 400 27.85 17.41 -6.76
N LYS A 401 27.13 17.83 -7.78
CA LYS A 401 26.80 16.82 -8.79
C LYS A 401 27.95 16.23 -9.57
N LYS A 402 28.89 17.08 -10.01
CA LYS A 402 30.01 16.56 -10.77
C LYS A 402 31.07 16.01 -9.85
N VAL A 403 31.65 14.88 -10.25
CA VAL A 403 32.67 14.23 -9.46
C VAL A 403 33.82 15.19 -9.15
N ALA A 404 34.09 16.09 -10.09
CA ALA A 404 35.19 17.03 -9.90
C ALA A 404 34.92 18.02 -8.76
N THR A 405 33.73 18.63 -8.76
CA THR A 405 33.37 19.60 -7.72
C THR A 405 33.05 18.82 -6.43
N PHE A 406 32.43 17.63 -6.54
CA PHE A 406 32.19 16.79 -5.36
C PHE A 406 33.51 16.58 -4.57
N LEU A 407 34.51 16.06 -5.25
CA LEU A 407 35.80 15.80 -4.64
C LEU A 407 36.40 17.07 -3.98
N SER A 408 36.28 18.20 -4.67
CA SER A 408 36.82 19.47 -4.16
C SER A 408 36.21 19.90 -2.83
N ARG A 409 34.92 19.65 -2.69
CA ARG A 409 34.20 20.07 -1.50
C ARG A 409 34.35 19.14 -0.31
N PHE A 410 35.14 18.08 -0.46
CA PHE A 410 35.37 17.11 0.62
C PHE A 410 36.87 16.86 0.77
N LYS A 411 37.55 17.67 1.59
CA LYS A 411 38.99 17.47 1.79
C LYS A 411 39.29 15.99 2.00
N SER A 412 38.45 15.34 2.81
CA SER A 412 38.53 13.90 3.03
C SER A 412 37.06 13.53 3.16
N ILE A 413 36.74 12.26 2.99
CA ILE A 413 35.35 11.86 3.14
C ILE A 413 35.05 11.68 4.62
N PRO A 414 34.14 12.49 5.16
CA PRO A 414 33.87 12.34 6.58
C PRO A 414 33.44 10.94 7.01
N SER A 415 33.56 10.67 8.30
CA SER A 415 33.15 9.41 8.84
C SER A 415 31.59 9.40 8.91
N ILE A 416 30.96 8.35 8.38
CA ILE A 416 29.51 8.30 8.47
C ILE A 416 29.01 6.99 9.11
N VAL A 417 29.92 6.24 9.69
CA VAL A 417 29.51 4.99 10.29
C VAL A 417 28.40 5.16 11.37
N GLU A 418 28.32 6.32 12.06
CA GLU A 418 27.22 6.51 13.03
C GLU A 418 26.18 7.52 12.50
N LEU A 419 26.14 7.67 11.18
CA LEU A 419 25.24 8.65 10.56
C LEU A 419 23.93 8.02 10.09
N ASP A 420 22.83 8.73 10.21
CA ASP A 420 21.59 8.15 9.69
C ASP A 420 21.10 8.88 8.42
N SER A 421 21.32 10.20 8.40
CA SER A 421 20.94 11.01 7.24
C SER A 421 21.81 12.28 7.09
N LEU A 422 22.13 12.63 5.85
CA LEU A 422 22.89 13.86 5.60
C LEU A 422 22.20 14.60 4.48
N LYS A 423 21.92 15.89 4.67
CA LYS A 423 21.34 16.72 3.61
C LYS A 423 22.21 17.97 3.54
N VAL A 424 22.73 18.28 2.35
CA VAL A 424 23.54 19.46 2.18
C VAL A 424 22.94 20.27 1.07
N SER A 425 22.74 21.58 1.30
CA SER A 425 22.22 22.45 0.25
C SER A 425 23.05 23.71 0.37
N GLY A 426 23.18 24.44 -0.73
CA GLY A 426 23.99 25.65 -0.68
C GLY A 426 25.47 25.44 -0.99
N ASP A 427 26.24 26.52 -0.88
CA ASP A 427 27.65 26.50 -1.20
C ASP A 427 28.49 26.02 -0.01
N VAL A 428 28.49 24.71 0.23
CA VAL A 428 29.16 24.05 1.35
C VAL A 428 30.48 23.32 1.06
N TRP A 429 31.49 23.54 1.90
CA TRP A 429 32.78 22.91 1.71
C TRP A 429 33.11 22.14 3.00
N PHE A 430 33.62 20.93 2.85
CA PHE A 430 33.94 20.13 4.02
C PHE A 430 35.46 19.98 4.19
N GLY A 431 35.96 20.28 5.38
CA GLY A 431 37.38 20.10 5.59
C GLY A 431 37.66 18.62 5.78
N SER A 432 38.78 18.31 6.44
CA SER A 432 39.15 16.92 6.68
C SER A 432 38.90 16.36 8.08
N SER A 433 38.91 15.04 8.15
CA SER A 433 38.66 14.20 9.35
C SER A 433 37.40 14.58 10.10
N ILE A 434 36.36 14.97 9.36
CA ILE A 434 35.07 15.33 9.95
C ILE A 434 34.31 14.07 10.34
N VAL A 435 33.52 14.16 11.40
CA VAL A 435 32.72 13.04 11.86
C VAL A 435 31.27 13.45 11.89
N LEU A 436 30.43 12.70 11.19
CA LEU A 436 29.01 12.99 11.16
C LEU A 436 28.19 11.90 11.83
N LYS A 437 27.28 12.34 12.72
CA LYS A 437 26.39 11.45 13.44
C LYS A 437 24.93 11.87 13.53
N GLY A 438 24.09 10.85 13.58
CA GLY A 438 22.64 11.01 13.68
C GLY A 438 22.02 11.65 12.45
N LYS A 439 21.23 12.70 12.69
CA LYS A 439 20.60 13.44 11.59
C LYS A 439 21.34 14.77 11.38
N VAL A 440 21.94 14.93 10.20
CA VAL A 440 22.71 16.13 9.91
C VAL A 440 22.19 16.86 8.67
N THR A 441 22.10 18.19 8.78
CA THR A 441 21.70 18.97 7.65
C THR A 441 22.56 20.22 7.61
N VAL A 442 23.06 20.54 6.42
CA VAL A 442 23.86 21.73 6.28
C VAL A 442 23.27 22.59 5.17
N ALA A 443 22.68 23.71 5.56
CA ALA A 443 22.02 24.60 4.59
C ALA A 443 22.65 25.98 4.47
N ALA A 444 23.35 26.25 3.37
CA ALA A 444 24.02 27.55 3.14
C ALA A 444 23.04 28.55 2.55
N LYS A 445 22.79 29.67 3.21
CA LYS A 445 21.85 30.64 2.63
C LYS A 445 22.41 31.25 1.34
N SER A 446 21.55 31.87 0.54
CA SER A 446 22.03 32.46 -0.71
C SER A 446 23.18 33.45 -0.51
N GLY A 447 24.23 33.30 -1.28
CA GLY A 447 25.34 34.23 -1.12
C GLY A 447 26.32 33.75 -0.07
N VAL A 448 25.92 32.76 0.72
CA VAL A 448 26.85 32.27 1.75
C VAL A 448 27.66 31.06 1.30
N LYS A 449 28.93 31.07 1.68
CA LYS A 449 29.80 29.94 1.41
C LYS A 449 30.23 29.42 2.77
N LEU A 450 29.63 28.31 3.19
CA LEU A 450 29.89 27.68 4.48
C LEU A 450 30.98 26.63 4.40
N GLU A 451 32.00 26.77 5.24
CA GLU A 451 33.08 25.80 5.24
C GLU A 451 33.06 25.11 6.61
N ILE A 452 32.92 23.78 6.62
CA ILE A 452 32.93 23.01 7.85
C ILE A 452 34.41 22.79 8.11
N PRO A 453 34.86 23.12 9.33
CA PRO A 453 36.24 23.00 9.77
C PRO A 453 36.78 21.58 9.99
N ASP A 454 38.08 21.41 9.77
CA ASP A 454 38.72 20.11 9.94
C ASP A 454 38.44 19.57 11.33
N ARG A 455 38.25 18.26 11.44
CA ARG A 455 38.01 17.66 12.74
C ARG A 455 36.65 17.94 13.41
N ALA A 456 35.80 18.70 12.73
CA ALA A 456 34.48 18.99 13.30
C ALA A 456 33.71 17.69 13.49
N VAL A 457 33.09 17.55 14.65
CA VAL A 457 32.29 16.37 14.92
C VAL A 457 30.87 16.95 14.93
N VAL A 458 30.06 16.51 13.97
CA VAL A 458 28.70 16.99 13.81
C VAL A 458 27.68 15.90 14.09
N GLU A 459 27.05 16.02 15.25
CA GLU A 459 26.07 15.08 15.70
C GLU A 459 24.71 15.76 15.86
N ASN A 460 23.74 15.23 15.14
CA ASN A 460 22.36 15.71 15.19
C ASN A 460 22.13 17.18 15.07
N LYS A 461 22.81 17.84 14.13
CA LYS A 461 22.62 19.27 14.04
C LYS A 461 22.04 19.72 12.74
N ASN A 462 21.43 20.89 12.80
CA ASN A 462 20.90 21.54 11.62
C ASN A 462 21.78 22.77 11.52
N ILE A 463 22.73 22.74 10.60
CA ILE A 463 23.66 23.85 10.38
C ILE A 463 23.10 24.80 9.34
N ASN A 464 22.84 26.02 9.80
CA ASN A 464 22.24 27.04 8.96
C ASN A 464 23.19 28.18 8.65
N GLY A 465 24.44 28.02 9.08
CA GLY A 465 25.47 29.02 8.84
C GLY A 465 26.50 29.02 9.94
N PRO A 466 27.43 29.99 9.91
CA PRO A 466 28.39 29.95 11.02
C PRO A 466 27.65 30.41 12.31
N ASN B 7 -27.95 34.57 14.41
CA ASN B 7 -29.22 33.78 14.44
C ASN B 7 -29.31 32.98 15.73
N LEU B 8 -28.20 32.85 16.43
CA LEU B 8 -28.18 32.07 17.65
C LEU B 8 -29.19 32.60 18.68
N PRO B 9 -29.18 33.91 18.98
CA PRO B 9 -30.15 34.41 19.98
C PRO B 9 -31.63 34.13 19.67
N GLN B 10 -32.04 34.30 18.42
CA GLN B 10 -33.45 34.05 18.07
C GLN B 10 -33.79 32.57 18.06
N LEU B 11 -32.86 31.76 17.57
CA LEU B 11 -33.11 30.34 17.52
C LEU B 11 -33.17 29.83 18.94
N LYS B 12 -32.28 30.34 19.80
CA LYS B 12 -32.29 29.94 21.20
C LYS B 12 -33.59 30.43 21.89
N SER B 13 -34.10 31.60 21.49
CA SER B 13 -35.34 32.08 22.11
C SER B 13 -36.48 31.10 21.80
N ALA B 14 -36.53 30.66 20.55
CA ALA B 14 -37.54 29.71 20.13
C ALA B 14 -37.35 28.41 20.95
N VAL B 15 -36.09 28.04 21.24
CA VAL B 15 -35.78 26.81 22.02
C VAL B 15 -36.11 26.95 23.51
N ASP B 16 -35.79 28.08 24.11
CA ASP B 16 -36.17 28.27 25.53
C ASP B 16 -37.68 28.27 25.61
N GLY B 17 -38.33 28.58 24.48
CA GLY B 17 -39.78 28.53 24.43
C GLY B 17 -40.38 27.20 23.97
N LEU B 18 -39.57 26.11 23.88
CA LEU B 18 -40.15 24.82 23.45
C LEU B 18 -40.58 23.94 24.64
N THR B 19 -41.88 23.96 24.92
CA THR B 19 -42.48 23.23 26.03
C THR B 19 -42.23 21.74 26.09
N GLU B 20 -42.45 21.08 24.96
CA GLU B 20 -42.28 19.65 24.91
C GLU B 20 -40.82 19.19 24.88
N MET B 21 -39.89 20.11 25.19
CA MET B 21 -38.42 19.85 25.25
C MET B 21 -37.88 20.10 26.67
N SER B 22 -36.90 19.31 27.13
CA SER B 22 -36.33 19.46 28.49
C SER B 22 -35.11 20.39 28.59
N GLU B 23 -34.94 21.05 29.74
CA GLU B 23 -33.81 21.95 29.89
C GLU B 23 -32.47 21.38 29.39
N SER B 24 -32.20 20.12 29.77
CA SER B 24 -30.97 19.44 29.37
C SER B 24 -30.92 19.17 27.88
N GLU B 25 -32.05 18.74 27.34
CA GLU B 25 -32.09 18.53 25.90
C GLU B 25 -31.97 19.96 25.37
N LYS B 26 -32.59 20.91 26.08
CA LYS B 26 -32.46 22.28 25.58
C LYS B 26 -31.00 22.67 25.65
N SER B 27 -30.32 22.32 26.75
CA SER B 27 -28.93 22.73 26.84
C SER B 27 -28.05 21.94 25.87
N GLY B 28 -28.37 20.66 25.67
CA GLY B 28 -27.61 19.88 24.70
C GLY B 28 -27.77 20.37 23.27
N PHE B 29 -28.99 20.67 22.85
CA PHE B 29 -29.19 21.14 21.47
C PHE B 29 -28.56 22.50 21.26
N ILE B 30 -28.73 23.37 22.25
CA ILE B 30 -28.11 24.70 22.15
C ILE B 30 -26.58 24.58 21.99
N SER B 31 -25.99 23.69 22.78
CA SER B 31 -24.55 23.44 22.74
C SER B 31 -24.21 22.97 21.32
N LEU B 32 -25.02 22.10 20.74
CA LEU B 32 -24.75 21.66 19.40
C LEU B 32 -24.82 22.81 18.37
N VAL B 33 -25.90 23.58 18.44
CA VAL B 33 -26.16 24.71 17.48
C VAL B 33 -25.05 25.74 17.59
N SER B 34 -24.62 25.98 18.82
CA SER B 34 -23.56 26.96 19.02
C SER B 34 -22.32 26.53 18.25
N ARG B 35 -21.95 25.26 18.39
CA ARG B 35 -20.78 24.77 17.70
C ARG B 35 -20.94 24.81 16.19
N TYR B 36 -22.15 24.55 15.71
CA TYR B 36 -22.42 24.57 14.28
C TYR B 36 -22.32 26.03 13.77
N LEU B 37 -22.95 26.96 14.48
CA LEU B 37 -22.91 28.36 14.04
C LEU B 37 -21.53 28.97 14.10
N SER B 38 -20.67 28.45 14.94
CA SER B 38 -19.35 29.03 15.02
C SER B 38 -18.40 28.33 14.06
N GLY B 39 -18.76 27.13 13.62
CA GLY B 39 -17.90 26.34 12.73
C GLY B 39 -17.10 25.36 13.59
N GLU B 40 -16.61 24.27 13.00
CA GLU B 40 -15.83 23.30 13.79
C GLU B 40 -14.78 23.98 14.66
N ALA B 41 -13.96 23.19 15.32
CA ALA B 41 -12.91 23.70 16.19
C ALA B 41 -11.56 23.22 15.65
N GLN B 42 -11.55 21.99 15.14
CA GLN B 42 -10.33 21.37 14.57
C GLN B 42 -10.26 21.57 13.05
N HIS B 43 -9.12 22.05 12.57
CA HIS B 43 -8.91 22.25 11.14
C HIS B 43 -7.81 21.28 10.76
N ILE B 44 -8.22 20.11 10.29
CA ILE B 44 -7.30 19.06 9.90
C ILE B 44 -6.40 19.47 8.74
N GLU B 45 -5.10 19.44 8.99
CA GLU B 45 -4.08 19.74 8.00
C GLU B 45 -3.86 18.38 7.35
N TRP B 46 -4.31 18.24 6.12
CA TRP B 46 -4.20 16.97 5.43
C TRP B 46 -2.83 16.32 5.52
N SER B 47 -1.78 17.13 5.48
CA SER B 47 -0.44 16.58 5.54
C SER B 47 -0.02 16.01 6.92
N LYS B 48 -0.80 16.30 7.97
CA LYS B 48 -0.47 15.81 9.33
C LYS B 48 -1.17 14.46 9.62
N ILE B 49 -1.94 13.98 8.65
CA ILE B 49 -2.65 12.71 8.87
C ILE B 49 -1.70 11.55 8.75
N GLN B 50 -1.67 10.73 9.81
CA GLN B 50 -0.80 9.56 9.88
C GLN B 50 -1.65 8.29 9.87
N THR B 51 -1.14 7.24 9.21
CA THR B 51 -1.81 5.93 9.23
C THR B 51 -1.53 5.38 10.63
N PRO B 52 -2.57 4.85 11.29
CA PRO B 52 -2.28 4.33 12.61
C PRO B 52 -1.30 3.16 12.50
N THR B 53 -0.43 3.07 13.50
CA THR B 53 0.54 1.99 13.61
C THR B 53 -0.23 0.86 14.19
N ASP B 54 0.40 -0.31 14.22
CA ASP B 54 -0.28 -1.48 14.79
C ASP B 54 -0.46 -1.39 16.30
N GLU B 55 0.19 -0.41 16.92
CA GLU B 55 0.04 -0.21 18.34
C GLU B 55 -1.21 0.64 18.60
N ILE B 56 -1.69 1.29 17.54
CA ILE B 56 -2.83 2.17 17.65
C ILE B 56 -4.10 1.48 17.11
N VAL B 57 -4.02 0.89 15.92
CA VAL B 57 -5.16 0.11 15.43
C VAL B 57 -4.57 -1.29 15.55
N VAL B 58 -5.04 -2.02 16.56
CA VAL B 58 -4.51 -3.33 16.84
C VAL B 58 -5.12 -4.47 16.08
N PRO B 59 -4.30 -5.29 15.38
CA PRO B 59 -4.84 -6.42 14.65
C PRO B 59 -5.47 -7.34 15.65
N TYR B 60 -6.67 -7.84 15.38
CA TYR B 60 -7.28 -8.70 16.38
C TYR B 60 -6.41 -9.84 16.86
N GLU B 61 -5.68 -10.43 15.91
CA GLU B 61 -4.78 -11.56 16.14
C GLU B 61 -3.70 -11.27 17.15
N LYS B 62 -3.24 -10.04 17.18
CA LYS B 62 -2.17 -9.71 18.12
C LYS B 62 -2.70 -9.58 19.52
N MET B 63 -4.02 -9.51 19.71
CA MET B 63 -4.51 -9.39 21.05
C MET B 63 -4.44 -10.73 21.76
N THR B 64 -4.24 -10.71 23.08
CA THR B 64 -4.15 -11.96 23.87
C THR B 64 -5.53 -12.51 24.21
N PRO B 65 -5.86 -13.74 23.75
CA PRO B 65 -7.19 -14.34 24.01
C PRO B 65 -7.44 -14.63 25.52
N VAL B 66 -8.69 -14.66 25.99
CA VAL B 66 -8.99 -14.96 27.42
C VAL B 66 -8.50 -16.34 27.90
N SER B 67 -8.11 -16.44 29.18
CA SER B 67 -7.57 -17.69 29.77
C SER B 67 -8.56 -18.70 30.31
N GLN B 68 -8.04 -19.77 30.90
CA GLN B 68 -8.85 -20.90 31.37
C GLN B 68 -9.83 -20.90 32.54
N ASP B 69 -9.41 -20.51 33.73
CA ASP B 69 -10.34 -20.53 34.86
C ASP B 69 -11.61 -19.85 34.34
N VAL B 70 -12.64 -20.64 34.00
CA VAL B 70 -13.92 -20.12 33.47
C VAL B 70 -14.24 -18.89 34.28
N ALA B 71 -13.63 -18.82 35.44
CA ALA B 71 -13.83 -17.68 36.29
C ALA B 71 -13.21 -16.43 35.67
N GLU B 72 -12.32 -16.59 34.69
CA GLU B 72 -11.78 -15.38 34.07
C GLU B 72 -12.89 -14.78 33.20
N THR B 73 -13.54 -15.66 32.45
CA THR B 73 -14.63 -15.24 31.56
C THR B 73 -15.74 -14.63 32.34
N LYS B 74 -16.12 -15.29 33.43
CA LYS B 74 -17.22 -14.76 34.25
C LYS B 74 -16.82 -13.39 34.78
N ASN B 75 -15.60 -13.29 35.26
CA ASN B 75 -15.18 -12.00 35.75
C ASN B 75 -15.21 -10.84 34.75
N LEU B 76 -14.88 -11.11 33.49
CA LEU B 76 -14.88 -10.06 32.49
C LEU B 76 -16.33 -9.66 32.21
N LEU B 77 -17.17 -10.66 32.14
CA LEU B 77 -18.60 -10.38 31.83
C LEU B 77 -19.24 -9.59 32.93
N ASP B 78 -18.91 -9.88 34.22
CA ASP B 78 -19.51 -9.13 35.31
C ASP B 78 -19.11 -7.65 35.21
N LYS B 79 -18.20 -7.27 34.30
CA LYS B 79 -17.81 -5.87 34.20
C LYS B 79 -18.37 -5.18 32.97
N LEU B 80 -19.20 -5.92 32.25
CA LEU B 80 -19.71 -5.40 30.99
C LEU B 80 -21.20 -5.13 30.92
N VAL B 81 -21.52 -4.04 30.23
CA VAL B 81 -22.90 -3.68 29.90
C VAL B 81 -22.96 -3.76 28.36
N VAL B 82 -23.99 -4.40 27.80
CA VAL B 82 -24.12 -4.46 26.35
C VAL B 82 -25.24 -3.51 25.91
N LEU B 83 -24.93 -2.56 25.00
CA LEU B 83 -25.91 -1.57 24.55
C LEU B 83 -26.06 -1.69 23.06
N LYS B 84 -27.33 -1.65 22.64
CA LYS B 84 -27.60 -1.66 21.21
C LYS B 84 -28.25 -0.34 20.87
N LEU B 85 -27.71 0.27 19.81
CA LEU B 85 -28.24 1.52 19.26
C LEU B 85 -29.62 1.19 18.65
N ASN B 86 -30.71 1.81 19.12
CA ASN B 86 -32.07 1.42 18.64
C ASN B 86 -33.02 2.58 18.44
N GLY B 87 -32.47 3.73 18.09
CA GLY B 87 -33.31 4.91 17.97
C GLY B 87 -33.67 5.30 16.57
N GLY B 88 -32.99 4.72 15.57
CA GLY B 88 -33.24 5.07 14.17
C GLY B 88 -34.37 4.27 13.51
N LEU B 89 -35.15 4.96 12.67
CA LEU B 89 -36.21 4.23 12.00
C LEU B 89 -35.71 3.52 10.75
N GLY B 90 -36.36 2.40 10.42
CA GLY B 90 -36.02 1.65 9.22
C GLY B 90 -36.85 2.07 8.00
N THR B 91 -37.20 3.35 7.92
CA THR B 91 -38.02 3.83 6.84
C THR B 91 -37.51 3.58 5.40
N THR B 92 -36.20 3.56 5.15
CA THR B 92 -35.75 3.32 3.79
C THR B 92 -36.06 1.89 3.36
N MET B 93 -36.07 0.94 4.31
CA MET B 93 -36.39 -0.50 4.12
C MET B 93 -37.89 -0.79 4.34
N GLY B 94 -38.71 0.25 4.34
CA GLY B 94 -40.13 0.06 4.54
C GLY B 94 -40.59 -0.28 5.95
N CYS B 95 -39.79 0.12 6.94
CA CYS B 95 -40.19 -0.10 8.30
C CYS B 95 -40.59 1.28 8.79
N THR B 96 -41.65 1.34 9.56
CA THR B 96 -42.15 2.55 10.17
C THR B 96 -41.57 2.68 11.59
N GLY B 97 -40.74 1.70 11.98
CA GLY B 97 -40.11 1.71 13.29
C GLY B 97 -38.64 1.29 13.10
N PRO B 98 -37.99 0.72 14.11
CA PRO B 98 -36.58 0.35 13.89
C PRO B 98 -36.47 -0.99 13.15
N LYS B 99 -35.33 -1.20 12.47
CA LYS B 99 -35.13 -2.45 11.78
C LYS B 99 -35.03 -3.59 12.86
N SER B 100 -34.80 -3.25 14.13
CA SER B 100 -34.61 -4.37 15.09
C SER B 100 -35.77 -5.26 15.36
N VAL B 101 -36.95 -4.79 14.95
CA VAL B 101 -38.16 -5.54 15.10
C VAL B 101 -38.53 -6.38 13.89
N ILE B 102 -37.68 -6.36 12.87
CA ILE B 102 -37.88 -7.24 11.72
C ILE B 102 -37.56 -8.65 12.20
N GLU B 103 -38.32 -9.65 11.73
CA GLU B 103 -38.05 -11.03 12.07
C GLU B 103 -36.90 -11.60 11.17
N VAL B 104 -35.93 -12.31 11.75
CA VAL B 104 -34.82 -12.90 10.99
C VAL B 104 -35.29 -14.28 10.55
N ARG B 105 -35.61 -15.14 11.53
CA ARG B 105 -36.17 -16.47 11.28
C ARG B 105 -36.66 -17.04 12.59
N ASP B 106 -37.43 -18.14 12.51
CA ASP B 106 -38.01 -18.84 13.69
C ASP B 106 -38.88 -17.95 14.58
N GLY B 107 -39.47 -16.97 13.97
CA GLY B 107 -40.32 -16.08 14.74
C GLY B 107 -39.53 -15.15 15.66
N LEU B 108 -38.24 -14.99 15.40
CA LEU B 108 -37.39 -14.13 16.28
C LEU B 108 -36.82 -12.91 15.57
N THR B 109 -36.94 -11.75 16.22
CA THR B 109 -36.42 -10.49 15.72
C THR B 109 -34.97 -10.29 16.19
N PHE B 110 -34.37 -9.20 15.72
CA PHE B 110 -33.00 -8.84 16.11
C PHE B 110 -33.02 -8.62 17.60
N LEU B 111 -34.03 -7.92 18.13
CA LEU B 111 -34.11 -7.71 19.58
C LEU B 111 -34.25 -9.03 20.33
N ASP B 112 -35.04 -9.97 19.82
CA ASP B 112 -35.16 -11.24 20.48
C ASP B 112 -33.82 -11.98 20.61
N LEU B 113 -33.07 -12.09 19.51
CA LEU B 113 -31.77 -12.82 19.50
C LEU B 113 -30.79 -12.18 20.46
N ILE B 114 -30.80 -10.86 20.47
CA ILE B 114 -29.91 -10.08 21.38
C ILE B 114 -30.28 -10.43 22.82
N VAL B 115 -31.57 -10.37 23.14
CA VAL B 115 -31.99 -10.70 24.50
C VAL B 115 -31.55 -12.13 24.91
N ILE B 116 -31.75 -13.08 23.99
CA ILE B 116 -31.41 -14.48 24.21
C ILE B 116 -29.93 -14.70 24.47
N GLN B 117 -29.10 -13.93 23.81
CA GLN B 117 -27.67 -14.09 23.97
C GLN B 117 -27.26 -13.66 25.35
N ILE B 118 -27.84 -12.55 25.80
CA ILE B 118 -27.46 -12.07 27.11
C ILE B 118 -28.03 -12.97 28.22
N GLU B 119 -29.29 -13.41 28.05
CA GLU B 119 -29.91 -14.27 29.02
C GLU B 119 -29.07 -15.53 29.16
N ASN B 120 -28.54 -16.04 28.04
CA ASN B 120 -27.66 -17.24 27.99
C ASN B 120 -26.35 -17.01 28.77
N LEU B 121 -25.76 -15.83 28.63
CA LEU B 121 -24.55 -15.56 29.40
C LEU B 121 -24.88 -15.59 30.88
N ASN B 122 -25.97 -14.96 31.28
CA ASN B 122 -26.32 -14.89 32.68
C ASN B 122 -26.65 -16.27 33.26
N ASN B 123 -27.36 -17.08 32.49
CA ASN B 123 -27.68 -18.41 33.03
C ASN B 123 -26.46 -19.32 33.03
N LYS B 124 -25.51 -19.11 32.11
CA LYS B 124 -24.32 -19.99 32.09
C LYS B 124 -23.27 -19.68 33.17
N TYR B 125 -23.08 -18.39 33.39
CA TYR B 125 -22.07 -17.89 34.33
C TYR B 125 -22.55 -17.30 35.64
N GLY B 126 -23.85 -17.05 35.80
CA GLY B 126 -24.33 -16.49 37.04
C GLY B 126 -24.22 -14.97 37.15
N CYS B 127 -23.75 -14.33 36.08
CA CYS B 127 -23.63 -12.88 36.03
C CYS B 127 -25.02 -12.33 35.72
N LYS B 128 -25.16 -10.99 35.89
CA LYS B 128 -26.40 -10.30 35.59
C LYS B 128 -26.06 -9.14 34.62
N VAL B 129 -25.61 -9.49 33.44
CA VAL B 129 -25.28 -8.47 32.47
C VAL B 129 -26.53 -7.71 32.05
N PRO B 130 -26.54 -6.36 32.11
CA PRO B 130 -27.72 -5.58 31.67
C PRO B 130 -27.66 -5.28 30.20
N LEU B 131 -28.85 -5.34 29.58
CA LEU B 131 -29.00 -5.03 28.15
C LEU B 131 -29.67 -3.64 28.20
N VAL B 132 -29.10 -2.69 27.46
CA VAL B 132 -29.65 -1.36 27.41
C VAL B 132 -30.04 -1.09 25.98
N LEU B 133 -31.31 -0.70 25.73
CA LEU B 133 -31.72 -0.33 24.38
C LEU B 133 -31.89 1.21 24.36
N MET B 134 -31.09 1.89 23.55
CA MET B 134 -31.26 3.33 23.41
C MET B 134 -32.26 3.50 22.28
N ASN B 135 -33.45 3.88 22.74
CA ASN B 135 -34.54 4.08 21.83
C ASN B 135 -34.71 5.52 21.59
N SER B 136 -35.66 5.82 20.70
CA SER B 136 -36.04 7.24 20.54
C SER B 136 -37.54 7.21 20.61
N PHE B 137 -38.09 8.41 20.59
CA PHE B 137 -39.53 8.48 20.61
C PHE B 137 -40.13 7.72 19.43
N ASN B 138 -39.42 7.60 18.31
CA ASN B 138 -39.94 6.85 17.14
C ASN B 138 -39.92 5.31 17.22
N THR B 139 -39.11 4.76 18.13
CA THR B 139 -38.97 3.31 18.18
C THR B 139 -39.37 2.73 19.52
N HIS B 140 -39.78 3.60 20.43
CA HIS B 140 -40.14 3.13 21.74
C HIS B 140 -41.25 2.07 21.81
N ASP B 141 -42.38 2.36 21.13
CA ASP B 141 -43.52 1.47 21.18
C ASP B 141 -43.31 0.07 20.59
N ASP B 142 -42.74 0.01 19.39
CA ASP B 142 -42.48 -1.25 18.73
C ASP B 142 -41.45 -2.03 19.58
N THR B 143 -40.47 -1.29 20.08
CA THR B 143 -39.48 -1.92 20.94
C THR B 143 -40.13 -2.47 22.17
N HIS B 144 -40.96 -1.65 22.79
CA HIS B 144 -41.67 -2.04 24.01
C HIS B 144 -42.45 -3.38 23.81
N LYS B 145 -43.04 -3.58 22.62
CA LYS B 145 -43.82 -4.79 22.34
C LYS B 145 -42.96 -6.06 22.40
N ILE B 146 -41.73 -6.00 21.89
CA ILE B 146 -40.84 -7.18 21.92
C ILE B 146 -40.27 -7.41 23.32
N VAL B 147 -39.86 -6.33 23.97
CA VAL B 147 -39.27 -6.43 25.29
C VAL B 147 -40.22 -6.86 26.38
N GLU B 148 -41.48 -6.52 26.24
CA GLU B 148 -42.41 -6.90 27.29
C GLU B 148 -42.51 -8.42 27.44
N LYS B 149 -42.25 -9.16 26.37
CA LYS B 149 -42.32 -10.62 26.42
C LYS B 149 -41.30 -11.24 27.39
N TYR B 150 -40.29 -10.46 27.75
CA TYR B 150 -39.20 -10.93 28.60
C TYR B 150 -39.13 -10.48 30.06
N THR B 151 -40.21 -9.97 30.62
CA THR B 151 -40.17 -9.52 32.00
C THR B 151 -39.70 -10.58 32.99
N ASN B 152 -39.90 -11.85 32.66
CA ASN B 152 -39.47 -12.91 33.56
C ASN B 152 -38.23 -13.68 33.14
N SER B 153 -37.46 -13.10 32.24
CA SER B 153 -36.26 -13.78 31.78
C SER B 153 -35.13 -13.28 32.65
N ASN B 154 -34.02 -14.01 32.67
CA ASN B 154 -32.89 -13.59 33.51
C ASN B 154 -31.95 -12.56 32.88
N VAL B 155 -32.54 -11.43 32.53
CA VAL B 155 -31.79 -10.29 31.97
C VAL B 155 -32.58 -9.04 32.27
N ASP B 156 -31.91 -8.00 32.76
CA ASP B 156 -32.62 -6.76 33.04
C ASP B 156 -32.52 -5.98 31.75
N ILE B 157 -33.65 -5.73 31.12
CA ILE B 157 -33.61 -4.98 29.89
C ILE B 157 -33.94 -3.55 30.29
N HIS B 158 -33.04 -2.63 29.97
CA HIS B 158 -33.20 -1.20 30.25
C HIS B 158 -33.49 -0.50 28.96
N THR B 159 -34.41 0.44 29.00
CA THR B 159 -34.62 1.17 27.78
C THR B 159 -34.54 2.62 28.17
N PHE B 160 -34.19 3.47 27.23
CA PHE B 160 -34.26 4.93 27.46
C PHE B 160 -34.35 5.59 26.09
N ASN B 161 -35.03 6.73 26.02
CA ASN B 161 -35.11 7.47 24.75
C ASN B 161 -33.95 8.46 24.70
N GLN B 162 -33.29 8.52 23.56
CA GLN B 162 -32.19 9.45 23.40
C GLN B 162 -32.75 10.87 23.23
N SER B 163 -31.86 11.81 22.97
CA SER B 163 -32.29 13.22 22.79
C SER B 163 -33.33 13.39 21.70
N LYS B 164 -34.16 14.40 21.85
CA LYS B 164 -35.19 14.71 20.83
C LYS B 164 -34.88 16.19 20.51
N TYR B 165 -34.35 16.45 19.32
CA TYR B 165 -33.98 17.81 18.90
C TYR B 165 -34.90 18.35 17.80
N PRO B 166 -35.00 19.68 17.71
CA PRO B 166 -35.86 20.22 16.66
C PRO B 166 -35.15 20.36 15.30
N ARG B 167 -35.82 19.91 14.26
CA ARG B 167 -35.32 20.13 12.91
C ARG B 167 -35.28 21.66 12.80
N VAL B 168 -34.30 22.20 12.09
CA VAL B 168 -34.19 23.62 11.97
C VAL B 168 -34.48 24.01 10.53
N VAL B 169 -35.49 24.89 10.34
CA VAL B 169 -35.84 25.36 9.00
C VAL B 169 -34.57 26.00 8.42
N ALA B 170 -34.02 25.36 7.40
CA ALA B 170 -32.80 25.85 6.78
C ALA B 170 -32.90 27.33 6.41
N ASP B 171 -33.88 27.71 5.56
CA ASP B 171 -34.00 29.12 5.14
C ASP B 171 -33.83 30.16 6.28
N GLU B 172 -34.77 30.23 7.23
CA GLU B 172 -34.66 31.21 8.32
C GLU B 172 -34.01 30.75 9.65
N PHE B 173 -33.50 29.52 9.69
CA PHE B 173 -32.85 28.99 10.88
C PHE B 173 -33.65 29.08 12.17
N VAL B 174 -34.90 28.68 12.08
CA VAL B 174 -35.77 28.69 13.24
C VAL B 174 -36.22 27.24 13.46
N PRO B 175 -36.47 26.87 14.73
CA PRO B 175 -36.93 25.51 15.00
C PRO B 175 -38.23 25.31 14.20
N TRP B 176 -38.46 24.12 13.65
CA TRP B 176 -39.69 23.90 12.90
C TRP B 176 -40.90 23.89 13.86
N PRO B 177 -40.72 23.34 15.09
CA PRO B 177 -41.85 23.32 16.03
C PRO B 177 -42.14 24.73 16.51
N SER B 178 -41.21 25.66 16.25
CA SER B 178 -41.44 27.06 16.64
C SER B 178 -42.40 27.68 15.64
N LYS B 179 -42.23 27.31 14.36
CA LYS B 179 -43.11 27.82 13.33
C LYS B 179 -44.37 26.97 13.13
N GLY B 180 -44.58 25.98 13.99
CA GLY B 180 -45.79 25.17 13.88
C GLY B 180 -45.72 23.65 13.99
N LYS B 181 -44.87 23.04 13.18
CA LYS B 181 -44.69 21.58 13.11
C LYS B 181 -44.53 20.92 14.50
N THR B 182 -45.64 20.58 15.12
CA THR B 182 -45.62 20.01 16.45
C THR B 182 -45.76 18.49 16.52
N ASP B 183 -46.19 17.86 15.42
CA ASP B 183 -46.31 16.39 15.39
C ASP B 183 -44.88 15.79 15.38
N LYS B 184 -44.80 14.46 15.50
CA LYS B 184 -43.51 13.75 15.55
C LYS B 184 -42.56 14.14 14.43
N GLU B 185 -43.11 14.78 13.39
CA GLU B 185 -42.32 15.14 12.20
C GLU B 185 -41.37 16.33 12.18
N GLY B 186 -41.39 17.24 13.15
CA GLY B 186 -40.45 18.37 13.12
C GLY B 186 -39.38 18.26 14.16
N TRP B 187 -39.21 17.01 14.59
CA TRP B 187 -38.26 16.61 15.64
C TRP B 187 -37.34 15.53 15.06
N TYR B 188 -36.16 15.34 15.64
CA TYR B 188 -35.31 14.21 15.21
C TYR B 188 -34.33 13.80 16.29
N PRO B 189 -33.83 12.51 16.27
CA PRO B 189 -32.84 11.97 17.24
C PRO B 189 -31.57 12.44 16.55
N PRO B 190 -30.72 13.11 17.28
CA PRO B 190 -29.50 13.69 16.73
C PRO B 190 -28.31 12.80 16.48
N GLY B 191 -28.58 11.62 15.98
CA GLY B 191 -27.49 10.70 15.65
C GLY B 191 -27.12 9.76 16.77
N HIS B 192 -26.37 8.69 16.45
CA HIS B 192 -25.97 7.78 17.53
C HIS B 192 -24.83 8.35 18.38
N GLY B 193 -24.23 9.47 17.96
CA GLY B 193 -23.22 10.08 18.81
C GLY B 193 -23.88 10.60 20.10
N ASP B 194 -25.19 10.75 20.05
CA ASP B 194 -25.97 11.21 21.21
C ASP B 194 -26.00 10.09 22.30
N VAL B 195 -25.51 8.89 21.96
CA VAL B 195 -25.53 7.83 22.96
C VAL B 195 -24.78 8.28 24.24
N PHE B 196 -23.76 9.12 24.08
CA PHE B 196 -23.04 9.51 25.30
C PHE B 196 -23.81 10.46 26.23
N PRO B 197 -24.28 11.62 25.76
CA PRO B 197 -25.03 12.49 26.67
C PRO B 197 -26.39 11.86 27.06
N ALA B 198 -26.99 11.09 26.16
CA ALA B 198 -28.30 10.57 26.55
C ALA B 198 -28.19 9.47 27.62
N LEU B 199 -27.10 8.72 27.64
CA LEU B 199 -26.90 7.66 28.64
C LEU B 199 -26.75 8.39 29.97
N MET B 200 -26.01 9.50 29.97
CA MET B 200 -25.90 10.28 31.21
C MET B 200 -27.23 10.92 31.57
N ASN B 201 -27.81 11.64 30.63
CA ASN B 201 -29.05 12.30 30.99
C ASN B 201 -30.19 11.40 31.44
N SER B 202 -30.16 10.11 31.04
CA SER B 202 -31.21 9.14 31.38
C SER B 202 -31.03 8.62 32.81
N GLY B 203 -29.84 8.88 33.37
CA GLY B 203 -29.58 8.42 34.71
C GLY B 203 -29.02 7.02 34.79
N LYS B 204 -29.06 6.26 33.69
CA LYS B 204 -28.52 4.91 33.78
C LYS B 204 -27.01 4.80 33.86
N LEU B 205 -26.30 5.79 33.36
CA LEU B 205 -24.84 5.69 33.42
C LEU B 205 -24.46 5.63 34.89
N ASP B 206 -25.01 6.52 35.67
CA ASP B 206 -24.69 6.48 37.10
C ASP B 206 -25.14 5.18 37.76
N THR B 207 -26.28 4.64 37.35
CA THR B 207 -26.78 3.39 37.92
C THR B 207 -25.74 2.33 37.72
N PHE B 208 -25.27 2.22 36.47
CA PHE B 208 -24.26 1.21 36.16
C PHE B 208 -22.92 1.43 36.87
N LEU B 209 -22.50 2.67 37.01
CA LEU B 209 -21.25 2.97 37.75
C LEU B 209 -21.44 2.57 39.22
N SER B 210 -22.63 2.82 39.77
CA SER B 210 -22.85 2.47 41.20
C SER B 210 -22.75 1.00 41.38
N GLN B 211 -23.16 0.23 40.36
CA GLN B 211 -23.11 -1.22 40.44
C GLN B 211 -21.77 -1.81 40.15
N GLY B 212 -20.77 -0.98 39.85
CA GLY B 212 -19.45 -1.53 39.61
C GLY B 212 -19.19 -1.82 38.15
N LYS B 213 -20.12 -1.41 37.30
CA LYS B 213 -19.84 -1.63 35.87
C LYS B 213 -18.74 -0.68 35.41
N GLU B 214 -17.87 -1.11 34.48
CA GLU B 214 -16.76 -0.26 34.01
C GLU B 214 -16.79 0.13 32.53
N TYR B 215 -17.40 -0.72 31.69
CA TYR B 215 -17.41 -0.41 30.22
C TYR B 215 -18.77 -0.70 29.66
N VAL B 216 -19.06 0.03 28.58
CA VAL B 216 -20.28 -0.20 27.78
C VAL B 216 -19.82 -0.61 26.36
N PHE B 217 -20.44 -1.71 25.87
CA PHE B 217 -20.20 -2.28 24.51
C PHE B 217 -21.41 -1.72 23.77
N VAL B 218 -21.16 -0.88 22.78
CA VAL B 218 -22.23 -0.23 21.98
C VAL B 218 -22.19 -0.86 20.62
N ALA B 219 -23.35 -1.05 19.99
CA ALA B 219 -23.30 -1.63 18.61
C ALA B 219 -24.58 -1.32 17.95
N ASN B 220 -24.56 -1.36 16.62
CA ASN B 220 -25.82 -1.14 15.89
C ASN B 220 -26.73 -2.37 16.17
N SER B 221 -28.02 -2.12 16.30
CA SER B 221 -28.92 -3.19 16.66
C SER B 221 -29.07 -4.17 15.52
N ASP B 222 -28.72 -3.74 14.30
CA ASP B 222 -28.85 -4.69 13.20
C ASP B 222 -27.57 -5.47 12.91
N ASN B 223 -26.51 -5.29 13.72
CA ASN B 223 -25.29 -6.05 13.44
C ASN B 223 -25.26 -7.38 14.18
N LEU B 224 -25.66 -8.43 13.47
CA LEU B 224 -25.68 -9.76 14.07
C LEU B 224 -24.26 -10.30 14.29
N GLY B 225 -23.27 -9.56 13.82
CA GLY B 225 -21.93 -10.05 13.98
C GLY B 225 -21.32 -9.52 15.25
N ALA B 226 -21.89 -8.43 15.79
CA ALA B 226 -21.29 -7.80 16.98
C ALA B 226 -21.65 -8.54 18.29
N ILE B 227 -21.04 -9.71 18.42
CA ILE B 227 -21.23 -10.61 19.59
C ILE B 227 -20.24 -10.18 20.66
N VAL B 228 -20.55 -10.49 21.89
CA VAL B 228 -19.63 -10.08 22.99
C VAL B 228 -18.26 -10.75 22.76
N ASP B 229 -17.18 -9.94 22.83
CA ASP B 229 -15.86 -10.48 22.60
C ASP B 229 -14.94 -10.10 23.77
N LEU B 230 -14.68 -11.11 24.57
CA LEU B 230 -13.93 -10.88 25.80
C LEU B 230 -12.47 -10.66 25.51
N THR B 231 -12.00 -11.15 24.37
CA THR B 231 -10.59 -10.85 24.06
C THR B 231 -10.39 -9.35 23.96
N ILE B 232 -11.34 -8.68 23.32
CA ILE B 232 -11.23 -7.23 23.20
C ILE B 232 -11.39 -6.65 24.55
N LEU B 233 -12.37 -7.13 25.32
CA LEU B 233 -12.61 -6.56 26.65
C LEU B 233 -11.37 -6.74 27.53
N LYS B 234 -10.84 -7.95 27.58
CA LYS B 234 -9.63 -8.22 28.38
C LYS B 234 -8.51 -7.28 27.95
N HIS B 235 -8.36 -7.05 26.66
CA HIS B 235 -7.29 -6.16 26.24
C HIS B 235 -7.44 -4.82 26.89
N LEU B 236 -8.69 -4.30 26.86
CA LEU B 236 -8.95 -2.96 27.35
C LEU B 236 -8.65 -2.82 28.84
N ILE B 237 -9.03 -3.83 29.61
CA ILE B 237 -8.80 -3.79 31.06
C ILE B 237 -7.28 -3.88 31.30
N GLN B 238 -6.61 -4.80 30.64
CA GLN B 238 -5.15 -4.95 30.87
C GLN B 238 -4.30 -3.78 30.43
N ASN B 239 -4.72 -3.07 29.38
CA ASN B 239 -3.95 -1.95 28.80
C ASN B 239 -4.40 -0.54 29.08
N LYS B 240 -5.47 -0.42 29.84
CA LYS B 240 -6.04 0.88 30.16
C LYS B 240 -6.49 1.70 28.96
N ASN B 241 -7.26 1.08 28.03
CA ASN B 241 -7.78 1.85 26.87
C ASN B 241 -9.16 2.27 27.28
N GLU B 242 -9.48 3.58 27.26
CA GLU B 242 -10.79 3.94 27.70
C GLU B 242 -11.73 3.85 26.47
N TYR B 243 -11.21 3.62 25.26
CA TYR B 243 -12.14 3.54 24.07
C TYR B 243 -11.53 2.67 23.05
N CYS B 244 -12.26 1.67 22.58
CA CYS B 244 -11.77 0.84 21.52
C CYS B 244 -12.83 0.68 20.40
N MET B 245 -12.49 1.15 19.20
CA MET B 245 -13.37 1.03 18.02
C MET B 245 -13.02 -0.24 17.27
N GLU B 246 -14.04 -1.00 16.85
CA GLU B 246 -13.74 -2.13 16.00
C GLU B 246 -13.80 -1.55 14.59
N VAL B 247 -12.70 -1.74 13.86
CA VAL B 247 -12.66 -1.36 12.45
C VAL B 247 -12.44 -2.64 11.69
N THR B 248 -12.75 -2.63 10.39
CA THR B 248 -12.55 -3.87 9.61
C THR B 248 -11.95 -3.38 8.27
N PRO B 249 -11.34 -4.29 7.51
CA PRO B 249 -10.76 -3.83 6.22
C PRO B 249 -11.78 -3.21 5.26
N LYS B 250 -11.38 -2.17 4.59
CA LYS B 250 -12.25 -1.48 3.64
C LYS B 250 -12.43 -2.23 2.36
N THR B 251 -13.68 -2.45 1.95
CA THR B 251 -13.96 -3.12 0.66
C THR B 251 -14.72 -2.18 -0.23
N LEU B 252 -15.09 -2.66 -1.41
CA LEU B 252 -15.82 -1.85 -2.37
C LEU B 252 -17.22 -1.46 -1.86
N ALA B 253 -17.80 -2.31 -1.02
CA ALA B 253 -19.13 -2.07 -0.46
C ALA B 253 -19.18 -1.03 0.68
N ASP B 254 -18.02 -0.66 1.19
CA ASP B 254 -17.98 0.30 2.28
C ASP B 254 -17.89 1.71 1.77
N VAL B 255 -19.02 2.10 1.19
CA VAL B 255 -19.22 3.39 0.57
C VAL B 255 -19.85 4.46 1.46
N LYS B 256 -20.17 4.13 2.71
CA LYS B 256 -20.79 5.16 3.57
C LYS B 256 -20.47 5.02 5.05
N GLY B 257 -19.58 5.88 5.52
CA GLY B 257 -19.19 5.88 6.93
C GLY B 257 -17.86 6.59 7.14
N GLY B 258 -17.03 6.07 8.02
CA GLY B 258 -15.73 6.71 8.24
C GLY B 258 -14.54 5.80 8.50
N THR B 259 -13.36 6.40 8.57
CA THR B 259 -12.09 5.69 8.81
C THR B 259 -11.37 6.27 10.05
N LEU B 260 -10.40 5.54 10.58
CA LEU B 260 -9.59 5.97 11.73
C LEU B 260 -8.18 6.42 11.34
N ILE B 261 -7.75 7.58 11.83
CA ILE B 261 -6.42 8.10 11.52
C ILE B 261 -5.74 8.53 12.81
N SER B 262 -4.42 8.71 12.78
CA SER B 262 -3.65 9.15 13.97
C SER B 262 -3.31 10.57 13.54
N TYR B 263 -3.86 11.54 14.24
CA TYR B 263 -3.69 12.95 13.93
C TYR B 263 -3.34 13.65 15.22
N GLU B 264 -2.13 14.25 15.26
CA GLU B 264 -1.68 14.88 16.48
C GLU B 264 -1.51 13.90 17.67
N GLY B 265 -0.96 12.73 17.35
CA GLY B 265 -0.64 11.76 18.39
C GLY B 265 -1.74 10.88 18.96
N LYS B 266 -2.94 11.01 18.41
CA LYS B 266 -4.05 10.21 18.93
C LYS B 266 -4.81 9.63 17.77
N VAL B 267 -5.50 8.51 18.04
CA VAL B 267 -6.29 7.89 17.01
C VAL B 267 -7.63 8.65 16.87
N GLN B 268 -8.10 8.85 15.62
CA GLN B 268 -9.33 9.60 15.42
C GLN B 268 -10.07 9.07 14.22
N LEU B 269 -11.39 9.28 14.17
CA LEU B 269 -12.20 8.89 13.02
C LEU B 269 -12.15 9.96 11.90
N LEU B 270 -11.88 9.53 10.66
CA LEU B 270 -11.83 10.42 9.51
C LEU B 270 -12.92 9.93 8.58
N GLU B 271 -13.91 10.80 8.37
CA GLU B 271 -15.05 10.52 7.51
C GLU B 271 -14.74 11.23 6.18
N ILE B 272 -15.15 10.59 5.09
CA ILE B 272 -14.89 11.15 3.77
C ILE B 272 -15.50 12.54 3.59
N ALA B 273 -16.53 12.87 4.38
CA ALA B 273 -17.16 14.18 4.30
C ALA B 273 -16.15 15.25 4.67
N GLN B 274 -15.13 14.88 5.45
CA GLN B 274 -14.10 15.81 5.90
C GLN B 274 -12.85 15.78 5.02
N VAL B 275 -12.91 15.10 3.87
CA VAL B 275 -11.75 14.98 2.98
C VAL B 275 -11.93 15.77 1.68
N PRO B 276 -10.95 16.64 1.37
CA PRO B 276 -10.95 17.48 0.16
C PRO B 276 -10.98 16.64 -1.14
N ASP B 277 -11.52 17.19 -2.23
CA ASP B 277 -11.56 16.42 -3.48
C ASP B 277 -10.15 15.98 -3.88
N GLU B 278 -9.18 16.86 -3.68
CA GLU B 278 -7.79 16.56 -4.03
C GLU B 278 -7.31 15.25 -3.43
N HIS B 279 -7.76 14.98 -2.22
CA HIS B 279 -7.35 13.78 -1.51
C HIS B 279 -8.34 12.59 -1.45
N VAL B 280 -9.59 12.79 -1.85
CA VAL B 280 -10.57 11.70 -1.82
C VAL B 280 -10.03 10.42 -2.48
N ASN B 281 -9.17 10.56 -3.47
CA ASN B 281 -8.61 9.38 -4.14
C ASN B 281 -7.68 8.56 -3.25
N GLU B 282 -6.85 9.24 -2.46
CA GLU B 282 -5.94 8.54 -1.56
C GLU B 282 -6.79 7.84 -0.50
N PHE B 283 -7.87 8.52 -0.11
CA PHE B 283 -8.82 8.03 0.90
C PHE B 283 -9.45 6.72 0.47
N LYS B 284 -9.98 6.70 -0.75
CA LYS B 284 -10.64 5.51 -1.33
C LYS B 284 -9.72 4.30 -1.54
N SER B 285 -8.41 4.52 -1.51
CA SER B 285 -7.41 3.47 -1.72
C SER B 285 -7.17 2.53 -0.52
N ILE B 286 -7.72 1.32 -0.60
CA ILE B 286 -7.58 0.36 0.51
C ILE B 286 -6.15 -0.10 0.79
N GLU B 287 -5.19 0.38 0.00
CA GLU B 287 -3.80 0.00 0.22
C GLU B 287 -3.19 0.93 1.27
N LYS B 288 -3.64 2.18 1.28
CA LYS B 288 -3.13 3.16 2.23
C LYS B 288 -4.03 3.30 3.49
N PHE B 289 -5.35 3.15 3.31
CA PHE B 289 -6.29 3.19 4.46
C PHE B 289 -6.96 1.82 4.39
N LYS B 290 -6.42 0.92 5.21
CA LYS B 290 -6.82 -0.48 5.24
C LYS B 290 -8.01 -0.93 6.11
N ILE B 291 -8.63 -0.02 6.86
CA ILE B 291 -9.74 -0.35 7.77
C ILE B 291 -10.84 0.71 7.80
N PHE B 292 -12.06 0.38 8.26
CA PHE B 292 -13.10 1.42 8.38
C PHE B 292 -14.00 1.13 9.60
N ASN B 293 -14.76 2.14 10.04
CA ASN B 293 -15.55 2.03 11.27
C ASN B 293 -16.73 1.07 11.20
N THR B 294 -16.76 0.05 12.06
CA THR B 294 -17.89 -0.92 12.09
C THR B 294 -19.06 -0.43 12.93
N ASN B 295 -18.83 0.61 13.74
CA ASN B 295 -19.83 1.09 14.72
C ASN B 295 -20.00 0.11 15.88
N ASN B 296 -19.06 -0.79 16.04
CA ASN B 296 -19.00 -1.65 17.22
C ASN B 296 -18.02 -0.84 18.14
N LEU B 297 -18.47 -0.35 19.29
CA LEU B 297 -17.62 0.49 20.15
C LEU B 297 -17.49 -0.07 21.57
N TRP B 298 -16.33 0.19 22.18
CA TRP B 298 -16.11 -0.25 23.54
C TRP B 298 -15.68 0.99 24.28
N VAL B 299 -16.40 1.32 25.35
CA VAL B 299 -16.13 2.60 26.00
C VAL B 299 -16.17 2.53 27.50
N ASN B 300 -15.21 3.28 28.11
CA ASN B 300 -15.11 3.36 29.59
C ASN B 300 -16.18 4.23 30.21
N LEU B 301 -16.96 3.68 31.12
CA LEU B 301 -18.08 4.45 31.75
C LEU B 301 -17.68 5.70 32.53
N LYS B 302 -16.67 5.58 33.37
CA LYS B 302 -16.23 6.76 34.14
C LYS B 302 -15.74 7.87 33.18
N ALA B 303 -15.15 7.48 32.05
CA ALA B 303 -14.66 8.46 31.07
C ALA B 303 -15.84 9.15 30.40
N ILE B 304 -16.86 8.37 30.00
CA ILE B 304 -18.01 9.01 29.42
C ILE B 304 -18.59 10.08 30.38
N LYS B 305 -18.74 9.73 31.64
CA LYS B 305 -19.36 10.65 32.57
C LYS B 305 -18.50 11.93 32.67
N LYS B 306 -17.19 11.73 32.78
CA LYS B 306 -16.23 12.85 32.91
C LYS B 306 -16.32 13.77 31.69
N LEU B 307 -16.25 13.16 30.51
CA LEU B 307 -16.25 13.95 29.28
C LEU B 307 -17.61 14.57 28.99
N VAL B 308 -18.71 13.88 29.27
CA VAL B 308 -20.00 14.49 29.06
C VAL B 308 -20.22 15.68 30.00
N GLU B 309 -20.01 15.45 31.28
CA GLU B 309 -20.20 16.54 32.25
C GLU B 309 -19.31 17.74 32.00
N ALA B 310 -18.15 17.51 31.41
CA ALA B 310 -17.17 18.54 31.04
C ALA B 310 -17.52 19.26 29.73
N ASP B 311 -18.55 18.80 29.01
CA ASP B 311 -18.93 19.40 27.72
C ASP B 311 -17.71 19.21 26.79
N ALA B 312 -17.00 18.09 26.93
CA ALA B 312 -15.82 17.87 26.13
C ALA B 312 -16.02 17.14 24.81
N LEU B 313 -17.13 16.40 24.68
CA LEU B 313 -17.36 15.59 23.46
C LEU B 313 -17.81 16.42 22.30
N LYS B 314 -16.85 16.92 21.52
CA LYS B 314 -17.23 17.80 20.41
C LYS B 314 -16.94 17.21 19.05
N MET B 315 -17.74 16.20 18.71
CA MET B 315 -17.55 15.48 17.42
C MET B 315 -17.98 16.29 16.22
N GLU B 316 -17.50 15.89 15.06
CA GLU B 316 -17.88 16.59 13.81
C GLU B 316 -19.40 16.65 13.70
N ILE B 317 -19.96 17.82 13.32
CA ILE B 317 -21.42 17.92 13.18
C ILE B 317 -21.74 17.36 11.79
N ILE B 318 -22.82 16.59 11.65
CA ILE B 318 -23.29 16.03 10.38
C ILE B 318 -24.66 16.70 10.17
N PRO B 319 -24.74 17.60 9.20
CA PRO B 319 -26.05 18.28 9.04
C PRO B 319 -27.29 17.43 8.80
N ASN B 320 -27.12 16.37 8.04
CA ASN B 320 -28.19 15.43 7.68
C ASN B 320 -29.44 16.18 7.25
N PRO B 321 -29.31 17.04 6.23
CA PRO B 321 -30.48 17.79 5.77
C PRO B 321 -31.44 16.83 5.10
N LYS B 322 -32.73 17.08 5.26
CA LYS B 322 -33.75 16.23 4.67
C LYS B 322 -34.96 17.08 4.31
N GLU B 323 -35.70 16.66 3.28
CA GLU B 323 -36.92 17.35 2.85
C GLU B 323 -38.11 16.59 3.43
N VAL B 324 -38.72 17.15 4.47
CA VAL B 324 -39.86 16.54 5.15
C VAL B 324 -41.12 17.16 4.59
N ASP B 325 -41.78 16.41 3.71
CA ASP B 325 -43.00 16.85 3.03
C ASP B 325 -42.82 18.25 2.45
N GLY B 326 -41.84 18.37 1.56
CA GLY B 326 -41.58 19.64 0.90
C GLY B 326 -40.72 20.63 1.66
N VAL B 327 -40.68 20.51 2.98
CA VAL B 327 -39.91 21.46 3.80
C VAL B 327 -38.48 21.00 4.05
N LYS B 328 -37.53 21.84 3.65
CA LYS B 328 -36.13 21.55 3.83
C LYS B 328 -35.67 21.93 5.23
N VAL B 329 -35.34 20.92 6.02
CA VAL B 329 -34.89 21.13 7.39
C VAL B 329 -33.49 20.58 7.59
N LEU B 330 -32.88 21.01 8.69
CA LEU B 330 -31.55 20.59 9.11
C LEU B 330 -31.76 19.74 10.37
N GLN B 331 -30.96 18.68 10.50
CA GLN B 331 -31.06 17.77 11.64
C GLN B 331 -29.65 17.48 12.21
N LEU B 332 -28.94 18.53 12.63
CA LEU B 332 -27.59 18.41 13.12
C LEU B 332 -27.39 17.14 13.95
N GLU B 333 -26.50 16.27 13.49
CA GLU B 333 -26.27 15.00 14.19
C GLU B 333 -24.79 14.74 14.39
N THR B 334 -24.46 13.79 15.27
CA THR B 334 -23.07 13.41 15.45
C THR B 334 -23.02 11.89 15.46
N ALA B 335 -21.82 11.34 15.34
CA ALA B 335 -21.64 9.88 15.29
C ALA B 335 -20.88 9.36 16.52
N ALA B 336 -21.28 8.20 17.04
CA ALA B 336 -20.63 7.67 18.21
C ALA B 336 -19.13 7.41 18.00
N GLY B 337 -18.76 6.96 16.80
CA GLY B 337 -17.35 6.63 16.58
C GLY B 337 -16.42 7.82 16.57
N ALA B 338 -16.97 8.99 16.28
CA ALA B 338 -16.13 10.18 16.16
C ALA B 338 -15.63 10.66 17.52
N ALA B 339 -16.25 10.21 18.60
CA ALA B 339 -15.85 10.61 19.96
C ALA B 339 -14.52 9.97 20.37
N ILE B 340 -13.99 9.06 19.58
CA ILE B 340 -12.79 8.32 19.99
C ILE B 340 -11.56 9.20 20.27
N ARG B 341 -11.46 10.31 19.55
CA ARG B 341 -10.30 11.19 19.74
C ARG B 341 -10.41 12.06 20.99
N PHE B 342 -11.47 11.91 21.79
CA PHE B 342 -11.60 12.71 23.03
C PHE B 342 -11.28 11.93 24.28
N PHE B 343 -11.08 10.61 24.14
CA PHE B 343 -10.82 9.73 25.29
C PHE B 343 -9.33 9.46 25.45
N ASP B 344 -8.95 8.75 26.54
CA ASP B 344 -7.54 8.37 26.89
C ASP B 344 -7.10 6.96 26.44
N ASN B 345 -5.89 6.87 25.89
CA ASN B 345 -5.28 5.63 25.41
C ASN B 345 -6.27 4.83 24.53
N ALA B 346 -6.89 5.54 23.62
CA ALA B 346 -7.83 4.86 22.72
C ALA B 346 -7.09 4.02 21.67
N ILE B 347 -7.75 2.98 21.19
CA ILE B 347 -7.21 2.15 20.14
C ILE B 347 -8.32 1.76 19.18
N GLY B 348 -7.91 1.39 17.98
CA GLY B 348 -8.85 0.78 17.05
C GLY B 348 -8.46 -0.71 17.14
N VAL B 349 -9.38 -1.63 16.84
CA VAL B 349 -9.00 -3.06 16.80
C VAL B 349 -9.51 -3.50 15.46
N ASN B 350 -8.65 -4.12 14.66
CA ASN B 350 -9.06 -4.55 13.33
C ASN B 350 -9.60 -5.99 13.42
N VAL B 351 -10.91 -6.12 13.17
CA VAL B 351 -11.63 -7.37 13.32
C VAL B 351 -12.13 -7.91 11.99
N PRO B 352 -12.44 -9.22 11.95
CA PRO B 352 -12.97 -9.84 10.72
C PRO B 352 -14.34 -9.22 10.38
N ARG B 353 -14.69 -9.28 9.10
CA ARG B 353 -15.95 -8.67 8.71
C ARG B 353 -17.19 -9.40 9.23
N SER B 354 -17.00 -10.61 9.76
CA SER B 354 -18.09 -11.34 10.31
C SER B 354 -18.67 -10.56 11.47
N ARG B 355 -17.89 -9.61 12.01
CA ARG B 355 -18.45 -8.79 13.12
C ARG B 355 -19.25 -7.58 12.59
N PHE B 356 -19.34 -7.48 11.27
CA PHE B 356 -19.97 -6.33 10.64
C PHE B 356 -21.03 -6.81 9.64
N LEU B 357 -22.26 -6.95 10.17
CA LEU B 357 -23.41 -7.44 9.33
C LEU B 357 -24.62 -6.54 9.52
N PRO B 358 -24.43 -5.24 9.63
CA PRO B 358 -25.67 -4.48 9.81
C PRO B 358 -26.53 -4.80 8.56
N VAL B 359 -27.68 -5.35 8.86
CA VAL B 359 -28.56 -5.70 7.79
C VAL B 359 -28.92 -4.31 7.34
N LYS B 360 -28.27 -3.85 6.28
CA LYS B 360 -28.52 -2.52 5.72
C LYS B 360 -29.66 -2.53 4.68
N ALA B 361 -29.76 -3.61 3.90
CA ALA B 361 -30.80 -3.69 2.89
C ALA B 361 -31.46 -5.04 2.95
N SER B 362 -32.49 -5.25 2.14
CA SER B 362 -33.15 -6.55 2.11
C SER B 362 -32.20 -7.64 1.58
N SER B 363 -31.23 -7.29 0.77
CA SER B 363 -30.31 -8.30 0.25
C SER B 363 -29.50 -8.86 1.44
N ASP B 364 -29.32 -8.05 2.48
CA ASP B 364 -28.60 -8.60 3.64
C ASP B 364 -29.51 -9.54 4.36
N LEU B 365 -30.80 -9.23 4.35
CA LEU B 365 -31.76 -10.09 5.01
C LEU B 365 -31.73 -11.43 4.25
N LEU B 366 -31.59 -11.37 2.93
CA LEU B 366 -31.55 -12.59 2.16
C LEU B 366 -30.38 -13.44 2.70
N LEU B 367 -29.22 -12.84 2.79
CA LEU B 367 -28.00 -13.54 3.26
C LEU B 367 -28.15 -14.22 4.59
N VAL B 368 -28.58 -13.47 5.61
CA VAL B 368 -28.73 -14.09 6.91
C VAL B 368 -29.96 -14.97 7.08
N GLN B 369 -30.95 -14.88 6.20
CA GLN B 369 -32.12 -15.74 6.33
C GLN B 369 -31.96 -17.01 5.48
N SER B 370 -30.79 -17.16 4.86
CA SER B 370 -30.59 -18.29 3.99
C SER B 370 -29.85 -19.47 4.62
N ASP B 371 -29.26 -20.28 3.76
CA ASP B 371 -28.49 -21.38 4.24
C ASP B 371 -27.00 -21.06 4.46
N LEU B 372 -26.61 -19.78 4.43
CA LEU B 372 -25.20 -19.41 4.70
C LEU B 372 -24.85 -19.38 6.21
N TYR B 373 -25.89 -19.28 7.02
CA TYR B 373 -25.85 -19.19 8.50
C TYR B 373 -26.72 -20.27 9.18
N THR B 374 -26.32 -20.74 10.39
CA THR B 374 -27.08 -21.78 11.14
C THR B 374 -27.83 -21.23 12.39
N LEU B 375 -29.07 -21.67 12.61
CA LEU B 375 -29.82 -21.21 13.76
C LEU B 375 -30.34 -22.44 14.50
N VAL B 376 -29.86 -22.62 15.72
CA VAL B 376 -30.27 -23.76 16.56
C VAL B 376 -30.81 -23.29 17.89
N ASP B 377 -32.15 -23.29 18.04
CA ASP B 377 -32.77 -22.89 19.26
C ASP B 377 -32.26 -21.51 19.75
N GLY B 378 -32.31 -20.57 18.79
CA GLY B 378 -31.92 -19.23 19.09
C GLY B 378 -30.44 -18.93 18.94
N PHE B 379 -29.57 -19.95 18.82
CA PHE B 379 -28.11 -19.70 18.74
C PHE B 379 -27.73 -19.63 17.28
N VAL B 380 -27.07 -18.51 16.94
CA VAL B 380 -26.62 -18.24 15.57
C VAL B 380 -25.14 -18.51 15.46
N THR B 381 -24.81 -19.26 14.43
CA THR B 381 -23.40 -19.58 14.09
C THR B 381 -23.28 -19.51 12.58
N ARG B 382 -22.06 -19.58 12.01
CA ARG B 382 -21.89 -19.64 10.52
C ARG B 382 -22.16 -21.10 9.85
N ASN B 383 -22.73 -21.23 8.63
CA ASN B 383 -22.95 -22.61 8.05
C ASN B 383 -21.65 -23.38 7.68
N LYS B 384 -21.43 -24.49 8.39
CA LYS B 384 -20.27 -25.35 8.20
C LYS B 384 -19.94 -25.71 6.74
N ALA B 385 -20.94 -25.68 5.86
CA ALA B 385 -20.73 -26.05 4.47
C ALA B 385 -20.06 -24.95 3.66
N ARG B 386 -20.19 -23.72 4.14
CA ARG B 386 -19.63 -22.56 3.44
C ARG B 386 -18.22 -22.32 3.98
N THR B 387 -17.25 -22.94 3.31
CA THR B 387 -15.83 -22.83 3.67
C THR B 387 -15.20 -21.58 3.08
N ASN B 388 -15.86 -21.01 2.08
CA ASN B 388 -15.40 -19.75 1.52
C ASN B 388 -16.01 -18.77 2.53
N PRO B 389 -15.17 -18.00 3.24
CA PRO B 389 -15.50 -17.02 4.28
C PRO B 389 -16.13 -15.74 3.78
N SER B 390 -16.10 -15.57 2.49
CA SER B 390 -16.70 -14.38 1.92
C SER B 390 -18.19 -14.67 1.68
N ASN B 391 -19.09 -13.75 2.06
CA ASN B 391 -20.47 -14.03 1.74
C ASN B 391 -20.66 -13.65 0.27
N PRO B 392 -21.67 -14.24 -0.37
CA PRO B 392 -21.97 -13.95 -1.76
C PRO B 392 -22.50 -12.50 -1.88
N SER B 393 -22.18 -11.83 -2.97
CA SER B 393 -22.69 -10.49 -3.21
C SER B 393 -24.18 -10.66 -3.61
N ILE B 394 -25.01 -9.76 -3.11
CA ILE B 394 -26.46 -9.77 -3.36
C ILE B 394 -26.91 -8.36 -3.78
N GLU B 395 -27.29 -8.15 -5.06
CA GLU B 395 -27.78 -6.85 -5.62
C GLU B 395 -29.30 -7.04 -5.94
N LEU B 396 -30.18 -6.16 -5.42
CA LEU B 396 -31.69 -6.32 -5.64
C LEU B 396 -32.37 -4.98 -5.97
N GLY B 397 -33.20 -5.00 -7.01
CA GLY B 397 -33.87 -3.78 -7.43
C GLY B 397 -34.87 -3.24 -6.44
N PRO B 398 -35.54 -2.16 -6.83
CA PRO B 398 -36.54 -1.48 -6.00
C PRO B 398 -37.72 -2.38 -5.66
N GLU B 399 -37.98 -3.39 -6.51
CA GLU B 399 -39.07 -4.34 -6.29
C GLU B 399 -38.89 -5.08 -4.96
N PHE B 400 -37.64 -5.12 -4.50
CA PHE B 400 -37.37 -5.84 -3.24
C PHE B 400 -37.02 -4.89 -2.06
N LYS B 401 -37.21 -3.57 -2.20
CA LYS B 401 -36.77 -2.65 -1.12
C LYS B 401 -37.37 -2.82 0.26
N LYS B 402 -38.71 -2.88 0.34
CA LYS B 402 -39.34 -3.01 1.62
C LYS B 402 -39.41 -4.46 2.04
N VAL B 403 -39.21 -4.69 3.32
CA VAL B 403 -39.27 -6.05 3.81
C VAL B 403 -40.53 -6.81 3.35
N ALA B 404 -41.69 -6.18 3.34
CA ALA B 404 -42.89 -6.90 2.95
C ALA B 404 -42.86 -7.42 1.50
N THR B 405 -42.42 -6.58 0.57
CA THR B 405 -42.37 -7.01 -0.80
C THR B 405 -41.20 -8.01 -0.99
N PHE B 406 -40.11 -7.77 -0.29
CA PHE B 406 -38.96 -8.68 -0.36
C PHE B 406 -39.42 -10.07 0.03
N LEU B 407 -40.06 -10.17 1.18
CA LEU B 407 -40.52 -11.44 1.65
C LEU B 407 -41.45 -12.04 0.63
N SER B 408 -42.41 -11.27 0.16
CA SER B 408 -43.36 -11.89 -0.73
C SER B 408 -42.71 -12.46 -1.99
N ARG B 409 -41.63 -11.84 -2.50
CA ARG B 409 -41.03 -12.26 -3.74
C ARG B 409 -40.18 -13.51 -3.75
N PHE B 410 -39.84 -14.03 -2.58
CA PHE B 410 -39.09 -15.28 -2.44
C PHE B 410 -40.14 -16.22 -1.79
N LYS B 411 -40.79 -17.08 -2.57
CA LYS B 411 -41.82 -17.96 -1.98
C LYS B 411 -41.21 -18.72 -0.76
N SER B 412 -39.88 -19.01 -0.86
CA SER B 412 -39.01 -19.47 0.26
C SER B 412 -37.61 -18.78 -0.01
N ILE B 413 -36.73 -18.52 0.98
CA ILE B 413 -35.41 -17.89 0.64
C ILE B 413 -34.57 -18.96 -0.05
N PRO B 414 -34.08 -18.67 -1.29
CA PRO B 414 -33.27 -19.64 -2.05
C PRO B 414 -31.99 -20.02 -1.37
N SER B 415 -31.51 -21.22 -1.74
CA SER B 415 -30.20 -21.79 -1.27
C SER B 415 -29.12 -21.01 -2.04
N ILE B 416 -28.19 -20.41 -1.30
CA ILE B 416 -27.10 -19.61 -1.88
C ILE B 416 -25.72 -19.98 -1.30
N VAL B 417 -25.66 -21.12 -0.62
CA VAL B 417 -24.41 -21.61 -0.02
C VAL B 417 -23.30 -21.73 -1.10
N GLU B 418 -23.70 -22.00 -2.33
CA GLU B 418 -22.77 -22.14 -3.44
C GLU B 418 -22.82 -20.89 -4.36
N LEU B 419 -23.42 -19.81 -3.87
CA LEU B 419 -23.51 -18.59 -4.68
C LEU B 419 -22.28 -17.65 -4.54
N ASP B 420 -21.91 -17.01 -5.65
CA ASP B 420 -20.81 -16.01 -5.66
C ASP B 420 -21.37 -14.58 -5.78
N SER B 421 -22.37 -14.38 -6.62
CA SER B 421 -22.95 -13.03 -6.71
C SER B 421 -24.32 -13.14 -7.33
N LEU B 422 -25.19 -12.20 -6.93
CA LEU B 422 -26.55 -12.17 -7.48
C LEU B 422 -26.90 -10.75 -7.78
N LYS B 423 -27.55 -10.58 -8.92
CA LYS B 423 -28.06 -9.28 -9.33
C LYS B 423 -29.43 -9.61 -9.90
N VAL B 424 -30.49 -9.19 -9.21
CA VAL B 424 -31.84 -9.45 -9.75
C VAL B 424 -32.40 -8.07 -10.09
N SER B 425 -33.02 -7.95 -11.27
CA SER B 425 -33.63 -6.69 -11.64
C SER B 425 -34.94 -6.97 -12.39
N GLY B 426 -35.83 -6.00 -12.32
CA GLY B 426 -37.08 -6.16 -13.01
C GLY B 426 -38.07 -6.85 -12.14
N ASP B 427 -39.22 -7.18 -12.73
CA ASP B 427 -40.30 -7.78 -11.97
C ASP B 427 -40.05 -9.26 -11.92
N VAL B 428 -39.30 -9.65 -10.90
CA VAL B 428 -38.93 -11.03 -10.74
C VAL B 428 -39.45 -11.61 -9.46
N TRP B 429 -40.10 -12.74 -9.60
CA TRP B 429 -40.60 -13.43 -8.44
C TRP B 429 -39.85 -14.71 -8.43
N PHE B 430 -39.58 -15.20 -7.25
CA PHE B 430 -38.87 -16.45 -7.11
C PHE B 430 -39.87 -17.42 -6.53
N GLY B 431 -39.98 -18.62 -7.14
CA GLY B 431 -40.82 -19.67 -6.60
C GLY B 431 -40.11 -20.28 -5.41
N SER B 432 -40.57 -21.43 -4.91
CA SER B 432 -39.94 -22.02 -3.73
C SER B 432 -38.86 -23.09 -4.01
N SER B 433 -38.07 -23.38 -2.98
CA SER B 433 -36.99 -24.39 -3.04
C SER B 433 -35.95 -24.18 -4.20
N ILE B 434 -35.65 -22.94 -4.54
CA ILE B 434 -34.73 -22.65 -5.63
C ILE B 434 -33.31 -22.68 -5.10
N VAL B 435 -32.38 -23.05 -5.97
CA VAL B 435 -30.94 -23.12 -5.63
C VAL B 435 -30.20 -22.23 -6.59
N LEU B 436 -29.41 -21.31 -6.05
CA LEU B 436 -28.61 -20.37 -6.86
C LEU B 436 -27.12 -20.66 -6.60
N LYS B 437 -26.37 -20.86 -7.68
CA LYS B 437 -24.94 -21.13 -7.59
C LYS B 437 -24.07 -20.23 -8.49
N GLY B 438 -22.86 -19.95 -7.99
CA GLY B 438 -21.93 -19.18 -8.77
C GLY B 438 -22.36 -17.77 -9.11
N LYS B 439 -22.27 -17.42 -10.38
CA LYS B 439 -22.63 -16.08 -10.79
C LYS B 439 -24.03 -16.11 -11.37
N VAL B 440 -25.07 -15.85 -10.55
CA VAL B 440 -26.45 -15.91 -11.03
C VAL B 440 -26.99 -14.53 -11.27
N THR B 441 -27.66 -14.33 -12.41
CA THR B 441 -28.37 -13.07 -12.62
C THR B 441 -29.79 -13.36 -13.09
N VAL B 442 -30.72 -12.47 -12.78
CA VAL B 442 -32.11 -12.63 -13.24
C VAL B 442 -32.57 -11.22 -13.59
N ALA B 443 -32.72 -10.93 -14.88
CA ALA B 443 -33.16 -9.59 -15.26
C ALA B 443 -34.39 -9.69 -16.13
N ALA B 444 -35.49 -9.18 -15.61
CA ALA B 444 -36.76 -9.18 -16.36
C ALA B 444 -36.81 -7.87 -17.17
N LYS B 445 -37.21 -7.95 -18.43
CA LYS B 445 -37.24 -6.76 -19.24
C LYS B 445 -38.46 -5.91 -19.00
N SER B 446 -38.50 -4.72 -19.61
CA SER B 446 -39.61 -3.78 -19.45
C SER B 446 -40.93 -4.48 -19.70
N GLY B 447 -41.87 -4.39 -18.76
CA GLY B 447 -43.18 -5.03 -18.93
C GLY B 447 -43.26 -6.53 -18.70
N VAL B 448 -42.14 -7.11 -18.30
CA VAL B 448 -42.16 -8.51 -18.08
C VAL B 448 -42.11 -8.85 -16.59
N LYS B 449 -43.17 -9.46 -16.11
CA LYS B 449 -43.15 -9.95 -14.75
C LYS B 449 -42.49 -11.29 -15.12
N LEU B 450 -41.38 -11.62 -14.45
CA LEU B 450 -40.63 -12.79 -14.72
C LEU B 450 -40.66 -13.66 -13.46
N GLU B 451 -41.10 -14.91 -13.61
CA GLU B 451 -41.20 -15.82 -12.45
C GLU B 451 -40.24 -16.98 -12.50
N ILE B 452 -39.41 -17.13 -11.48
CA ILE B 452 -38.43 -18.22 -11.45
C ILE B 452 -39.20 -19.40 -10.88
N PRO B 453 -39.36 -20.47 -11.67
CA PRO B 453 -40.11 -21.67 -11.26
C PRO B 453 -39.68 -22.35 -9.99
N ASP B 454 -40.64 -22.97 -9.29
CA ASP B 454 -40.27 -23.66 -8.04
C ASP B 454 -39.20 -24.70 -8.37
N ARG B 455 -38.28 -24.91 -7.42
CA ARG B 455 -37.23 -25.93 -7.56
C ARG B 455 -36.17 -25.66 -8.64
N ALA B 456 -36.23 -24.51 -9.29
CA ALA B 456 -35.23 -24.21 -10.29
C ALA B 456 -33.82 -24.16 -9.70
N VAL B 457 -32.84 -24.61 -10.47
CA VAL B 457 -31.45 -24.53 -10.05
C VAL B 457 -30.84 -23.56 -11.08
N VAL B 458 -30.35 -22.41 -10.62
CA VAL B 458 -29.76 -21.45 -11.56
C VAL B 458 -28.27 -21.35 -11.25
N GLU B 459 -27.43 -21.71 -12.22
CA GLU B 459 -25.96 -21.75 -12.06
C GLU B 459 -25.19 -20.98 -13.15
N ASN B 460 -24.38 -19.99 -12.76
CA ASN B 460 -23.58 -19.26 -13.75
C ASN B 460 -24.46 -18.92 -14.92
N LYS B 461 -25.58 -18.27 -14.61
CA LYS B 461 -26.56 -17.98 -15.62
C LYS B 461 -26.93 -16.53 -15.63
N ASN B 462 -27.32 -16.06 -16.81
CA ASN B 462 -27.79 -14.71 -17.00
C ASN B 462 -29.20 -14.86 -17.56
N ILE B 463 -30.21 -14.72 -16.70
CA ILE B 463 -31.59 -14.85 -17.15
C ILE B 463 -32.09 -13.48 -17.52
N ASN B 464 -32.42 -13.30 -18.80
CA ASN B 464 -32.86 -12.03 -19.30
C ASN B 464 -34.31 -12.00 -19.79
N GLY B 465 -35.03 -13.09 -19.57
CA GLY B 465 -36.40 -13.16 -20.00
C GLY B 465 -36.85 -14.60 -19.91
N PRO B 466 -38.11 -14.88 -20.24
CA PRO B 466 -38.69 -16.25 -20.19
C PRO B 466 -37.94 -17.19 -21.13
N GLU B 467 -37.23 -16.58 -22.07
CA GLU B 467 -36.42 -17.26 -23.08
C GLU B 467 -35.31 -18.07 -22.43
N ASP B 468 -34.81 -17.56 -21.30
CA ASP B 468 -33.74 -18.19 -20.56
C ASP B 468 -34.16 -19.21 -19.53
N LEU B 469 -35.47 -19.37 -19.36
CA LEU B 469 -35.97 -20.34 -18.41
C LEU B 469 -36.12 -21.67 -19.16
S DMS C . 41.48 -8.18 -25.97
O DMS C . 40.21 -8.76 -25.74
C1 DMS C . 41.40 -6.97 -27.36
C2 DMS C . 42.09 -7.16 -24.59
N1 UPG D . 26.65 1.20 -19.93
C2 UPG D . 27.23 0.57 -21.01
N3 UPG D . 26.80 1.07 -22.23
C4 UPG D . 25.86 2.09 -22.44
C5 UPG D . 25.04 2.40 -21.29
C6 UPG D . 25.53 2.11 -20.04
O2 UPG D . 28.10 -0.33 -20.95
O4 UPG D . 25.51 2.34 -23.60
C1C UPG D . 27.13 0.81 -18.57
C2C UPG D . 27.55 1.96 -17.78
O2C UPG D . 28.98 2.12 -18.00
C3C UPG D . 27.18 1.52 -16.34
C4C UPG D . 26.12 0.46 -16.47
O4C UPG D . 25.97 0.27 -17.94
O3C UPG D . 28.39 0.90 -15.74
C5C UPG D . 24.72 0.78 -15.87
O5C UPG D . 24.34 2.13 -16.37
PA UPG D . 23.82 3.19 -15.47
O1A UPG D . 24.66 3.35 -14.32
O2A UPG D . 23.44 4.42 -16.21
O3A UPG D . 22.44 2.61 -14.84
PB UPG D . 20.95 2.51 -15.53
O1B UPG D . 21.08 1.96 -16.90
O2B UPG D . 20.27 3.74 -15.27
O3B UPG D . 20.39 1.19 -14.60
C1' UPG D . 20.85 -0.04 -14.55
C2' UPG D . 19.65 -0.97 -14.84
C3' UPG D . 18.58 -0.82 -13.76
C4' UPG D . 19.26 -1.15 -12.40
C5' UPG D . 20.46 -0.16 -12.14
C6' UPG D . 21.23 -0.72 -10.93
O2' UPG D . 19.09 -0.64 -16.13
O3' UPG D . 17.58 -1.86 -14.07
O4' UPG D . 18.27 -0.81 -11.42
O5' UPG D . 21.42 -0.36 -13.24
O6' UPG D . 22.28 0.27 -10.58
N1 U5P E . -29.45 5.29 15.40
C2 U5P E . -29.67 5.62 16.75
N3 U5P E . -30.09 6.92 16.97
C4 U5P E . -30.31 7.89 16.01
C5 U5P E . -30.04 7.49 14.64
C6 U5P E . -29.53 6.28 14.40
O2 U5P E . -29.85 4.75 17.54
O4 U5P E . -30.52 9.01 16.42
C1' U5P E . -29.00 3.95 15.14
C2' U5P E . -29.90 2.95 14.37
O2' U5P E . -30.96 2.45 15.20
C3' U5P E . -28.88 1.88 13.93
C4' U5P E . -27.72 2.79 13.59
O3' U5P E . -28.56 1.00 15.06
O4' U5P E . -27.80 3.96 14.46
C5' U5P E . -27.51 3.31 12.16
O5' U5P E . -28.67 3.93 11.58
P U5P E . -28.62 4.63 10.14
O1P U5P E . -27.46 5.58 9.97
O2P U5P E . -29.88 5.45 9.89
O3P U5P E . -28.68 3.39 9.11
#